data_2YRE
#
_entry.id   2YRE
#
loop_
_entity.id
_entity.type
_entity.pdbx_description
1 polymer 'F-box only protein 30'
2 non-polymer 'ZINC ION'
#
_entity_poly.entity_id   1
_entity_poly.type   'polypeptide(L)'
_entity_poly.pdbx_seq_one_letter_code
;GSSGSSGMEEELQHSHCVNCVSRRCMTRPEPGISCDLIGCPLVCGAVFHSCKADEHRLLCPFERVPCLNSDFGCPFTMAR
NKVAEHLEMCPASVSGPSSG
;
_entity_poly.pdbx_strand_id   A
#
# COMPACT_ATOMS: atom_id res chain seq x y z
N GLY A 1 19.27 -42.96 16.46
CA GLY A 1 19.36 -41.73 15.71
C GLY A 1 18.06 -41.36 15.04
N SER A 2 17.83 -40.06 14.86
CA SER A 2 16.61 -39.58 14.24
C SER A 2 16.73 -38.09 13.89
N SER A 3 15.76 -37.59 13.14
CA SER A 3 15.76 -36.19 12.74
C SER A 3 14.44 -35.81 12.07
N GLY A 4 14.03 -34.56 12.24
CA GLY A 4 12.78 -34.10 11.64
C GLY A 4 12.30 -32.79 12.23
N SER A 5 11.53 -32.04 11.45
CA SER A 5 11.00 -30.75 11.91
C SER A 5 9.51 -30.66 11.66
N SER A 6 8.91 -29.57 12.11
CA SER A 6 7.48 -29.35 11.95
C SER A 6 7.14 -27.86 11.96
N GLY A 7 6.14 -27.48 11.16
CA GLY A 7 5.74 -26.09 11.09
C GLY A 7 5.06 -25.75 9.79
N MET A 8 3.89 -25.13 9.88
CA MET A 8 3.13 -24.73 8.69
C MET A 8 2.44 -23.39 8.90
N GLU A 9 2.81 -22.41 8.08
CA GLU A 9 2.23 -21.09 8.17
C GLU A 9 1.08 -20.92 7.19
N GLU A 10 -0.02 -20.31 7.65
CA GLU A 10 -1.19 -20.10 6.81
C GLU A 10 -2.18 -19.18 7.50
N GLU A 11 -2.65 -18.16 6.76
CA GLU A 11 -3.60 -17.20 7.31
C GLU A 11 -4.69 -16.90 6.28
N LEU A 12 -5.90 -16.63 6.77
CA LEU A 12 -7.03 -16.33 5.91
C LEU A 12 -7.54 -14.92 6.17
N GLN A 13 -8.57 -14.52 5.42
CA GLN A 13 -9.16 -13.20 5.56
C GLN A 13 -10.04 -13.13 6.81
N HIS A 14 -10.46 -11.93 7.17
CA HIS A 14 -11.31 -11.72 8.34
C HIS A 14 -12.74 -11.36 7.92
N SER A 15 -13.65 -12.30 8.12
CA SER A 15 -15.06 -12.09 7.76
C SER A 15 -15.48 -10.65 8.03
N HIS A 16 -15.08 -10.14 9.19
CA HIS A 16 -15.41 -8.78 9.58
C HIS A 16 -14.67 -7.76 8.71
N CYS A 17 -13.35 -7.72 8.84
CA CYS A 17 -12.53 -6.81 8.07
C CYS A 17 -12.96 -6.79 6.61
N VAL A 18 -12.96 -7.97 5.98
CA VAL A 18 -13.35 -8.09 4.59
C VAL A 18 -14.64 -7.34 4.31
N ASN A 19 -15.46 -7.17 5.34
CA ASN A 19 -16.73 -6.47 5.20
C ASN A 19 -16.77 -5.25 6.13
N CYS A 20 -15.62 -4.59 6.28
CA CYS A 20 -15.53 -3.41 7.13
C CYS A 20 -14.89 -2.24 6.37
N VAL A 21 -15.72 -1.33 5.89
CA VAL A 21 -15.23 -0.17 5.15
C VAL A 21 -14.87 0.97 6.10
N SER A 22 -15.72 1.20 7.10
CA SER A 22 -15.50 2.26 8.06
C SER A 22 -14.05 2.25 8.55
N ARG A 23 -13.36 3.38 8.38
CA ARG A 23 -11.97 3.50 8.80
C ARG A 23 -11.88 3.64 10.32
N ARG A 24 -12.84 4.35 10.90
CA ARG A 24 -12.87 4.55 12.34
C ARG A 24 -13.56 3.40 13.05
N CYS A 25 -13.45 2.21 12.49
CA CYS A 25 -14.07 1.02 13.06
C CYS A 25 -13.55 0.77 14.47
N MET A 26 -14.47 0.46 15.38
CA MET A 26 -14.11 0.18 16.77
C MET A 26 -14.73 -1.13 17.25
N THR A 27 -14.59 -2.18 16.45
CA THR A 27 -15.13 -3.49 16.79
C THR A 27 -14.09 -4.37 17.46
N ARG A 28 -14.43 -4.92 18.62
CA ARG A 28 -13.52 -5.78 19.36
C ARG A 28 -12.81 -6.76 18.41
N PRO A 29 -11.47 -6.69 18.38
CA PRO A 29 -10.65 -7.56 17.54
C PRO A 29 -10.66 -9.01 18.01
N GLU A 30 -11.38 -9.85 17.28
CA GLU A 30 -11.47 -11.27 17.63
C GLU A 30 -10.57 -12.11 16.73
N PRO A 31 -9.91 -13.12 17.32
CA PRO A 31 -9.01 -14.01 16.59
C PRO A 31 -9.75 -14.93 15.63
N GLY A 32 -9.96 -14.46 14.41
CA GLY A 32 -10.66 -15.26 13.42
C GLY A 32 -11.77 -14.48 12.74
N ILE A 33 -12.36 -13.53 13.45
CA ILE A 33 -13.43 -12.72 12.90
C ILE A 33 -12.93 -11.34 12.48
N SER A 34 -12.35 -10.61 13.43
CA SER A 34 -11.83 -9.28 13.17
C SER A 34 -10.54 -9.04 13.93
N CYS A 35 -9.62 -8.29 13.31
CA CYS A 35 -8.34 -7.99 13.94
C CYS A 35 -8.27 -6.51 14.34
N ASP A 36 -7.27 -6.18 15.15
CA ASP A 36 -7.09 -4.81 15.62
C ASP A 36 -6.76 -3.88 14.45
N LEU A 37 -7.24 -2.64 14.54
CA LEU A 37 -6.99 -1.66 13.49
C LEU A 37 -5.65 -0.96 13.69
N ILE A 38 -5.03 -0.57 12.58
CA ILE A 38 -3.74 0.11 12.63
C ILE A 38 -3.67 1.24 11.61
N GLY A 39 -3.07 2.36 12.00
CA GLY A 39 -2.95 3.49 11.11
C GLY A 39 -1.85 3.30 10.08
N CYS A 40 -2.12 3.74 8.85
CA CYS A 40 -1.15 3.61 7.77
C CYS A 40 0.25 3.96 8.24
N PRO A 41 1.23 3.12 7.88
CA PRO A 41 2.63 3.32 8.26
C PRO A 41 3.27 4.50 7.55
N LEU A 42 2.50 5.13 6.65
CA LEU A 42 2.99 6.27 5.89
C LEU A 42 2.17 7.52 6.23
N VAL A 43 1.47 7.48 7.36
CA VAL A 43 0.66 8.61 7.79
C VAL A 43 -0.12 9.20 6.62
N CYS A 44 -0.58 8.34 5.72
CA CYS A 44 -1.34 8.77 4.56
C CYS A 44 -2.66 9.43 4.98
N GLY A 45 -3.16 9.03 6.15
CA GLY A 45 -4.40 9.58 6.66
C GLY A 45 -5.57 8.64 6.47
N ALA A 46 -5.37 7.38 6.85
CA ALA A 46 -6.42 6.37 6.72
C ALA A 46 -6.24 5.27 7.75
N VAL A 47 -7.36 4.77 8.29
CA VAL A 47 -7.33 3.72 9.29
C VAL A 47 -7.91 2.42 8.73
N PHE A 48 -7.08 1.39 8.66
CA PHE A 48 -7.52 0.10 8.15
C PHE A 48 -7.02 -1.03 9.04
N HIS A 49 -7.59 -2.22 8.85
CA HIS A 49 -7.22 -3.39 9.64
C HIS A 49 -5.83 -3.90 9.24
N SER A 50 -5.01 -4.21 10.24
CA SER A 50 -3.66 -4.70 10.00
C SER A 50 -3.64 -5.69 8.84
N CYS A 51 -4.67 -6.53 8.77
CA CYS A 51 -4.77 -7.52 7.71
C CYS A 51 -5.06 -6.86 6.37
N LYS A 52 -5.92 -5.85 6.38
CA LYS A 52 -6.28 -5.12 5.17
C LYS A 52 -5.11 -4.27 4.68
N ALA A 53 -4.34 -3.74 5.61
CA ALA A 53 -3.19 -2.90 5.28
C ALA A 53 -2.52 -3.39 4.00
N ASP A 54 -2.02 -4.62 4.03
CA ASP A 54 -1.36 -5.21 2.87
C ASP A 54 -2.07 -4.83 1.58
N GLU A 55 -3.40 -4.88 1.61
CA GLU A 55 -4.20 -4.55 0.44
C GLU A 55 -4.32 -3.03 0.28
N HIS A 56 -4.57 -2.34 1.40
CA HIS A 56 -4.71 -0.89 1.38
C HIS A 56 -3.52 -0.24 0.68
N ARG A 57 -2.32 -0.67 1.04
CA ARG A 57 -1.09 -0.13 0.45
C ARG A 57 -1.24 -0.01 -1.07
N LEU A 58 -1.79 -1.05 -1.68
CA LEU A 58 -1.98 -1.06 -3.13
C LEU A 58 -2.66 0.22 -3.60
N LEU A 59 -3.65 0.67 -2.85
CA LEU A 59 -4.39 1.89 -3.19
C LEU A 59 -3.67 3.12 -2.65
N CYS A 60 -3.35 3.09 -1.36
CA CYS A 60 -2.67 4.21 -0.72
C CYS A 60 -1.71 4.89 -1.69
N PRO A 61 -1.86 6.22 -1.83
CA PRO A 61 -1.02 7.02 -2.73
C PRO A 61 0.41 7.14 -2.23
N PHE A 62 0.56 7.44 -0.94
CA PHE A 62 1.88 7.58 -0.34
C PHE A 62 2.79 6.43 -0.74
N GLU A 63 2.25 5.23 -0.77
CA GLU A 63 3.00 4.04 -1.13
C GLU A 63 4.04 4.38 -2.21
N ARG A 64 5.29 3.98 -1.97
CA ARG A 64 6.36 4.25 -2.91
C ARG A 64 6.07 3.61 -4.27
N VAL A 65 5.91 4.46 -5.29
CA VAL A 65 5.62 3.98 -6.63
C VAL A 65 6.56 4.61 -7.64
N PRO A 66 6.95 3.82 -8.66
CA PRO A 66 7.85 4.29 -9.72
C PRO A 66 7.20 5.30 -10.64
N CYS A 67 8.01 6.17 -11.22
CA CYS A 67 7.50 7.21 -12.14
C CYS A 67 6.48 6.62 -13.09
N LEU A 68 5.33 7.29 -13.22
CA LEU A 68 4.28 6.83 -14.11
C LEU A 68 4.85 6.30 -15.41
N ASN A 69 5.92 6.94 -15.89
CA ASN A 69 6.57 6.53 -17.13
C ASN A 69 7.73 5.58 -16.85
N SER A 70 7.51 4.64 -15.93
CA SER A 70 8.54 3.68 -15.56
C SER A 70 8.99 2.87 -16.79
N ASP A 71 8.08 2.71 -17.74
CA ASP A 71 8.38 1.96 -18.96
C ASP A 71 9.58 2.57 -19.69
N PHE A 72 9.58 3.89 -19.82
CA PHE A 72 10.66 4.59 -20.50
C PHE A 72 12.00 4.27 -19.86
N GLY A 73 12.02 4.23 -18.53
CA GLY A 73 13.26 3.92 -17.83
C GLY A 73 13.63 5.00 -16.83
N CYS A 74 12.66 5.46 -16.05
CA CYS A 74 12.89 6.50 -15.05
C CYS A 74 13.28 5.89 -13.71
N PRO A 75 14.57 6.05 -13.35
CA PRO A 75 15.09 5.52 -12.08
C PRO A 75 14.55 6.26 -10.87
N PHE A 76 13.70 7.26 -11.12
CA PHE A 76 13.12 8.05 -10.05
C PHE A 76 11.96 7.29 -9.39
N THR A 77 11.80 7.51 -8.08
CA THR A 77 10.74 6.85 -7.33
C THR A 77 10.17 7.77 -6.25
N MET A 78 8.84 7.83 -6.17
CA MET A 78 8.18 8.67 -5.19
C MET A 78 6.74 8.22 -4.97
N ALA A 79 6.04 8.90 -4.07
CA ALA A 79 4.64 8.57 -3.77
C ALA A 79 3.77 8.73 -5.01
N ARG A 80 2.71 7.93 -5.09
CA ARG A 80 1.79 7.98 -6.22
C ARG A 80 1.23 9.38 -6.40
N ASN A 81 1.12 10.12 -5.29
CA ASN A 81 0.58 11.47 -5.32
C ASN A 81 1.69 12.48 -5.63
N LYS A 82 2.91 12.17 -5.20
CA LYS A 82 4.05 13.04 -5.43
C LYS A 82 4.70 12.74 -6.77
N VAL A 83 3.93 12.15 -7.68
CA VAL A 83 4.43 11.81 -9.01
C VAL A 83 4.42 13.03 -9.92
N ALA A 84 3.44 13.89 -9.75
CA ALA A 84 3.31 15.09 -10.56
C ALA A 84 4.54 15.98 -10.41
N GLU A 85 4.73 16.53 -9.21
CA GLU A 85 5.86 17.40 -8.93
C GLU A 85 7.10 16.93 -9.67
N HIS A 86 7.25 15.61 -9.79
CA HIS A 86 8.40 15.02 -10.47
C HIS A 86 8.17 14.98 -11.98
N LEU A 87 6.96 14.60 -12.37
CA LEU A 87 6.61 14.51 -13.78
C LEU A 87 6.86 15.84 -14.49
N GLU A 88 6.66 16.94 -13.76
CA GLU A 88 6.86 18.27 -14.32
C GLU A 88 8.30 18.43 -14.82
N MET A 89 9.26 18.05 -13.99
CA MET A 89 10.67 18.15 -14.34
C MET A 89 11.24 16.78 -14.69
N CYS A 90 10.37 15.86 -15.10
CA CYS A 90 10.79 14.51 -15.46
C CYS A 90 11.13 14.43 -16.95
N PRO A 91 12.22 13.72 -17.26
CA PRO A 91 12.68 13.55 -18.65
C PRO A 91 11.73 12.67 -19.46
N ALA A 92 11.19 11.64 -18.82
CA ALA A 92 10.27 10.73 -19.49
C ALA A 92 8.85 11.30 -19.52
N SER A 93 8.75 12.60 -19.77
CA SER A 93 7.46 13.26 -19.83
C SER A 93 7.25 13.96 -21.17
N VAL A 94 8.37 14.22 -21.86
CA VAL A 94 8.32 14.89 -23.15
C VAL A 94 7.20 15.92 -23.21
N SER A 95 7.04 16.67 -22.12
CA SER A 95 6.00 17.69 -22.04
C SER A 95 6.62 19.08 -21.88
N GLY A 96 6.74 19.79 -23.00
CA GLY A 96 7.31 21.12 -22.97
C GLY A 96 6.34 22.16 -22.42
N PRO A 97 6.87 23.36 -22.11
CA PRO A 97 6.06 24.45 -21.57
C PRO A 97 5.09 25.03 -22.60
N SER A 98 5.07 24.42 -23.78
CA SER A 98 4.20 24.88 -24.85
C SER A 98 2.90 25.44 -24.29
N SER A 99 2.68 26.73 -24.47
CA SER A 99 1.47 27.40 -23.98
C SER A 99 0.91 28.35 -25.03
N GLY A 100 -0.37 28.20 -25.33
CA GLY A 100 -1.01 29.05 -26.31
C GLY A 100 -0.12 29.34 -27.49
N GLY A 1 21.52 -38.63 -1.72
CA GLY A 1 21.53 -37.21 -1.40
C GLY A 1 20.20 -36.54 -1.72
N SER A 2 19.23 -36.73 -0.82
CA SER A 2 17.90 -36.14 -1.00
C SER A 2 17.47 -35.38 0.25
N SER A 3 17.10 -34.12 0.06
CA SER A 3 16.68 -33.28 1.17
C SER A 3 15.30 -32.67 0.89
N GLY A 4 15.14 -32.08 -0.28
CA GLY A 4 13.88 -31.47 -0.65
C GLY A 4 13.50 -30.33 0.27
N SER A 5 13.28 -29.16 -0.32
CA SER A 5 12.91 -27.97 0.45
C SER A 5 11.64 -27.34 -0.10
N SER A 6 10.52 -27.63 0.53
CA SER A 6 9.23 -27.08 0.10
C SER A 6 8.38 -26.67 1.29
N GLY A 7 7.77 -25.50 1.19
CA GLY A 7 6.93 -25.01 2.27
C GLY A 7 5.90 -24.00 1.80
N MET A 8 5.08 -23.52 2.72
CA MET A 8 4.04 -22.54 2.39
C MET A 8 3.39 -21.99 3.65
N GLU A 9 3.43 -20.66 3.79
CA GLU A 9 2.85 -20.00 4.96
C GLU A 9 2.08 -18.75 4.54
N GLU A 10 0.75 -18.80 4.65
CA GLU A 10 -0.09 -17.67 4.29
C GLU A 10 -0.89 -17.19 5.49
N GLU A 11 -1.38 -15.95 5.42
CA GLU A 11 -2.16 -15.37 6.50
C GLU A 11 -3.66 -15.47 6.20
N LEU A 12 -4.42 -15.90 7.20
CA LEU A 12 -5.86 -16.05 7.05
C LEU A 12 -6.53 -14.69 6.83
N GLN A 13 -7.85 -14.69 6.73
CA GLN A 13 -8.60 -13.46 6.52
C GLN A 13 -9.60 -13.24 7.64
N HIS A 14 -10.11 -12.02 7.75
CA HIS A 14 -11.08 -11.68 8.79
C HIS A 14 -12.41 -11.23 8.16
N SER A 15 -13.46 -12.03 8.39
CA SER A 15 -14.77 -11.71 7.84
C SER A 15 -15.12 -10.24 8.08
N HIS A 16 -15.13 -9.83 9.34
CA HIS A 16 -15.44 -8.45 9.70
C HIS A 16 -14.59 -7.47 8.91
N CYS A 17 -13.27 -7.56 9.08
CA CYS A 17 -12.34 -6.69 8.39
C CYS A 17 -12.66 -6.64 6.89
N VAL A 18 -12.53 -7.78 6.23
CA VAL A 18 -12.81 -7.88 4.79
C VAL A 18 -14.13 -7.22 4.45
N ASN A 19 -15.03 -7.15 5.43
CA ASN A 19 -16.34 -6.54 5.23
C ASN A 19 -16.52 -5.33 6.14
N CYS A 20 -15.44 -4.60 6.36
CA CYS A 20 -15.47 -3.41 7.20
C CYS A 20 -14.83 -2.22 6.50
N VAL A 21 -15.65 -1.40 5.85
CA VAL A 21 -15.16 -0.23 5.14
C VAL A 21 -15.24 1.02 6.01
N SER A 22 -15.10 0.83 7.32
CA SER A 22 -15.15 1.94 8.26
C SER A 22 -13.76 2.31 8.75
N ARG A 23 -13.56 3.60 9.00
CA ARG A 23 -12.27 4.10 9.47
C ARG A 23 -12.24 4.18 11.00
N ARG A 24 -13.28 4.76 11.58
CA ARG A 24 -13.37 4.90 13.02
C ARG A 24 -13.95 3.64 13.66
N CYS A 25 -13.75 2.50 12.99
CA CYS A 25 -14.25 1.23 13.49
C CYS A 25 -13.67 0.91 14.87
N MET A 26 -14.53 0.59 15.81
CA MET A 26 -14.10 0.26 17.17
C MET A 26 -14.69 -1.07 17.62
N THR A 27 -14.51 -2.11 16.81
CA THR A 27 -15.03 -3.42 17.12
C THR A 27 -13.97 -4.29 17.82
N ARG A 28 -14.41 -5.14 18.73
CA ARG A 28 -13.51 -6.01 19.48
C ARG A 28 -12.76 -6.94 18.53
N PRO A 29 -11.42 -6.85 18.53
CA PRO A 29 -10.57 -7.68 17.68
C PRO A 29 -10.57 -9.15 18.10
N GLU A 30 -11.15 -10.00 17.28
CA GLU A 30 -11.22 -11.43 17.57
C GLU A 30 -10.16 -12.19 16.78
N PRO A 31 -9.88 -13.43 17.22
CA PRO A 31 -8.88 -14.30 16.57
C PRO A 31 -9.35 -14.78 15.19
N GLY A 32 -10.47 -14.24 14.73
CA GLY A 32 -11.00 -14.63 13.45
C GLY A 32 -11.93 -13.59 12.86
N ILE A 33 -13.00 -13.27 13.58
CA ILE A 33 -13.97 -12.28 13.12
C ILE A 33 -13.27 -11.01 12.66
N SER A 34 -12.81 -10.21 13.63
CA SER A 34 -12.13 -8.97 13.32
C SER A 34 -10.80 -8.87 14.08
N CYS A 35 -9.98 -7.89 13.71
CA CYS A 35 -8.68 -7.69 14.33
C CYS A 35 -8.48 -6.23 14.72
N ASP A 36 -7.34 -5.93 15.33
CA ASP A 36 -7.03 -4.57 15.75
C ASP A 36 -6.85 -3.65 14.54
N LEU A 37 -7.06 -2.36 14.75
CA LEU A 37 -6.92 -1.38 13.68
C LEU A 37 -5.60 -0.64 13.79
N ILE A 38 -5.00 -0.35 12.63
CA ILE A 38 -3.73 0.37 12.59
C ILE A 38 -3.71 1.39 11.46
N GLY A 39 -3.19 2.58 11.75
CA GLY A 39 -3.13 3.63 10.75
C GLY A 39 -2.02 3.39 9.74
N CYS A 40 -2.29 3.72 8.48
CA CYS A 40 -1.30 3.54 7.41
C CYS A 40 0.09 3.96 7.87
N PRO A 41 1.09 3.11 7.58
CA PRO A 41 2.48 3.37 7.96
C PRO A 41 3.09 4.53 7.17
N LEU A 42 2.29 5.11 6.27
CA LEU A 42 2.74 6.22 5.44
C LEU A 42 1.92 7.48 5.71
N VAL A 43 1.25 7.50 6.86
CA VAL A 43 0.43 8.65 7.24
C VAL A 43 -0.40 9.14 6.05
N CYS A 44 -0.86 8.20 5.22
CA CYS A 44 -1.66 8.54 4.05
C CYS A 44 -2.97 9.20 4.46
N GLY A 45 -3.43 8.88 5.67
CA GLY A 45 -4.67 9.44 6.17
C GLY A 45 -5.84 8.48 6.06
N ALA A 46 -5.60 7.24 6.42
CA ALA A 46 -6.64 6.21 6.36
C ALA A 46 -6.41 5.13 7.42
N VAL A 47 -7.47 4.76 8.12
CA VAL A 47 -7.39 3.74 9.16
C VAL A 47 -8.00 2.42 8.69
N PHE A 48 -7.18 1.38 8.62
CA PHE A 48 -7.65 0.07 8.18
C PHE A 48 -7.12 -1.03 9.10
N HIS A 49 -7.74 -2.20 9.02
CA HIS A 49 -7.34 -3.33 9.85
C HIS A 49 -5.95 -3.83 9.46
N SER A 50 -5.06 -3.93 10.45
CA SER A 50 -3.70 -4.39 10.20
C SER A 50 -3.67 -5.42 9.08
N CYS A 51 -4.62 -6.35 9.12
CA CYS A 51 -4.69 -7.40 8.12
C CYS A 51 -4.92 -6.82 6.73
N LYS A 52 -5.87 -5.88 6.64
CA LYS A 52 -6.20 -5.24 5.37
C LYS A 52 -5.01 -4.42 4.86
N ALA A 53 -4.27 -3.82 5.78
CA ALA A 53 -3.11 -3.01 5.44
C ALA A 53 -2.39 -3.59 4.22
N ASP A 54 -2.10 -4.88 4.25
CA ASP A 54 -1.41 -5.54 3.16
C ASP A 54 -2.07 -5.19 1.82
N GLU A 55 -3.39 -5.31 1.77
CA GLU A 55 -4.13 -5.00 0.54
C GLU A 55 -4.21 -3.51 0.32
N HIS A 56 -4.62 -2.77 1.35
CA HIS A 56 -4.74 -1.32 1.26
C HIS A 56 -3.50 -0.71 0.61
N ARG A 57 -2.34 -1.01 1.17
CA ARG A 57 -1.09 -0.49 0.64
C ARG A 57 -1.09 -0.50 -0.89
N LEU A 58 -1.62 -1.56 -1.47
CA LEU A 58 -1.70 -1.69 -2.92
C LEU A 58 -2.42 -0.50 -3.54
N LEU A 59 -3.56 -0.13 -2.94
CA LEU A 59 -4.34 1.00 -3.42
C LEU A 59 -3.76 2.33 -2.95
N CYS A 60 -3.49 2.42 -1.65
CA CYS A 60 -2.92 3.63 -1.07
C CYS A 60 -1.99 4.31 -2.07
N PRO A 61 -2.15 5.65 -2.21
CA PRO A 61 -1.33 6.45 -3.13
C PRO A 61 0.11 6.58 -2.64
N PHE A 62 0.27 6.98 -1.38
CA PHE A 62 1.60 7.15 -0.81
C PHE A 62 2.51 5.98 -1.18
N GLU A 63 1.94 4.79 -1.25
CA GLU A 63 2.69 3.59 -1.60
C GLU A 63 3.74 3.90 -2.66
N ARG A 64 4.95 3.39 -2.45
CA ARG A 64 6.05 3.62 -3.40
C ARG A 64 5.66 3.17 -4.80
N VAL A 65 5.78 4.08 -5.76
CA VAL A 65 5.44 3.77 -7.15
C VAL A 65 6.43 4.41 -8.11
N PRO A 66 6.75 3.70 -9.21
CA PRO A 66 7.69 4.19 -10.22
C PRO A 66 7.12 5.35 -11.02
N CYS A 67 8.00 6.20 -11.54
CA CYS A 67 7.60 7.36 -12.32
C CYS A 67 6.71 6.94 -13.49
N LEU A 68 5.58 7.62 -13.65
CA LEU A 68 4.65 7.32 -14.74
C LEU A 68 5.40 6.93 -16.01
N ASN A 69 6.42 7.70 -16.35
CA ASN A 69 7.22 7.45 -17.54
C ASN A 69 8.25 6.36 -17.28
N SER A 70 7.82 5.29 -16.62
CA SER A 70 8.70 4.18 -16.29
C SER A 70 9.27 3.55 -17.57
N ASP A 71 8.40 3.34 -18.56
CA ASP A 71 8.80 2.75 -19.82
C ASP A 71 10.12 3.36 -20.31
N PHE A 72 10.15 4.69 -20.41
CA PHE A 72 11.34 5.39 -20.87
C PHE A 72 12.58 4.91 -20.10
N GLY A 73 12.43 4.74 -18.80
CA GLY A 73 13.53 4.29 -17.97
C GLY A 73 13.90 5.30 -16.90
N CYS A 74 12.89 5.76 -16.16
CA CYS A 74 13.11 6.73 -15.09
C CYS A 74 13.34 6.03 -13.76
N PRO A 75 14.59 6.09 -13.26
CA PRO A 75 14.96 5.46 -12.00
C PRO A 75 14.36 6.17 -10.79
N PHE A 76 13.56 7.20 -11.06
CA PHE A 76 12.92 7.97 -10.00
C PHE A 76 11.69 7.24 -9.46
N THR A 77 11.70 6.95 -8.17
CA THR A 77 10.59 6.25 -7.53
C THR A 77 10.06 7.02 -6.33
N MET A 78 8.74 7.21 -6.28
CA MET A 78 8.11 7.93 -5.18
C MET A 78 6.63 7.60 -5.10
N ALA A 79 5.93 8.28 -4.19
CA ALA A 79 4.50 8.07 -4.02
C ALA A 79 3.72 8.44 -5.28
N ARG A 80 2.57 7.81 -5.48
CA ARG A 80 1.75 8.07 -6.64
C ARG A 80 1.17 9.48 -6.59
N ASN A 81 0.90 9.96 -5.38
CA ASN A 81 0.34 11.30 -5.20
C ASN A 81 1.45 12.33 -5.09
N LYS A 82 2.69 11.91 -5.39
CA LYS A 82 3.84 12.80 -5.32
C LYS A 82 4.51 12.91 -6.69
N VAL A 83 4.30 11.91 -7.53
CA VAL A 83 4.88 11.90 -8.86
C VAL A 83 4.54 13.17 -9.63
N ALA A 84 3.26 13.55 -9.60
CA ALA A 84 2.79 14.74 -10.29
C ALA A 84 3.85 15.84 -10.26
N GLU A 85 4.43 16.06 -9.09
CA GLU A 85 5.47 17.08 -8.93
C GLU A 85 6.75 16.68 -9.66
N HIS A 86 7.19 15.45 -9.42
CA HIS A 86 8.41 14.94 -10.05
C HIS A 86 8.31 15.05 -11.57
N LEU A 87 7.10 14.87 -12.10
CA LEU A 87 6.88 14.95 -13.53
C LEU A 87 7.26 16.32 -14.08
N GLU A 88 7.02 17.35 -13.27
CA GLU A 88 7.33 18.72 -13.67
C GLU A 88 8.82 18.87 -13.97
N MET A 89 9.65 18.26 -13.12
CA MET A 89 11.10 18.33 -13.30
C MET A 89 11.67 16.96 -13.67
N CYS A 90 10.81 16.10 -14.22
CA CYS A 90 11.23 14.76 -14.62
C CYS A 90 11.86 14.78 -16.01
N PRO A 91 12.95 14.00 -16.18
CA PRO A 91 13.67 13.92 -17.45
C PRO A 91 12.86 13.19 -18.52
N ALA A 92 12.31 12.04 -18.16
CA ALA A 92 11.52 11.24 -19.09
C ALA A 92 10.34 12.05 -19.64
N SER A 93 9.77 12.90 -18.78
CA SER A 93 8.64 13.72 -19.17
C SER A 93 9.02 14.65 -20.32
N VAL A 94 10.31 14.85 -20.52
CA VAL A 94 10.81 15.71 -21.58
C VAL A 94 9.86 16.87 -21.83
N SER A 95 9.35 17.46 -20.75
CA SER A 95 8.43 18.58 -20.86
C SER A 95 8.96 19.80 -20.10
N GLY A 96 9.48 20.77 -20.85
CA GLY A 96 10.01 21.97 -20.23
C GLY A 96 11.42 21.76 -19.69
N PRO A 97 12.28 22.77 -19.88
CA PRO A 97 13.67 22.72 -19.41
C PRO A 97 13.77 22.79 -17.89
N SER A 98 13.95 21.63 -17.26
CA SER A 98 14.07 21.56 -15.82
C SER A 98 15.23 22.41 -15.31
N SER A 99 15.02 23.08 -14.18
CA SER A 99 16.04 23.93 -13.60
C SER A 99 16.38 23.49 -12.18
N GLY A 100 17.56 22.91 -12.00
CA GLY A 100 17.97 22.45 -10.70
C GLY A 100 17.10 21.33 -10.17
N GLY A 1 11.43 -46.72 18.87
CA GLY A 1 11.43 -45.28 19.06
C GLY A 1 11.04 -44.52 17.81
N SER A 2 10.45 -43.34 17.99
CA SER A 2 10.02 -42.53 16.87
C SER A 2 9.52 -41.16 17.35
N SER A 3 9.33 -40.24 16.41
CA SER A 3 8.86 -38.91 16.73
C SER A 3 8.46 -38.15 15.47
N GLY A 4 7.71 -37.06 15.65
CA GLY A 4 7.27 -36.27 14.51
C GLY A 4 6.50 -35.04 14.93
N SER A 5 6.78 -33.91 14.29
CA SER A 5 6.11 -32.66 14.61
C SER A 5 6.08 -31.74 13.39
N SER A 6 5.29 -30.67 13.48
CA SER A 6 5.17 -29.71 12.40
C SER A 6 4.39 -28.47 12.84
N GLY A 7 4.57 -27.38 12.10
CA GLY A 7 3.87 -26.15 12.44
C GLY A 7 3.95 -25.12 11.33
N MET A 8 3.03 -25.20 10.38
CA MET A 8 3.00 -24.27 9.26
C MET A 8 1.58 -23.73 9.04
N GLU A 9 1.42 -22.43 9.20
CA GLU A 9 0.11 -21.80 9.00
C GLU A 9 0.26 -20.47 8.27
N GLU A 10 -0.70 -20.18 7.39
CA GLU A 10 -0.69 -18.95 6.62
C GLU A 10 -1.85 -18.04 7.01
N GLU A 11 -1.62 -16.73 6.99
CA GLU A 11 -2.65 -15.77 7.34
C GLU A 11 -3.74 -15.71 6.27
N LEU A 12 -4.99 -15.64 6.71
CA LEU A 12 -6.12 -15.59 5.80
C LEU A 12 -6.94 -14.32 6.01
N GLN A 13 -7.88 -14.07 5.11
CA GLN A 13 -8.73 -12.89 5.20
C GLN A 13 -9.60 -12.94 6.46
N HIS A 14 -10.31 -11.85 6.72
CA HIS A 14 -11.18 -11.77 7.90
C HIS A 14 -12.62 -11.48 7.49
N SER A 15 -13.52 -12.41 7.83
CA SER A 15 -14.93 -12.26 7.49
C SER A 15 -15.41 -10.85 7.79
N HIS A 16 -14.86 -10.24 8.85
CA HIS A 16 -15.25 -8.89 9.23
C HIS A 16 -14.55 -7.86 8.35
N CYS A 17 -13.23 -7.74 8.53
CA CYS A 17 -12.45 -6.79 7.75
C CYS A 17 -12.87 -6.80 6.28
N VAL A 18 -12.86 -7.99 5.68
CA VAL A 18 -13.24 -8.13 4.28
C VAL A 18 -14.47 -7.29 3.96
N ASN A 19 -15.41 -7.22 4.90
CA ASN A 19 -16.63 -6.45 4.71
C ASN A 19 -16.65 -5.24 5.64
N CYS A 20 -15.50 -4.60 5.79
CA CYS A 20 -15.39 -3.42 6.65
C CYS A 20 -14.64 -2.30 5.94
N VAL A 21 -15.32 -1.17 5.75
CA VAL A 21 -14.73 -0.02 5.08
C VAL A 21 -14.64 1.17 6.03
N SER A 22 -15.26 1.05 7.20
CA SER A 22 -15.25 2.12 8.19
C SER A 22 -13.88 2.26 8.82
N ARG A 23 -13.30 3.46 8.73
CA ARG A 23 -11.99 3.73 9.29
C ARG A 23 -12.05 3.76 10.82
N ARG A 24 -13.09 4.38 11.35
CA ARG A 24 -13.26 4.48 12.79
C ARG A 24 -13.92 3.22 13.36
N CYS A 25 -13.64 2.09 12.73
CA CYS A 25 -14.21 0.81 13.16
C CYS A 25 -13.70 0.44 14.55
N MET A 26 -14.63 0.14 15.45
CA MET A 26 -14.27 -0.25 16.81
C MET A 26 -14.87 -1.61 17.17
N THR A 27 -14.56 -2.61 16.36
CA THR A 27 -15.07 -3.95 16.60
C THR A 27 -14.02 -4.83 17.25
N ARG A 28 -14.41 -5.54 18.32
CA ARG A 28 -13.50 -6.41 19.04
C ARG A 28 -12.75 -7.33 18.08
N PRO A 29 -11.42 -7.23 18.08
CA PRO A 29 -10.56 -8.04 17.21
C PRO A 29 -10.55 -9.51 17.63
N GLU A 30 -11.09 -10.37 16.76
CA GLU A 30 -11.13 -11.80 17.04
C GLU A 30 -10.04 -12.55 16.27
N PRO A 31 -9.75 -13.78 16.70
CA PRO A 31 -8.72 -14.62 16.07
C PRO A 31 -9.14 -15.10 14.69
N GLY A 32 -10.27 -14.57 14.19
CA GLY A 32 -10.75 -14.95 12.88
C GLY A 32 -11.71 -13.94 12.30
N ILE A 33 -12.79 -13.67 13.01
CA ILE A 33 -13.79 -12.71 12.55
C ILE A 33 -13.13 -11.40 12.10
N SER A 34 -12.65 -10.64 13.08
CA SER A 34 -11.99 -9.37 12.79
C SER A 34 -10.66 -9.26 13.53
N CYS A 35 -9.83 -8.31 13.11
CA CYS A 35 -8.53 -8.10 13.74
C CYS A 35 -8.38 -6.66 14.22
N ASP A 36 -7.27 -6.38 14.88
CA ASP A 36 -7.00 -5.04 15.39
C ASP A 36 -6.79 -4.06 14.25
N LEU A 37 -7.00 -2.77 14.53
CA LEU A 37 -6.83 -1.73 13.52
C LEU A 37 -5.53 -0.97 13.74
N ILE A 38 -4.96 -0.44 12.65
CA ILE A 38 -3.72 0.30 12.72
C ILE A 38 -3.69 1.43 11.68
N GLY A 39 -3.19 2.59 12.09
CA GLY A 39 -3.12 3.72 11.19
C GLY A 39 -1.95 3.61 10.22
N CYS A 40 -2.19 4.00 8.97
CA CYS A 40 -1.16 3.94 7.94
C CYS A 40 0.18 4.45 8.49
N PRO A 41 1.25 3.70 8.21
CA PRO A 41 2.61 4.05 8.66
C PRO A 41 3.15 5.29 7.94
N LEU A 42 2.39 5.79 6.98
CA LEU A 42 2.80 6.96 6.21
C LEU A 42 1.96 8.17 6.59
N VAL A 43 1.27 8.09 7.73
CA VAL A 43 0.44 9.18 8.21
C VAL A 43 -0.41 9.75 7.08
N CYS A 44 -0.81 8.89 6.15
CA CYS A 44 -1.63 9.31 5.03
C CYS A 44 -2.98 9.84 5.50
N GLY A 45 -3.44 9.34 6.64
CA GLY A 45 -4.71 9.78 7.19
C GLY A 45 -5.83 8.79 6.91
N ALA A 46 -5.57 7.51 7.14
CA ALA A 46 -6.57 6.48 6.92
C ALA A 46 -6.36 5.30 7.87
N VAL A 47 -7.44 4.92 8.56
CA VAL A 47 -7.38 3.81 9.50
C VAL A 47 -7.99 2.55 8.91
N PHE A 48 -7.16 1.51 8.76
CA PHE A 48 -7.61 0.25 8.20
C PHE A 48 -7.13 -0.93 9.04
N HIS A 49 -7.65 -2.11 8.76
CA HIS A 49 -7.27 -3.31 9.49
C HIS A 49 -5.84 -3.74 9.13
N SER A 50 -5.01 -3.94 10.14
CA SER A 50 -3.63 -4.35 9.92
C SER A 50 -3.52 -5.29 8.72
N CYS A 51 -4.54 -6.11 8.52
CA CYS A 51 -4.57 -7.05 7.41
C CYS A 51 -4.84 -6.33 6.09
N LYS A 52 -5.85 -5.45 6.11
CA LYS A 52 -6.23 -4.70 4.92
C LYS A 52 -5.06 -3.84 4.43
N ALA A 53 -4.16 -3.49 5.35
CA ALA A 53 -3.01 -2.67 5.01
C ALA A 53 -2.33 -3.17 3.74
N ASP A 54 -1.80 -4.38 3.80
CA ASP A 54 -1.12 -4.98 2.65
C ASP A 54 -1.78 -4.54 1.35
N GLU A 55 -3.10 -4.42 1.37
CA GLU A 55 -3.85 -4.01 0.19
C GLU A 55 -3.91 -2.49 0.08
N HIS A 56 -4.11 -1.83 1.22
CA HIS A 56 -4.18 -0.38 1.25
C HIS A 56 -2.89 0.25 0.76
N ARG A 57 -1.77 -0.21 1.31
CA ARG A 57 -0.46 0.30 0.93
C ARG A 57 -0.32 0.39 -0.59
N LEU A 58 -1.02 -0.51 -1.29
CA LEU A 58 -0.99 -0.53 -2.75
C LEU A 58 -1.70 0.68 -3.33
N LEU A 59 -2.80 1.07 -2.69
CA LEU A 59 -3.58 2.23 -3.14
C LEU A 59 -3.01 3.53 -2.58
N CYS A 60 -2.86 3.57 -1.27
CA CYS A 60 -2.32 4.76 -0.60
C CYS A 60 -1.32 5.47 -1.49
N PRO A 61 -1.50 6.79 -1.66
CA PRO A 61 -0.62 7.61 -2.49
C PRO A 61 0.76 7.80 -1.86
N PHE A 62 0.79 7.97 -0.55
CA PHE A 62 2.05 8.15 0.17
C PHE A 62 3.02 7.01 -0.14
N GLU A 63 2.52 5.78 -0.10
CA GLU A 63 3.35 4.61 -0.37
C GLU A 63 4.25 4.86 -1.59
N ARG A 64 5.49 4.40 -1.48
CA ARG A 64 6.46 4.57 -2.56
C ARG A 64 5.98 3.87 -3.84
N VAL A 65 5.92 4.62 -4.94
CA VAL A 65 5.48 4.07 -6.21
C VAL A 65 6.39 4.53 -7.35
N PRO A 66 6.58 3.65 -8.34
CA PRO A 66 7.42 3.94 -9.51
C PRO A 66 6.81 5.00 -10.42
N CYS A 67 7.66 5.80 -11.05
CA CYS A 67 7.19 6.85 -11.95
C CYS A 67 6.15 6.31 -12.92
N LEU A 68 5.04 7.03 -13.04
CA LEU A 68 3.96 6.63 -13.94
C LEU A 68 4.53 6.05 -15.24
N ASN A 69 5.55 6.71 -15.77
CA ASN A 69 6.18 6.26 -17.02
C ASN A 69 7.30 5.27 -16.73
N SER A 70 7.01 4.30 -15.87
CA SER A 70 7.99 3.28 -15.50
C SER A 70 8.45 2.51 -16.73
N ASP A 71 7.50 2.16 -17.61
CA ASP A 71 7.81 1.42 -18.82
C ASP A 71 9.00 2.05 -19.55
N PHE A 72 9.00 3.36 -19.63
CA PHE A 72 10.07 4.09 -20.31
C PHE A 72 11.43 3.73 -19.71
N GLY A 73 11.47 3.63 -18.38
CA GLY A 73 12.71 3.29 -17.70
C GLY A 73 13.15 4.37 -16.73
N CYS A 74 12.22 4.82 -15.89
CA CYS A 74 12.52 5.86 -14.91
C CYS A 74 12.90 5.24 -13.57
N PRO A 75 14.19 5.39 -13.20
CA PRO A 75 14.71 4.85 -11.94
C PRO A 75 14.18 5.61 -10.73
N PHE A 76 13.53 6.74 -10.98
CA PHE A 76 12.97 7.56 -9.91
C PHE A 76 11.78 6.86 -9.25
N THR A 77 11.64 7.06 -7.94
CA THR A 77 10.56 6.45 -7.19
C THR A 77 10.10 7.36 -6.05
N MET A 78 8.80 7.60 -5.97
CA MET A 78 8.23 8.45 -4.94
C MET A 78 6.74 8.17 -4.75
N ALA A 79 6.13 8.89 -3.83
CA ALA A 79 4.70 8.72 -3.55
C ALA A 79 3.87 9.02 -4.78
N ARG A 80 2.74 8.33 -4.91
CA ARG A 80 1.85 8.51 -6.05
C ARG A 80 1.31 9.94 -6.09
N ASN A 81 1.12 10.54 -4.92
CA ASN A 81 0.61 11.90 -4.83
C ASN A 81 1.74 12.91 -4.93
N LYS A 82 2.92 12.43 -5.29
CA LYS A 82 4.09 13.29 -5.44
C LYS A 82 4.68 13.20 -6.85
N VAL A 83 4.49 12.05 -7.49
CA VAL A 83 4.99 11.83 -8.83
C VAL A 83 4.68 13.02 -9.74
N ALA A 84 3.41 13.45 -9.72
CA ALA A 84 2.98 14.58 -10.53
C ALA A 84 4.10 15.59 -10.71
N GLU A 85 4.49 16.24 -9.60
CA GLU A 85 5.55 17.23 -9.64
C GLU A 85 6.74 16.73 -10.44
N HIS A 86 7.16 15.50 -10.15
CA HIS A 86 8.30 14.90 -10.84
C HIS A 86 8.04 14.81 -12.34
N LEU A 87 6.87 14.31 -12.71
CA LEU A 87 6.49 14.17 -14.10
C LEU A 87 6.79 15.45 -14.88
N GLU A 88 6.61 16.58 -14.23
CA GLU A 88 6.87 17.88 -14.85
C GLU A 88 8.32 17.97 -15.32
N MET A 89 9.25 17.55 -14.47
CA MET A 89 10.66 17.58 -14.80
C MET A 89 11.21 16.18 -15.03
N CYS A 90 10.32 15.26 -15.39
CA CYS A 90 10.72 13.88 -15.64
C CYS A 90 11.17 13.68 -17.08
N PRO A 91 12.26 12.94 -17.27
CA PRO A 91 12.82 12.66 -18.59
C PRO A 91 11.94 11.74 -19.42
N ALA A 92 11.47 10.66 -18.79
CA ALA A 92 10.60 9.70 -19.47
C ALA A 92 9.30 10.35 -19.91
N SER A 93 8.94 11.45 -19.27
CA SER A 93 7.72 12.17 -19.59
C SER A 93 7.83 12.84 -20.96
N VAL A 94 9.06 12.95 -21.46
CA VAL A 94 9.31 13.57 -22.76
C VAL A 94 8.29 14.67 -23.05
N SER A 95 8.06 15.53 -22.06
CA SER A 95 7.11 16.63 -22.21
C SER A 95 7.50 17.81 -21.33
N GLY A 96 7.88 18.92 -21.97
CA GLY A 96 8.27 20.10 -21.23
C GLY A 96 7.44 21.31 -21.59
N PRO A 97 7.46 22.33 -20.71
CA PRO A 97 6.70 23.57 -20.92
C PRO A 97 7.27 24.41 -22.07
N SER A 98 6.76 24.16 -23.28
CA SER A 98 7.21 24.89 -24.46
C SER A 98 6.18 25.95 -24.88
N SER A 99 6.67 27.13 -25.24
CA SER A 99 5.80 28.21 -25.66
C SER A 99 5.45 28.09 -27.14
N GLY A 100 6.49 27.98 -27.98
CA GLY A 100 6.26 27.86 -29.41
C GLY A 100 6.67 26.50 -29.94
N GLY A 1 20.34 -38.84 9.09
CA GLY A 1 20.56 -37.52 9.67
C GLY A 1 19.25 -36.83 10.04
N SER A 2 19.16 -35.55 9.72
CA SER A 2 17.97 -34.77 10.04
C SER A 2 18.00 -33.43 9.31
N SER A 3 17.01 -33.20 8.44
CA SER A 3 16.92 -31.97 7.69
C SER A 3 15.61 -31.89 6.92
N GLY A 4 14.80 -30.88 7.24
CA GLY A 4 13.52 -30.71 6.58
C GLY A 4 12.62 -29.74 7.30
N SER A 5 12.15 -28.72 6.57
CA SER A 5 11.27 -27.71 7.15
C SER A 5 9.81 -28.06 6.90
N SER A 6 9.24 -28.88 7.79
CA SER A 6 7.85 -29.29 7.67
C SER A 6 6.97 -28.52 8.64
N GLY A 7 6.53 -27.34 8.22
CA GLY A 7 5.68 -26.52 9.07
C GLY A 7 5.93 -25.03 8.88
N MET A 8 5.14 -24.42 8.01
CA MET A 8 5.27 -22.99 7.74
C MET A 8 3.95 -22.26 7.96
N GLU A 9 3.86 -21.53 9.07
CA GLU A 9 2.64 -20.80 9.41
C GLU A 9 2.29 -19.80 8.30
N GLU A 10 1.01 -19.50 8.18
CA GLU A 10 0.54 -18.57 7.15
C GLU A 10 -0.67 -17.78 7.66
N GLU A 11 -0.57 -16.46 7.61
CA GLU A 11 -1.64 -15.59 8.06
C GLU A 11 -2.87 -15.74 7.16
N LEU A 12 -4.05 -15.74 7.77
CA LEU A 12 -5.30 -15.88 7.03
C LEU A 12 -6.00 -14.54 6.90
N GLN A 13 -7.10 -14.52 6.16
CA GLN A 13 -7.87 -13.29 5.95
C GLN A 13 -8.94 -13.14 7.02
N HIS A 14 -9.57 -11.96 7.06
CA HIS A 14 -10.62 -11.69 8.03
C HIS A 14 -11.93 -11.39 7.33
N SER A 15 -12.91 -12.27 7.50
CA SER A 15 -14.22 -12.11 6.87
C SER A 15 -14.74 -10.67 7.07
N HIS A 16 -14.48 -10.13 8.25
CA HIS A 16 -14.92 -8.77 8.57
C HIS A 16 -14.08 -7.74 7.83
N CYS A 17 -12.81 -7.63 8.21
CA CYS A 17 -11.90 -6.68 7.57
C CYS A 17 -12.05 -6.72 6.05
N VAL A 18 -11.84 -7.89 5.46
CA VAL A 18 -11.96 -8.06 4.02
C VAL A 18 -13.25 -7.43 3.49
N ASN A 19 -14.23 -7.31 4.37
CA ASN A 19 -15.52 -6.72 4.00
C ASN A 19 -15.85 -5.53 4.89
N CYS A 20 -14.83 -4.77 5.27
CA CYS A 20 -15.00 -3.61 6.12
C CYS A 20 -14.43 -2.36 5.46
N VAL A 21 -15.26 -1.33 5.32
CA VAL A 21 -14.83 -0.07 4.71
C VAL A 21 -15.06 1.10 5.65
N SER A 22 -14.98 0.84 6.95
CA SER A 22 -15.18 1.88 7.95
C SER A 22 -13.85 2.32 8.55
N ARG A 23 -13.57 3.62 8.46
CA ARG A 23 -12.33 4.18 8.99
C ARG A 23 -12.27 4.02 10.51
N ARG A 24 -13.22 4.66 11.20
CA ARG A 24 -13.28 4.60 12.65
C ARG A 24 -13.99 3.34 13.12
N CYS A 25 -13.77 2.24 12.39
CA CYS A 25 -14.38 0.96 12.73
C CYS A 25 -14.06 0.56 14.16
N MET A 26 -15.07 0.16 14.91
CA MET A 26 -14.89 -0.26 16.29
C MET A 26 -15.53 -1.62 16.54
N THR A 27 -15.15 -2.61 15.73
CA THR A 27 -15.69 -3.96 15.87
C THR A 27 -14.74 -4.86 16.65
N ARG A 28 -15.25 -5.49 17.69
CA ARG A 28 -14.45 -6.38 18.53
C ARG A 28 -13.53 -7.24 17.67
N PRO A 29 -12.21 -7.06 17.83
CA PRO A 29 -11.21 -7.82 17.08
C PRO A 29 -11.15 -9.28 17.49
N GLU A 30 -11.61 -10.16 16.61
CA GLU A 30 -11.62 -11.59 16.89
C GLU A 30 -10.47 -12.29 16.14
N PRO A 31 -10.08 -13.48 16.64
CA PRO A 31 -9.01 -14.27 16.05
C PRO A 31 -9.39 -14.85 14.70
N GLY A 32 -10.52 -14.40 14.17
CA GLY A 32 -10.98 -14.89 12.88
C GLY A 32 -11.83 -13.87 12.14
N ILE A 33 -12.93 -13.45 12.78
CA ILE A 33 -13.83 -12.47 12.17
C ILE A 33 -13.07 -11.22 11.75
N SER A 34 -12.72 -10.40 12.73
CA SER A 34 -12.00 -9.15 12.46
C SER A 34 -10.83 -8.98 13.43
N CYS A 35 -9.96 -8.02 13.14
CA CYS A 35 -8.81 -7.76 13.98
C CYS A 35 -8.78 -6.29 14.43
N ASP A 36 -7.72 -5.91 15.13
CA ASP A 36 -7.57 -4.54 15.61
C ASP A 36 -7.25 -3.59 14.46
N LEU A 37 -7.52 -2.31 14.67
CA LEU A 37 -7.25 -1.30 13.65
C LEU A 37 -5.95 -0.55 13.94
N ILE A 38 -5.27 -0.12 12.89
CA ILE A 38 -4.02 0.62 13.03
C ILE A 38 -3.88 1.70 11.96
N GLY A 39 -3.33 2.84 12.35
CA GLY A 39 -3.15 3.93 11.42
C GLY A 39 -2.00 3.69 10.46
N CYS A 40 -2.16 4.13 9.21
CA CYS A 40 -1.13 3.95 8.19
C CYS A 40 0.22 4.44 8.71
N PRO A 41 1.26 3.63 8.47
CA PRO A 41 2.63 3.95 8.91
C PRO A 41 3.23 5.11 8.12
N LEU A 42 2.50 5.57 7.10
CA LEU A 42 2.96 6.67 6.27
C LEU A 42 2.15 7.93 6.56
N VAL A 43 1.41 7.92 7.66
CA VAL A 43 0.59 9.07 8.05
C VAL A 43 -0.17 9.62 6.85
N CYS A 44 -0.60 8.73 5.96
CA CYS A 44 -1.33 9.13 4.77
C CYS A 44 -2.70 9.71 5.15
N GLY A 45 -3.20 9.33 6.31
CA GLY A 45 -4.48 9.82 6.78
C GLY A 45 -5.61 8.83 6.53
N ALA A 46 -5.44 7.61 7.01
CA ALA A 46 -6.45 6.58 6.83
C ALA A 46 -6.27 5.46 7.86
N VAL A 47 -7.37 5.00 8.43
CA VAL A 47 -7.35 3.93 9.42
C VAL A 47 -7.88 2.63 8.84
N PHE A 48 -7.02 1.62 8.78
CA PHE A 48 -7.41 0.32 8.24
C PHE A 48 -6.92 -0.82 9.15
N HIS A 49 -7.54 -1.98 9.01
CA HIS A 49 -7.17 -3.13 9.81
C HIS A 49 -5.72 -3.55 9.54
N SER A 50 -4.94 -3.69 10.61
CA SER A 50 -3.54 -4.08 10.48
C SER A 50 -3.35 -5.06 9.33
N CYS A 51 -4.28 -5.99 9.20
CA CYS A 51 -4.23 -6.99 8.14
C CYS A 51 -4.37 -6.34 6.76
N LYS A 52 -5.36 -5.47 6.63
CA LYS A 52 -5.61 -4.77 5.38
C LYS A 52 -4.41 -3.92 4.98
N ALA A 53 -3.74 -3.33 5.96
CA ALA A 53 -2.57 -2.50 5.71
C ALA A 53 -1.78 -3.02 4.52
N ASP A 54 -1.45 -4.31 4.54
CA ASP A 54 -0.70 -4.92 3.45
C ASP A 54 -1.26 -4.52 2.09
N GLU A 55 -2.57 -4.69 1.93
CA GLU A 55 -3.24 -4.35 0.69
C GLU A 55 -3.35 -2.83 0.53
N HIS A 56 -3.82 -2.16 1.59
CA HIS A 56 -3.98 -0.72 1.57
C HIS A 56 -2.74 -0.04 1.00
N ARG A 57 -1.59 -0.33 1.58
CA ARG A 57 -0.33 0.25 1.13
C ARG A 57 -0.32 0.41 -0.38
N LEU A 58 -0.75 -0.63 -1.09
CA LEU A 58 -0.79 -0.61 -2.55
C LEU A 58 -1.54 0.63 -3.05
N LEU A 59 -2.67 0.92 -2.43
CA LEU A 59 -3.49 2.07 -2.82
C LEU A 59 -2.91 3.36 -2.22
N CYS A 60 -2.52 3.28 -0.95
CA CYS A 60 -1.96 4.43 -0.26
C CYS A 60 -1.15 5.30 -1.21
N PRO A 61 -1.46 6.61 -1.24
CA PRO A 61 -0.78 7.57 -2.10
C PRO A 61 0.66 7.82 -1.66
N PHE A 62 0.97 7.43 -0.44
CA PHE A 62 2.31 7.61 0.11
C PHE A 62 3.23 6.46 -0.30
N GLU A 63 2.71 5.24 -0.20
CA GLU A 63 3.48 4.05 -0.54
C GLU A 63 4.41 4.33 -1.73
N ARG A 64 5.66 3.92 -1.60
CA ARG A 64 6.65 4.12 -2.66
C ARG A 64 6.21 3.45 -3.96
N VAL A 65 6.16 4.23 -5.03
CA VAL A 65 5.76 3.70 -6.33
C VAL A 65 6.58 4.33 -7.45
N PRO A 66 6.84 3.54 -8.50
CA PRO A 66 7.62 3.99 -9.66
C PRO A 66 6.87 5.02 -10.49
N CYS A 67 7.61 5.95 -11.09
CA CYS A 67 7.02 7.00 -11.91
C CYS A 67 5.88 6.44 -12.76
N LEU A 68 4.79 7.20 -12.84
CA LEU A 68 3.63 6.78 -13.62
C LEU A 68 4.05 6.21 -14.96
N ASN A 69 4.99 6.87 -15.62
CA ASN A 69 5.49 6.43 -16.92
C ASN A 69 6.71 5.55 -16.75
N SER A 70 6.70 4.69 -15.73
CA SER A 70 7.82 3.79 -15.47
C SER A 70 8.08 2.89 -16.66
N ASP A 71 7.01 2.33 -17.23
CA ASP A 71 7.12 1.45 -18.38
C ASP A 71 8.14 1.99 -19.38
N PHE A 72 8.03 3.27 -19.70
CA PHE A 72 8.93 3.91 -20.65
C PHE A 72 10.39 3.65 -20.27
N GLY A 73 10.67 3.69 -18.98
CA GLY A 73 12.03 3.46 -18.50
C GLY A 73 12.49 4.50 -17.52
N CYS A 74 11.56 4.97 -16.69
CA CYS A 74 11.88 5.99 -15.68
C CYS A 74 12.28 5.35 -14.36
N PRO A 75 13.57 5.49 -14.00
CA PRO A 75 14.09 4.93 -12.75
C PRO A 75 13.56 5.65 -11.51
N PHE A 76 13.19 6.91 -11.69
CA PHE A 76 12.67 7.71 -10.60
C PHE A 76 11.63 6.92 -9.79
N THR A 77 11.54 7.23 -8.50
CA THR A 77 10.59 6.55 -7.63
C THR A 77 10.16 7.46 -6.47
N MET A 78 8.85 7.54 -6.24
CA MET A 78 8.32 8.36 -5.17
C MET A 78 6.88 7.95 -4.84
N ALA A 79 6.26 8.67 -3.90
CA ALA A 79 4.90 8.39 -3.49
C ALA A 79 3.92 8.66 -4.63
N ARG A 80 2.90 7.80 -4.74
CA ARG A 80 1.89 7.94 -5.78
C ARG A 80 1.38 9.38 -5.84
N ASN A 81 1.56 10.12 -4.76
CA ASN A 81 1.11 11.50 -4.69
C ASN A 81 2.26 12.46 -4.98
N LYS A 82 3.48 12.00 -4.77
CA LYS A 82 4.67 12.81 -5.02
C LYS A 82 5.07 12.75 -6.48
N VAL A 83 4.83 11.61 -7.12
CA VAL A 83 5.17 11.44 -8.53
C VAL A 83 4.79 12.66 -9.35
N ALA A 84 3.81 13.42 -8.85
CA ALA A 84 3.36 14.62 -9.53
C ALA A 84 4.49 15.61 -9.73
N GLU A 85 4.99 16.18 -8.63
CA GLU A 85 6.08 17.13 -8.68
C GLU A 85 7.17 16.67 -9.63
N HIS A 86 7.32 15.35 -9.75
CA HIS A 86 8.33 14.77 -10.62
C HIS A 86 7.87 14.80 -12.08
N LEU A 87 6.62 14.40 -12.31
CA LEU A 87 6.06 14.37 -13.65
C LEU A 87 6.39 15.66 -14.40
N GLU A 88 6.39 16.78 -13.68
CA GLU A 88 6.70 18.07 -14.28
C GLU A 88 8.09 18.07 -14.89
N MET A 89 9.05 17.52 -14.16
CA MET A 89 10.43 17.46 -14.64
C MET A 89 10.78 16.06 -15.11
N CYS A 90 9.76 15.26 -15.41
CA CYS A 90 9.95 13.89 -15.87
C CYS A 90 10.09 13.85 -17.39
N PRO A 91 11.15 13.18 -17.86
CA PRO A 91 11.43 13.05 -19.30
C PRO A 91 10.41 12.15 -20.00
N ALA A 92 10.04 11.06 -19.34
CA ALA A 92 9.07 10.12 -19.90
C ALA A 92 7.72 10.79 -20.14
N SER A 93 7.50 11.91 -19.45
CA SER A 93 6.24 12.64 -19.58
C SER A 93 6.16 13.33 -20.94
N VAL A 94 7.29 13.44 -21.62
CA VAL A 94 7.35 14.06 -22.94
C VAL A 94 6.31 15.17 -23.06
N SER A 95 6.21 16.00 -22.02
CA SER A 95 5.24 17.09 -22.02
C SER A 95 5.94 18.43 -22.25
N GLY A 96 6.94 18.72 -21.42
CA GLY A 96 7.66 19.96 -21.56
C GLY A 96 8.01 20.59 -20.21
N PRO A 97 9.00 21.48 -20.20
CA PRO A 97 9.45 22.16 -18.98
C PRO A 97 8.42 23.16 -18.47
N SER A 98 8.69 23.73 -17.30
CA SER A 98 7.79 24.70 -16.70
C SER A 98 8.57 25.76 -15.92
N SER A 99 8.11 27.00 -15.99
CA SER A 99 8.76 28.11 -15.31
C SER A 99 7.94 28.56 -14.10
N GLY A 100 8.41 28.23 -12.91
CA GLY A 100 7.72 28.60 -11.70
C GLY A 100 8.58 28.47 -10.46
N GLY A 1 6.00 -43.73 -10.03
CA GLY A 1 6.59 -43.07 -8.89
C GLY A 1 6.10 -43.64 -7.57
N SER A 2 6.80 -43.31 -6.49
CA SER A 2 6.44 -43.80 -5.17
C SER A 2 5.58 -42.77 -4.42
N SER A 3 6.13 -41.58 -4.24
CA SER A 3 5.43 -40.52 -3.54
C SER A 3 6.21 -39.21 -3.59
N GLY A 4 5.54 -38.10 -3.31
CA GLY A 4 6.20 -36.80 -3.33
C GLY A 4 5.25 -35.67 -3.01
N SER A 5 5.75 -34.67 -2.30
CA SER A 5 4.94 -33.52 -1.92
C SER A 5 5.80 -32.41 -1.34
N SER A 6 5.26 -31.19 -1.31
CA SER A 6 5.99 -30.04 -0.79
C SER A 6 5.18 -29.34 0.30
N GLY A 7 3.90 -29.12 0.03
CA GLY A 7 3.03 -28.46 0.99
C GLY A 7 2.71 -27.03 0.59
N MET A 8 1.58 -26.52 1.09
CA MET A 8 1.16 -25.16 0.78
C MET A 8 0.59 -24.48 2.03
N GLU A 9 0.84 -23.18 2.14
CA GLU A 9 0.34 -22.41 3.28
C GLU A 9 0.00 -20.98 2.86
N GLU A 10 -1.21 -20.54 3.21
CA GLU A 10 -1.66 -19.19 2.87
C GLU A 10 -2.35 -18.55 4.06
N GLU A 11 -2.61 -17.24 3.95
CA GLU A 11 -3.27 -16.50 5.02
C GLU A 11 -4.72 -16.22 4.67
N LEU A 12 -5.62 -16.65 5.54
CA LEU A 12 -7.06 -16.45 5.32
C LEU A 12 -7.44 -14.99 5.52
N GLN A 13 -8.73 -14.69 5.39
CA GLN A 13 -9.22 -13.32 5.56
C GLN A 13 -10.11 -13.22 6.80
N HIS A 14 -10.36 -11.98 7.23
CA HIS A 14 -11.19 -11.74 8.40
C HIS A 14 -12.63 -11.43 7.99
N SER A 15 -13.53 -12.38 8.26
CA SER A 15 -14.93 -12.21 7.91
C SER A 15 -15.40 -10.78 8.19
N HIS A 16 -14.99 -10.26 9.34
CA HIS A 16 -15.36 -8.90 9.74
C HIS A 16 -14.68 -7.87 8.85
N CYS A 17 -13.35 -7.79 8.97
CA CYS A 17 -12.57 -6.85 8.17
C CYS A 17 -13.03 -6.84 6.72
N VAL A 18 -13.03 -8.01 6.09
CA VAL A 18 -13.45 -8.14 4.71
C VAL A 18 -14.74 -7.37 4.44
N ASN A 19 -15.53 -7.20 5.49
CA ASN A 19 -16.80 -6.47 5.37
C ASN A 19 -16.83 -5.28 6.32
N CYS A 20 -15.69 -4.61 6.45
CA CYS A 20 -15.58 -3.45 7.32
C CYS A 20 -14.89 -2.28 6.60
N VAL A 21 -15.67 -1.25 6.29
CA VAL A 21 -15.13 -0.09 5.60
C VAL A 21 -15.01 1.11 6.54
N SER A 22 -15.83 1.12 7.59
CA SER A 22 -15.81 2.20 8.57
C SER A 22 -14.39 2.48 9.04
N ARG A 23 -14.13 3.72 9.40
CA ARG A 23 -12.81 4.13 9.87
C ARG A 23 -12.72 4.04 11.39
N ARG A 24 -13.73 4.55 12.07
CA ARG A 24 -13.78 4.53 13.53
C ARG A 24 -14.36 3.22 14.04
N CYS A 25 -14.02 2.12 13.37
CA CYS A 25 -14.51 0.81 13.75
C CYS A 25 -13.91 0.37 15.08
N MET A 26 -14.72 0.44 16.13
CA MET A 26 -14.27 0.05 17.47
C MET A 26 -14.78 -1.35 17.82
N THR A 27 -14.75 -2.25 16.85
CA THR A 27 -15.20 -3.62 17.05
C THR A 27 -14.11 -4.46 17.72
N ARG A 28 -14.49 -5.13 18.81
CA ARG A 28 -13.55 -5.97 19.54
C ARG A 28 -12.76 -6.88 18.59
N PRO A 29 -11.43 -6.72 18.59
CA PRO A 29 -10.55 -7.52 17.74
C PRO A 29 -10.48 -8.98 18.17
N GLU A 30 -11.14 -9.85 17.41
CA GLU A 30 -11.15 -11.28 17.71
C GLU A 30 -10.18 -12.04 16.81
N PRO A 31 -9.47 -13.02 17.39
CA PRO A 31 -8.51 -13.84 16.66
C PRO A 31 -9.17 -14.78 15.68
N GLY A 32 -9.45 -14.27 14.47
CA GLY A 32 -10.09 -15.08 13.46
C GLY A 32 -11.23 -14.37 12.78
N ILE A 33 -11.89 -13.47 13.52
CA ILE A 33 -13.01 -12.72 12.97
C ILE A 33 -12.60 -11.29 12.62
N SER A 34 -12.07 -10.58 13.60
CA SER A 34 -11.63 -9.19 13.39
C SER A 34 -10.31 -8.94 14.11
N CYS A 35 -9.44 -8.17 13.46
CA CYS A 35 -8.13 -7.85 14.04
C CYS A 35 -8.07 -6.38 14.44
N ASP A 36 -7.06 -6.03 15.23
CA ASP A 36 -6.89 -4.65 15.70
C ASP A 36 -6.59 -3.72 14.53
N LEU A 37 -7.20 -2.54 14.55
CA LEU A 37 -6.99 -1.55 13.48
C LEU A 37 -5.63 -0.88 13.63
N ILE A 38 -5.13 -0.33 12.52
CA ILE A 38 -3.85 0.34 12.52
C ILE A 38 -3.80 1.44 11.46
N GLY A 39 -3.14 2.55 11.80
CA GLY A 39 -3.04 3.66 10.87
C GLY A 39 -1.99 3.42 9.80
N CYS A 40 -2.33 3.75 8.56
CA CYS A 40 -1.41 3.57 7.44
C CYS A 40 0.01 3.93 7.84
N PRO A 41 0.98 3.08 7.47
CA PRO A 41 2.39 3.29 7.78
C PRO A 41 2.98 4.45 6.99
N LEU A 42 2.15 5.12 6.21
CA LEU A 42 2.59 6.26 5.42
C LEU A 42 1.81 7.51 5.76
N VAL A 43 1.19 7.52 6.95
CA VAL A 43 0.40 8.66 7.39
C VAL A 43 -0.43 9.23 6.26
N CYS A 44 -0.95 8.35 5.40
CA CYS A 44 -1.77 8.77 4.28
C CYS A 44 -3.06 9.42 4.76
N GLY A 45 -3.51 9.03 5.95
CA GLY A 45 -4.73 9.58 6.51
C GLY A 45 -5.90 8.63 6.38
N ALA A 46 -5.67 7.37 6.69
CA ALA A 46 -6.72 6.35 6.61
C ALA A 46 -6.46 5.22 7.59
N VAL A 47 -7.46 4.92 8.41
CA VAL A 47 -7.34 3.85 9.40
C VAL A 47 -7.99 2.57 8.90
N PHE A 48 -7.18 1.52 8.74
CA PHE A 48 -7.68 0.24 8.26
C PHE A 48 -7.13 -0.90 9.13
N HIS A 49 -7.66 -2.10 8.91
CA HIS A 49 -7.23 -3.28 9.66
C HIS A 49 -5.87 -3.76 9.18
N SER A 50 -4.99 -4.04 10.13
CA SER A 50 -3.64 -4.50 9.81
C SER A 50 -3.67 -5.48 8.64
N CYS A 51 -4.65 -6.39 8.66
CA CYS A 51 -4.78 -7.39 7.61
C CYS A 51 -5.07 -6.73 6.26
N LYS A 52 -5.90 -5.69 6.29
CA LYS A 52 -6.24 -4.96 5.07
C LYS A 52 -5.06 -4.15 4.57
N ALA A 53 -4.27 -3.61 5.49
CA ALA A 53 -3.10 -2.82 5.13
C ALA A 53 -2.43 -3.37 3.88
N ASP A 54 -2.12 -4.66 3.90
CA ASP A 54 -1.47 -5.32 2.77
C ASP A 54 -2.11 -4.89 1.45
N GLU A 55 -3.43 -5.01 1.37
CA GLU A 55 -4.17 -4.63 0.18
C GLU A 55 -4.23 -3.11 0.03
N HIS A 56 -4.66 -2.44 1.10
CA HIS A 56 -4.77 -0.99 1.09
C HIS A 56 -3.54 -0.35 0.44
N ARG A 57 -2.36 -0.67 0.96
CA ARG A 57 -1.12 -0.13 0.44
C ARG A 57 -1.18 -0.03 -1.09
N LEU A 58 -1.65 -1.10 -1.73
CA LEU A 58 -1.75 -1.14 -3.18
C LEU A 58 -2.51 0.08 -3.70
N LEU A 59 -3.60 0.43 -3.03
CA LEU A 59 -4.41 1.58 -3.43
C LEU A 59 -3.80 2.87 -2.91
N CYS A 60 -3.53 2.92 -1.62
CA CYS A 60 -2.94 4.11 -1.00
C CYS A 60 -2.01 4.82 -1.97
N PRO A 61 -2.19 6.15 -2.09
CA PRO A 61 -1.38 6.98 -2.98
C PRO A 61 0.07 7.12 -2.50
N PHE A 62 0.25 7.09 -1.19
CA PHE A 62 1.58 7.20 -0.61
C PHE A 62 2.48 6.06 -1.06
N GLU A 63 1.90 4.87 -1.19
CA GLU A 63 2.64 3.70 -1.62
C GLU A 63 3.66 4.06 -2.69
N ARG A 64 4.89 3.60 -2.51
CA ARG A 64 5.96 3.89 -3.47
C ARG A 64 5.60 3.34 -4.85
N VAL A 65 5.63 4.22 -5.85
CA VAL A 65 5.31 3.83 -7.21
C VAL A 65 6.31 4.42 -8.20
N PRO A 66 6.58 3.67 -9.29
CA PRO A 66 7.53 4.10 -10.32
C PRO A 66 7.00 5.27 -11.14
N CYS A 67 7.90 6.15 -11.55
CA CYS A 67 7.53 7.31 -12.35
C CYS A 67 6.59 6.92 -13.48
N LEU A 68 5.49 7.66 -13.62
CA LEU A 68 4.52 7.38 -14.67
C LEU A 68 5.21 6.91 -15.95
N ASN A 69 6.30 7.58 -16.30
CA ASN A 69 7.06 7.23 -17.50
C ASN A 69 8.20 6.28 -17.17
N SER A 70 7.91 5.28 -16.35
CA SER A 70 8.92 4.30 -15.94
C SER A 70 9.34 3.44 -17.13
N ASP A 71 8.41 3.21 -18.04
CA ASP A 71 8.68 2.40 -19.23
C ASP A 71 10.03 2.76 -19.84
N PHE A 72 10.22 4.04 -20.12
CA PHE A 72 11.47 4.52 -20.71
C PHE A 72 12.67 4.09 -19.87
N GLY A 73 12.51 4.18 -18.55
CA GLY A 73 13.59 3.80 -17.65
C GLY A 73 13.95 4.90 -16.67
N CYS A 74 12.95 5.37 -15.93
CA CYS A 74 13.16 6.43 -14.95
C CYS A 74 13.47 5.84 -13.59
N PRO A 75 14.73 6.02 -13.14
CA PRO A 75 15.18 5.52 -11.84
C PRO A 75 14.57 6.27 -10.67
N PHE A 76 13.66 7.20 -10.98
CA PHE A 76 12.99 7.99 -9.96
C PHE A 76 11.69 7.32 -9.53
N THR A 77 11.60 7.01 -8.23
CA THR A 77 10.41 6.36 -7.69
C THR A 77 9.87 7.14 -6.50
N MET A 78 8.56 7.38 -6.48
CA MET A 78 7.93 8.10 -5.38
C MET A 78 6.44 7.77 -5.30
N ALA A 79 5.76 8.36 -4.33
CA ALA A 79 4.33 8.13 -4.14
C ALA A 79 3.54 8.57 -5.37
N ARG A 80 2.35 8.00 -5.54
CA ARG A 80 1.50 8.33 -6.68
C ARG A 80 1.08 9.79 -6.63
N ASN A 81 0.84 10.29 -5.43
CA ASN A 81 0.43 11.68 -5.25
C ASN A 81 1.64 12.62 -5.25
N LYS A 82 2.82 12.06 -5.55
CA LYS A 82 4.04 12.84 -5.58
C LYS A 82 4.61 12.89 -7.00
N VAL A 83 4.42 11.81 -7.75
CA VAL A 83 4.91 11.73 -9.11
C VAL A 83 4.53 12.97 -9.91
N ALA A 84 3.50 13.67 -9.45
CA ALA A 84 3.03 14.88 -10.11
C ALA A 84 4.11 15.96 -10.10
N GLU A 85 4.85 16.04 -9.00
CA GLU A 85 5.91 17.03 -8.86
C GLU A 85 7.15 16.61 -9.63
N HIS A 86 7.54 15.34 -9.48
CA HIS A 86 8.72 14.82 -10.17
C HIS A 86 8.56 14.93 -11.68
N LEU A 87 7.34 14.73 -12.16
CA LEU A 87 7.06 14.81 -13.59
C LEU A 87 7.50 16.15 -14.16
N GLU A 88 7.35 17.21 -13.37
CA GLU A 88 7.73 18.55 -13.80
C GLU A 88 9.23 18.59 -14.15
N MET A 89 10.04 18.03 -13.27
CA MET A 89 11.49 18.00 -13.49
C MET A 89 11.96 16.60 -13.88
N CYS A 90 11.05 15.82 -14.46
CA CYS A 90 11.36 14.47 -14.89
C CYS A 90 11.95 14.47 -16.30
N PRO A 91 13.09 13.78 -16.46
CA PRO A 91 13.77 13.69 -17.75
C PRO A 91 13.01 12.84 -18.76
N ALA A 92 12.38 11.78 -18.27
CA ALA A 92 11.60 10.88 -19.12
C ALA A 92 10.43 11.62 -19.76
N SER A 93 9.87 12.58 -19.04
CA SER A 93 8.74 13.35 -19.54
C SER A 93 9.05 13.97 -20.89
N VAL A 94 10.34 14.02 -21.23
CA VAL A 94 10.78 14.57 -22.50
C VAL A 94 9.89 15.73 -22.93
N SER A 95 9.50 16.56 -21.97
CA SER A 95 8.64 17.71 -22.24
C SER A 95 8.98 18.87 -21.32
N GLY A 96 9.19 20.05 -21.92
CA GLY A 96 9.52 21.22 -21.14
C GLY A 96 11.01 21.30 -20.82
N PRO A 97 11.56 22.52 -20.90
CA PRO A 97 12.98 22.76 -20.62
C PRO A 97 13.31 22.60 -19.14
N SER A 98 13.77 21.40 -18.77
CA SER A 98 14.13 21.11 -17.39
C SER A 98 15.59 20.69 -17.28
N SER A 99 16.45 21.66 -17.01
CA SER A 99 17.89 21.40 -16.89
C SER A 99 18.17 20.56 -15.65
N GLY A 100 19.38 20.00 -15.59
CA GLY A 100 19.76 19.18 -14.45
C GLY A 100 19.91 17.72 -14.80
N GLY A 1 14.96 -48.23 10.58
CA GLY A 1 14.31 -47.14 11.28
C GLY A 1 13.14 -46.57 10.50
N SER A 2 12.40 -45.65 11.12
CA SER A 2 11.25 -45.03 10.49
C SER A 2 11.32 -43.51 10.58
N SER A 3 10.59 -42.83 9.71
CA SER A 3 10.57 -41.38 9.69
C SER A 3 9.49 -40.86 8.74
N GLY A 4 9.22 -39.56 8.81
CA GLY A 4 8.22 -38.96 7.95
C GLY A 4 7.55 -37.76 8.59
N SER A 5 7.27 -36.73 7.79
CA SER A 5 6.64 -35.53 8.29
C SER A 5 6.08 -34.69 7.14
N SER A 6 5.01 -33.96 7.40
CA SER A 6 4.38 -33.12 6.39
C SER A 6 3.33 -32.21 7.01
N GLY A 7 2.85 -31.25 6.23
CA GLY A 7 1.84 -30.33 6.73
C GLY A 7 1.69 -29.11 5.84
N MET A 8 0.77 -28.22 6.21
CA MET A 8 0.53 -27.01 5.43
C MET A 8 0.18 -25.83 6.36
N GLU A 9 0.32 -24.62 5.83
CA GLU A 9 0.02 -23.42 6.60
C GLU A 9 -0.64 -22.36 5.74
N GLU A 10 -1.84 -21.93 6.14
CA GLU A 10 -2.58 -20.93 5.41
C GLU A 10 -3.47 -20.11 6.34
N GLU A 11 -3.60 -18.82 6.05
CA GLU A 11 -4.42 -17.93 6.86
C GLU A 11 -5.65 -17.45 6.08
N LEU A 12 -6.83 -17.70 6.62
CA LEU A 12 -8.07 -17.30 5.98
C LEU A 12 -8.25 -15.79 6.05
N GLN A 13 -9.35 -15.30 5.48
CA GLN A 13 -9.63 -13.87 5.48
C GLN A 13 -10.68 -13.51 6.53
N HIS A 14 -10.52 -12.36 7.15
CA HIS A 14 -11.45 -11.90 8.18
C HIS A 14 -12.79 -11.51 7.57
N SER A 15 -13.86 -12.19 7.97
CA SER A 15 -15.19 -11.90 7.46
C SER A 15 -15.58 -10.46 7.76
N HIS A 16 -15.12 -9.94 8.90
CA HIS A 16 -15.43 -8.58 9.30
C HIS A 16 -14.63 -7.57 8.48
N CYS A 17 -13.32 -7.57 8.68
CA CYS A 17 -12.43 -6.66 7.95
C CYS A 17 -12.78 -6.62 6.47
N VAL A 18 -12.77 -7.79 5.84
CA VAL A 18 -13.09 -7.89 4.42
C VAL A 18 -14.35 -7.11 4.08
N ASN A 19 -15.27 -7.04 5.03
CA ASN A 19 -16.53 -6.32 4.84
C ASN A 19 -16.61 -5.11 5.76
N CYS A 20 -15.46 -4.47 6.00
CA CYS A 20 -15.41 -3.30 6.87
C CYS A 20 -14.75 -2.12 6.14
N VAL A 21 -15.55 -1.11 5.84
CA VAL A 21 -15.04 0.07 5.15
C VAL A 21 -14.78 1.21 6.13
N SER A 22 -15.69 1.37 7.09
CA SER A 22 -15.57 2.43 8.10
C SER A 22 -14.14 2.50 8.63
N ARG A 23 -13.53 3.66 8.52
CA ARG A 23 -12.16 3.87 8.99
C ARG A 23 -12.12 3.93 10.51
N ARG A 24 -13.08 4.63 11.11
CA ARG A 24 -13.15 4.76 12.56
C ARG A 24 -13.83 3.55 13.19
N CYS A 25 -13.52 2.36 12.65
CA CYS A 25 -14.10 1.13 13.16
C CYS A 25 -13.50 0.77 14.52
N MET A 26 -14.36 0.38 15.45
CA MET A 26 -13.93 0.00 16.79
C MET A 26 -14.52 -1.34 17.20
N THR A 27 -14.46 -2.31 16.30
CA THR A 27 -14.99 -3.64 16.57
C THR A 27 -13.97 -4.51 17.29
N ARG A 28 -14.43 -5.26 18.28
CA ARG A 28 -13.55 -6.14 19.05
C ARG A 28 -12.76 -7.06 18.13
N PRO A 29 -11.43 -6.97 18.21
CA PRO A 29 -10.53 -7.78 17.38
C PRO A 29 -10.55 -9.25 17.80
N GLU A 30 -11.20 -10.09 16.99
CA GLU A 30 -11.30 -11.51 17.27
C GLU A 30 -10.25 -12.29 16.48
N PRO A 31 -9.98 -13.53 16.92
CA PRO A 31 -9.01 -14.41 16.26
C PRO A 31 -9.48 -14.89 14.89
N GLY A 32 -10.62 -14.35 14.44
CA GLY A 32 -11.15 -14.73 13.15
C GLY A 32 -12.05 -13.67 12.55
N ILE A 33 -13.10 -13.31 13.27
CA ILE A 33 -14.03 -12.29 12.80
C ILE A 33 -13.28 -11.03 12.34
N SER A 34 -12.81 -10.25 13.30
CA SER A 34 -12.08 -9.03 12.99
C SER A 34 -10.75 -8.98 13.75
N CYS A 35 -9.87 -8.07 13.33
CA CYS A 35 -8.58 -7.92 13.97
C CYS A 35 -8.34 -6.48 14.40
N ASP A 36 -7.27 -6.25 15.14
CA ASP A 36 -6.93 -4.92 15.63
C ASP A 36 -6.65 -3.98 14.46
N LEU A 37 -7.13 -2.75 14.57
CA LEU A 37 -6.93 -1.75 13.53
C LEU A 37 -5.61 -1.01 13.72
N ILE A 38 -4.98 -0.63 12.61
CA ILE A 38 -3.71 0.08 12.66
C ILE A 38 -3.67 1.21 11.63
N GLY A 39 -3.14 2.36 12.03
CA GLY A 39 -3.05 3.49 11.13
C GLY A 39 -1.92 3.34 10.14
N CYS A 40 -2.17 3.74 8.89
CA CYS A 40 -1.16 3.65 7.85
C CYS A 40 0.23 4.02 8.39
N PRO A 41 1.23 3.20 8.05
CA PRO A 41 2.61 3.41 8.48
C PRO A 41 3.25 4.63 7.82
N LEU A 42 2.54 5.21 6.86
CA LEU A 42 3.04 6.38 6.14
C LEU A 42 2.21 7.61 6.48
N VAL A 43 1.50 7.55 7.61
CA VAL A 43 0.68 8.66 8.05
C VAL A 43 -0.11 9.25 6.89
N CYS A 44 -0.54 8.40 5.97
CA CYS A 44 -1.31 8.83 4.81
C CYS A 44 -2.63 9.48 5.22
N GLY A 45 -3.14 9.06 6.38
CA GLY A 45 -4.38 9.61 6.88
C GLY A 45 -5.56 8.67 6.67
N ALA A 46 -5.33 7.38 6.92
CA ALA A 46 -6.37 6.37 6.76
C ALA A 46 -6.18 5.22 7.73
N VAL A 47 -7.27 4.80 8.38
CA VAL A 47 -7.21 3.71 9.34
C VAL A 47 -7.80 2.44 8.74
N PHE A 48 -6.97 1.41 8.62
CA PHE A 48 -7.40 0.13 8.06
C PHE A 48 -6.88 -1.03 8.92
N HIS A 49 -7.61 -2.14 8.88
CA HIS A 49 -7.23 -3.33 9.64
C HIS A 49 -5.84 -3.81 9.23
N SER A 50 -4.99 -4.09 10.22
CA SER A 50 -3.64 -4.56 9.96
C SER A 50 -3.62 -5.51 8.77
N CYS A 51 -4.60 -6.41 8.72
CA CYS A 51 -4.69 -7.38 7.63
C CYS A 51 -4.97 -6.69 6.30
N LYS A 52 -5.84 -5.68 6.34
CA LYS A 52 -6.18 -4.93 5.14
C LYS A 52 -4.98 -4.15 4.61
N ALA A 53 -4.13 -3.70 5.53
CA ALA A 53 -2.95 -2.94 5.15
C ALA A 53 -2.31 -3.51 3.90
N ASP A 54 -1.83 -4.74 3.98
CA ASP A 54 -1.20 -5.40 2.85
C ASP A 54 -1.84 -4.97 1.53
N GLU A 55 -3.16 -4.85 1.54
CA GLU A 55 -3.90 -4.44 0.35
C GLU A 55 -3.92 -2.93 0.22
N HIS A 56 -4.28 -2.25 1.31
CA HIS A 56 -4.36 -0.79 1.32
C HIS A 56 -3.07 -0.19 0.76
N ARG A 57 -1.94 -0.60 1.33
CA ARG A 57 -0.64 -0.09 0.89
C ARG A 57 -0.58 0.00 -0.64
N LEU A 58 -1.18 -0.99 -1.30
CA LEU A 58 -1.19 -1.02 -2.76
C LEU A 58 -1.86 0.22 -3.33
N LEU A 59 -3.02 0.57 -2.80
CA LEU A 59 -3.75 1.75 -3.25
C LEU A 59 -3.16 3.02 -2.65
N CYS A 60 -3.04 3.05 -1.33
CA CYS A 60 -2.49 4.22 -0.65
C CYS A 60 -1.48 4.94 -1.53
N PRO A 61 -1.64 6.27 -1.66
CA PRO A 61 -0.76 7.10 -2.47
C PRO A 61 0.63 7.24 -1.86
N PHE A 62 0.68 7.60 -0.58
CA PHE A 62 1.94 7.77 0.12
C PHE A 62 2.91 6.63 -0.23
N GLU A 63 2.36 5.46 -0.53
CA GLU A 63 3.17 4.30 -0.88
C GLU A 63 4.13 4.64 -2.02
N ARG A 64 5.37 4.20 -1.89
CA ARG A 64 6.39 4.45 -2.91
C ARG A 64 6.02 3.76 -4.23
N VAL A 65 5.99 4.53 -5.30
CA VAL A 65 5.66 4.00 -6.62
C VAL A 65 6.58 4.56 -7.69
N PRO A 66 6.92 3.72 -8.68
CA PRO A 66 7.79 4.11 -9.79
C PRO A 66 7.13 5.11 -10.73
N CYS A 67 7.93 6.03 -11.26
CA CYS A 67 7.43 7.05 -12.18
C CYS A 67 6.48 6.43 -13.21
N LEU A 68 5.31 7.03 -13.36
CA LEU A 68 4.32 6.55 -14.33
C LEU A 68 4.99 6.11 -15.63
N ASN A 69 6.01 6.87 -16.04
CA ASN A 69 6.73 6.56 -17.27
C ASN A 69 7.86 5.59 -17.01
N SER A 70 7.60 4.60 -16.15
CA SER A 70 8.60 3.60 -15.80
C SER A 70 9.08 2.86 -17.05
N ASP A 71 8.14 2.52 -17.93
CA ASP A 71 8.47 1.82 -19.16
C ASP A 71 9.67 2.45 -19.84
N PHE A 72 9.71 3.78 -19.87
CA PHE A 72 10.80 4.50 -20.50
C PHE A 72 12.13 4.17 -19.83
N GLY A 73 12.10 4.00 -18.51
CA GLY A 73 13.31 3.69 -17.77
C GLY A 73 13.64 4.74 -16.73
N CYS A 74 12.62 5.35 -16.16
CA CYS A 74 12.82 6.38 -15.14
C CYS A 74 13.09 5.76 -13.78
N PRO A 75 14.33 5.94 -13.29
CA PRO A 75 14.76 5.41 -11.99
C PRO A 75 14.08 6.11 -10.83
N PHE A 76 13.65 7.35 -11.06
CA PHE A 76 12.98 8.14 -10.02
C PHE A 76 11.87 7.33 -9.35
N THR A 77 11.76 7.46 -8.03
CA THR A 77 10.75 6.74 -7.28
C THR A 77 10.21 7.60 -6.13
N MET A 78 8.90 7.78 -6.09
CA MET A 78 8.26 8.57 -5.04
C MET A 78 6.81 8.16 -4.85
N ALA A 79 6.13 8.84 -3.94
CA ALA A 79 4.72 8.54 -3.67
C ALA A 79 3.86 8.78 -4.91
N ARG A 80 2.61 8.35 -4.84
CA ARG A 80 1.68 8.51 -5.96
C ARG A 80 1.14 9.93 -6.01
N ASN A 81 0.92 10.52 -4.84
CA ASN A 81 0.40 11.88 -4.74
C ASN A 81 1.53 12.89 -4.77
N LYS A 82 2.74 12.41 -5.01
CA LYS A 82 3.91 13.29 -5.07
C LYS A 82 4.62 13.15 -6.41
N VAL A 83 4.50 11.98 -7.03
CA VAL A 83 5.13 11.73 -8.32
C VAL A 83 4.60 12.68 -9.39
N ALA A 84 3.38 13.15 -9.19
CA ALA A 84 2.76 14.07 -10.14
C ALA A 84 3.65 15.27 -10.40
N GLU A 85 4.19 15.84 -9.33
CA GLU A 85 5.06 17.01 -9.44
C GLU A 85 6.34 16.66 -10.20
N HIS A 86 6.82 15.43 -10.01
CA HIS A 86 8.03 14.98 -10.67
C HIS A 86 7.80 14.81 -12.17
N LEU A 87 6.61 14.33 -12.53
CA LEU A 87 6.26 14.12 -13.93
C LEU A 87 6.36 15.42 -14.72
N GLU A 88 6.11 16.54 -14.05
CA GLU A 88 6.16 17.85 -14.68
C GLU A 88 7.59 18.18 -15.11
N MET A 89 8.56 17.76 -14.32
CA MET A 89 9.96 18.01 -14.62
C MET A 89 10.65 16.73 -15.09
N CYS A 90 9.91 15.62 -15.07
CA CYS A 90 10.45 14.33 -15.50
C CYS A 90 10.84 14.37 -16.96
N PRO A 91 12.03 13.81 -17.28
CA PRO A 91 12.54 13.76 -18.65
C PRO A 91 11.75 12.81 -19.53
N ALA A 92 11.42 11.64 -18.99
CA ALA A 92 10.66 10.64 -19.74
C ALA A 92 9.30 11.17 -20.13
N SER A 93 8.75 12.05 -19.31
CA SER A 93 7.45 12.64 -19.57
C SER A 93 7.48 13.50 -20.82
N VAL A 94 8.68 13.82 -21.29
CA VAL A 94 8.85 14.63 -22.48
C VAL A 94 7.74 15.67 -22.62
N SER A 95 7.46 16.37 -21.52
CA SER A 95 6.41 17.38 -21.50
C SER A 95 6.94 18.69 -20.95
N GLY A 96 7.42 19.56 -21.83
CA GLY A 96 7.95 20.84 -21.41
C GLY A 96 8.73 21.54 -22.51
N PRO A 97 8.86 22.87 -22.39
CA PRO A 97 9.58 23.68 -23.37
C PRO A 97 11.08 23.44 -23.34
N SER A 98 11.53 22.65 -22.37
CA SER A 98 12.95 22.33 -22.23
C SER A 98 13.57 22.06 -23.59
N SER A 99 12.98 21.13 -24.33
CA SER A 99 13.49 20.77 -25.64
C SER A 99 12.58 21.32 -26.74
N GLY A 100 11.29 21.05 -26.63
CA GLY A 100 10.34 21.54 -27.62
C GLY A 100 9.80 20.42 -28.49
N GLY A 1 18.77 -43.71 10.84
CA GLY A 1 18.30 -42.34 10.97
C GLY A 1 17.20 -42.01 9.99
N SER A 2 15.98 -41.82 10.52
CA SER A 2 14.83 -41.51 9.68
C SER A 2 14.00 -40.40 10.31
N SER A 3 13.46 -39.52 9.46
CA SER A 3 12.65 -38.40 9.93
C SER A 3 11.94 -37.72 8.76
N GLY A 4 10.76 -37.16 9.04
CA GLY A 4 10.01 -36.48 8.01
C GLY A 4 8.86 -35.66 8.57
N SER A 5 8.60 -34.52 7.96
CA SER A 5 7.52 -33.64 8.41
C SER A 5 7.09 -32.69 7.29
N SER A 6 5.97 -32.01 7.51
CA SER A 6 5.46 -31.06 6.52
C SER A 6 4.24 -30.32 7.07
N GLY A 7 3.93 -29.18 6.46
CA GLY A 7 2.79 -28.39 6.90
C GLY A 7 2.92 -26.93 6.50
N MET A 8 2.15 -26.53 5.49
CA MET A 8 2.17 -25.15 5.02
C MET A 8 0.79 -24.51 5.13
N GLU A 9 0.67 -23.52 6.01
CA GLU A 9 -0.60 -22.83 6.20
C GLU A 9 -0.39 -21.32 6.31
N GLU A 10 -1.16 -20.56 5.55
CA GLU A 10 -1.06 -19.12 5.55
C GLU A 10 -2.36 -18.47 6.07
N GLU A 11 -2.21 -17.40 6.84
CA GLU A 11 -3.36 -16.71 7.40
C GLU A 11 -4.34 -16.31 6.29
N LEU A 12 -5.62 -16.23 6.65
CA LEU A 12 -6.66 -15.87 5.69
C LEU A 12 -7.31 -14.54 6.08
N GLN A 13 -8.21 -14.05 5.23
CA GLN A 13 -8.90 -12.80 5.47
C GLN A 13 -9.76 -12.89 6.74
N HIS A 14 -10.42 -11.79 7.08
CA HIS A 14 -11.27 -11.75 8.26
C HIS A 14 -12.72 -11.45 7.88
N SER A 15 -13.62 -12.34 8.26
CA SER A 15 -15.04 -12.18 7.95
C SER A 15 -15.49 -10.75 8.21
N HIS A 16 -15.10 -10.21 9.37
CA HIS A 16 -15.47 -8.85 9.74
C HIS A 16 -14.81 -7.84 8.81
N CYS A 17 -13.48 -7.79 8.85
CA CYS A 17 -12.73 -6.86 8.01
C CYS A 17 -13.26 -6.87 6.58
N VAL A 18 -13.28 -8.05 5.97
CA VAL A 18 -13.76 -8.19 4.60
C VAL A 18 -15.09 -7.47 4.41
N ASN A 19 -15.83 -7.30 5.50
CA ASN A 19 -17.12 -6.63 5.46
C ASN A 19 -17.14 -5.42 6.38
N CYS A 20 -16.00 -4.74 6.48
CA CYS A 20 -15.88 -3.56 7.34
C CYS A 20 -15.39 -2.36 6.54
N VAL A 21 -16.31 -1.46 6.21
CA VAL A 21 -15.96 -0.26 5.45
C VAL A 21 -15.94 0.97 6.34
N SER A 22 -15.63 0.77 7.61
CA SER A 22 -15.57 1.86 8.58
C SER A 22 -14.13 2.24 8.88
N ARG A 23 -13.92 3.48 9.29
CA ARG A 23 -12.59 3.98 9.61
C ARG A 23 -12.33 3.92 11.12
N ARG A 24 -13.23 4.51 11.89
CA ARG A 24 -13.11 4.53 13.34
C ARG A 24 -13.69 3.25 13.95
N CYS A 25 -13.63 2.16 13.18
CA CYS A 25 -14.15 0.87 13.65
C CYS A 25 -13.51 0.48 14.97
N MET A 26 -14.32 0.34 16.01
CA MET A 26 -13.83 -0.03 17.32
C MET A 26 -14.40 -1.38 17.74
N THR A 27 -14.14 -2.42 16.95
CA THR A 27 -14.63 -3.76 17.25
C THR A 27 -13.53 -4.63 17.85
N ARG A 28 -13.91 -5.49 18.79
CA ARG A 28 -12.96 -6.38 19.44
C ARG A 28 -12.25 -7.27 18.43
N PRO A 29 -10.92 -7.17 18.38
CA PRO A 29 -10.10 -7.97 17.46
C PRO A 29 -10.08 -9.44 17.83
N GLU A 30 -10.71 -10.26 17.00
CA GLU A 30 -10.76 -11.70 17.25
C GLU A 30 -9.71 -12.43 16.42
N PRO A 31 -9.39 -13.67 16.83
CA PRO A 31 -8.39 -14.50 16.14
C PRO A 31 -8.86 -14.96 14.76
N GLY A 32 -10.02 -14.45 14.34
CA GLY A 32 -10.57 -14.83 13.05
C GLY A 32 -11.59 -13.83 12.54
N ILE A 33 -12.64 -13.62 13.33
CA ILE A 33 -13.70 -12.69 12.95
C ILE A 33 -13.11 -11.37 12.46
N SER A 34 -12.47 -10.64 13.36
CA SER A 34 -11.87 -9.35 13.02
C SER A 34 -10.52 -9.19 13.71
N CYS A 35 -9.74 -8.22 13.25
CA CYS A 35 -8.42 -7.96 13.81
C CYS A 35 -8.30 -6.51 14.27
N ASP A 36 -7.19 -6.19 14.92
CA ASP A 36 -6.95 -4.83 15.41
C ASP A 36 -6.77 -3.86 14.25
N LEU A 37 -7.01 -2.58 14.51
CA LEU A 37 -6.87 -1.55 13.48
C LEU A 37 -5.59 -0.76 13.68
N ILE A 38 -4.93 -0.41 12.57
CA ILE A 38 -3.69 0.34 12.63
C ILE A 38 -3.70 1.48 11.61
N GLY A 39 -2.91 2.51 11.87
CA GLY A 39 -2.83 3.65 10.97
C GLY A 39 -1.77 3.47 9.91
N CYS A 40 -2.10 3.87 8.67
CA CYS A 40 -1.17 3.75 7.56
C CYS A 40 0.25 4.10 8.00
N PRO A 41 1.22 3.27 7.61
CA PRO A 41 2.63 3.46 7.95
C PRO A 41 3.23 4.65 7.22
N LEU A 42 2.42 5.32 6.41
CA LEU A 42 2.88 6.48 5.66
C LEU A 42 2.09 7.74 6.04
N VAL A 43 1.41 7.67 7.19
CA VAL A 43 0.62 8.79 7.68
C VAL A 43 -0.22 9.39 6.56
N CYS A 44 -0.70 8.53 5.67
CA CYS A 44 -1.52 8.98 4.54
C CYS A 44 -2.83 9.60 5.04
N GLY A 45 -3.27 9.17 6.22
CA GLY A 45 -4.49 9.69 6.79
C GLY A 45 -5.67 8.76 6.60
N ALA A 46 -5.48 7.49 6.93
CA ALA A 46 -6.52 6.49 6.80
C ALA A 46 -6.33 5.35 7.78
N VAL A 47 -7.41 4.94 8.44
CA VAL A 47 -7.35 3.84 9.41
C VAL A 47 -7.98 2.58 8.85
N PHE A 48 -7.18 1.54 8.72
CA PHE A 48 -7.66 0.26 8.19
C PHE A 48 -7.17 -0.90 9.05
N HIS A 49 -7.75 -2.08 8.84
CA HIS A 49 -7.37 -3.27 9.58
C HIS A 49 -5.97 -3.74 9.20
N SER A 50 -5.13 -3.96 10.19
CA SER A 50 -3.76 -4.41 9.95
C SER A 50 -3.71 -5.36 8.75
N CYS A 51 -4.70 -6.24 8.65
CA CYS A 51 -4.76 -7.19 7.54
C CYS A 51 -5.01 -6.47 6.22
N LYS A 52 -5.97 -5.55 6.23
CA LYS A 52 -6.32 -4.79 5.03
C LYS A 52 -5.13 -3.97 4.55
N ALA A 53 -4.31 -3.51 5.49
CA ALA A 53 -3.14 -2.71 5.16
C ALA A 53 -2.47 -3.22 3.88
N ASP A 54 -2.11 -4.50 3.88
CA ASP A 54 -1.46 -5.10 2.73
C ASP A 54 -2.10 -4.62 1.43
N GLU A 55 -3.43 -4.73 1.35
CA GLU A 55 -4.15 -4.30 0.16
C GLU A 55 -4.18 -2.78 0.05
N HIS A 56 -4.62 -2.12 1.12
CA HIS A 56 -4.70 -0.67 1.16
C HIS A 56 -3.45 -0.04 0.53
N ARG A 57 -2.29 -0.41 1.05
CA ARG A 57 -1.03 0.11 0.55
C ARG A 57 -1.03 0.18 -0.98
N LEU A 58 -1.66 -0.80 -1.60
CA LEU A 58 -1.75 -0.85 -3.06
C LEU A 58 -2.47 0.38 -3.61
N LEU A 59 -3.58 0.73 -2.96
CA LEU A 59 -4.37 1.88 -3.38
C LEU A 59 -3.76 3.18 -2.84
N CYS A 60 -3.50 3.22 -1.54
CA CYS A 60 -2.91 4.39 -0.91
C CYS A 60 -1.97 5.12 -1.86
N PRO A 61 -2.17 6.44 -2.00
CA PRO A 61 -1.34 7.27 -2.87
C PRO A 61 0.09 7.42 -2.36
N PHE A 62 0.23 7.52 -1.04
CA PHE A 62 1.54 7.67 -0.41
C PHE A 62 2.46 6.53 -0.83
N GLU A 63 1.89 5.35 -1.05
CA GLU A 63 2.68 4.19 -1.44
C GLU A 63 3.71 4.56 -2.49
N ARG A 64 4.97 4.20 -2.23
CA ARG A 64 6.06 4.50 -3.15
C ARG A 64 5.85 3.80 -4.49
N VAL A 65 5.61 4.60 -5.53
CA VAL A 65 5.40 4.06 -6.87
C VAL A 65 6.42 4.61 -7.85
N PRO A 66 6.80 3.78 -8.84
CA PRO A 66 7.77 4.16 -9.87
C PRO A 66 7.21 5.21 -10.83
N CYS A 67 8.08 6.10 -11.30
CA CYS A 67 7.68 7.15 -12.22
C CYS A 67 6.79 6.58 -13.32
N LEU A 68 5.58 7.13 -13.45
CA LEU A 68 4.64 6.67 -14.47
C LEU A 68 5.36 6.24 -15.73
N ASN A 69 6.39 7.00 -16.11
CA ASN A 69 7.18 6.68 -17.29
C ASN A 69 8.29 5.70 -16.97
N SER A 70 7.96 4.66 -16.21
CA SER A 70 8.94 3.65 -15.82
C SER A 70 9.48 2.93 -17.05
N ASP A 71 8.59 2.60 -17.98
CA ASP A 71 8.99 1.91 -19.20
C ASP A 71 10.29 2.49 -19.75
N PHE A 72 10.30 3.80 -19.98
CA PHE A 72 11.48 4.47 -20.52
C PHE A 72 12.73 4.07 -19.75
N GLY A 73 12.60 3.98 -18.42
CA GLY A 73 13.72 3.61 -17.58
C GLY A 73 14.02 4.66 -16.52
N CYS A 74 12.97 5.18 -15.91
CA CYS A 74 13.12 6.20 -14.87
C CYS A 74 13.17 5.56 -13.49
N PRO A 75 14.36 5.58 -12.86
CA PRO A 75 14.56 5.00 -11.53
C PRO A 75 13.87 5.82 -10.45
N PHE A 76 13.38 7.00 -10.80
CA PHE A 76 12.70 7.87 -9.86
C PHE A 76 11.51 7.16 -9.23
N THR A 77 11.36 7.32 -7.91
CA THR A 77 10.27 6.68 -7.19
C THR A 77 9.67 7.64 -6.16
N MET A 78 8.35 7.73 -6.15
CA MET A 78 7.65 8.60 -5.20
C MET A 78 6.18 8.21 -5.08
N ALA A 79 5.47 8.89 -4.19
CA ALA A 79 4.05 8.62 -3.98
C ALA A 79 3.23 9.00 -5.20
N ARG A 80 2.12 8.29 -5.41
CA ARG A 80 1.25 8.54 -6.55
C ARG A 80 0.81 10.01 -6.56
N ASN A 81 0.55 10.56 -5.39
CA ASN A 81 0.12 11.95 -5.27
C ASN A 81 1.32 12.90 -5.28
N LYS A 82 2.49 12.34 -5.61
CA LYS A 82 3.71 13.14 -5.67
C LYS A 82 4.36 13.04 -7.04
N VAL A 83 4.13 11.93 -7.72
CA VAL A 83 4.68 11.71 -9.05
C VAL A 83 4.56 12.97 -9.91
N ALA A 84 3.36 13.56 -9.91
CA ALA A 84 3.12 14.76 -10.68
C ALA A 84 4.30 15.71 -10.63
N GLU A 85 4.62 16.21 -9.43
CA GLU A 85 5.74 17.13 -9.25
C GLU A 85 6.96 16.64 -9.99
N HIS A 86 7.28 15.36 -9.83
CA HIS A 86 8.44 14.76 -10.48
C HIS A 86 8.32 14.88 -12.00
N LEU A 87 7.17 14.47 -12.53
CA LEU A 87 6.93 14.53 -13.98
C LEU A 87 7.39 15.86 -14.55
N GLU A 88 7.24 16.93 -13.77
CA GLU A 88 7.64 18.26 -14.20
C GLU A 88 9.14 18.30 -14.51
N MET A 89 9.94 17.75 -13.61
CA MET A 89 11.39 17.73 -13.79
C MET A 89 11.87 16.31 -14.07
N CYS A 90 11.00 15.49 -14.65
CA CYS A 90 11.34 14.12 -14.98
C CYS A 90 11.99 14.03 -16.37
N PRO A 91 13.11 13.31 -16.44
CA PRO A 91 13.85 13.13 -17.70
C PRO A 91 13.10 12.25 -18.70
N ALA A 92 12.54 11.15 -18.20
CA ALA A 92 11.80 10.23 -19.05
C ALA A 92 10.81 10.98 -19.94
N SER A 93 10.31 12.10 -19.43
CA SER A 93 9.35 12.91 -20.17
C SER A 93 10.07 13.83 -21.17
N VAL A 94 11.13 13.33 -21.77
CA VAL A 94 11.90 14.10 -22.74
C VAL A 94 11.93 15.58 -22.36
N SER A 95 12.08 15.85 -21.07
CA SER A 95 12.12 17.22 -20.57
C SER A 95 13.55 17.73 -20.49
N GLY A 96 13.71 19.02 -20.21
CA GLY A 96 15.03 19.61 -20.10
C GLY A 96 15.33 20.09 -18.69
N PRO A 97 16.26 21.05 -18.58
CA PRO A 97 16.66 21.61 -17.29
C PRO A 97 15.57 22.47 -16.66
N SER A 98 15.69 22.72 -15.36
CA SER A 98 14.71 23.53 -14.64
C SER A 98 15.30 24.88 -14.26
N SER A 99 14.62 25.95 -14.67
CA SER A 99 15.07 27.30 -14.37
C SER A 99 14.51 27.78 -13.04
N GLY A 100 14.50 26.89 -12.05
CA GLY A 100 13.99 27.24 -10.73
C GLY A 100 13.83 26.02 -9.83
N GLY A 1 9.86 -48.09 7.24
CA GLY A 1 9.40 -46.73 7.45
C GLY A 1 10.17 -45.72 6.61
N SER A 2 9.45 -44.97 5.80
CA SER A 2 10.07 -43.96 4.94
C SER A 2 9.06 -42.91 4.50
N SER A 3 9.31 -41.66 4.87
CA SER A 3 8.43 -40.56 4.53
C SER A 3 9.16 -39.22 4.62
N GLY A 4 8.46 -38.14 4.26
CA GLY A 4 9.05 -36.83 4.30
C GLY A 4 8.45 -35.95 5.38
N SER A 5 8.16 -34.70 5.03
CA SER A 5 7.58 -33.76 5.98
C SER A 5 6.60 -32.81 5.28
N SER A 6 5.85 -32.06 6.07
CA SER A 6 4.88 -31.12 5.53
C SER A 6 4.36 -30.19 6.62
N GLY A 7 3.59 -29.17 6.21
CA GLY A 7 3.04 -28.23 7.16
C GLY A 7 3.20 -26.79 6.71
N MET A 8 2.17 -26.27 6.06
CA MET A 8 2.20 -24.89 5.57
C MET A 8 1.04 -24.08 6.14
N GLU A 9 1.33 -22.89 6.64
CA GLU A 9 0.31 -22.02 7.20
C GLU A 9 0.75 -20.57 7.17
N GLU A 10 -0.09 -19.71 6.59
CA GLU A 10 0.21 -18.29 6.49
C GLU A 10 -1.01 -17.45 6.85
N GLU A 11 -0.81 -16.14 6.99
CA GLU A 11 -1.89 -15.22 7.34
C GLU A 11 -3.00 -15.28 6.29
N LEU A 12 -4.25 -15.20 6.76
CA LEU A 12 -5.39 -15.25 5.87
C LEU A 12 -6.26 -14.01 6.04
N GLN A 13 -7.32 -13.91 5.24
CA GLN A 13 -8.23 -12.77 5.30
C GLN A 13 -9.11 -12.85 6.54
N HIS A 14 -9.86 -11.78 6.80
CA HIS A 14 -10.76 -11.73 7.95
C HIS A 14 -12.20 -11.47 7.50
N SER A 15 -13.06 -12.46 7.69
CA SER A 15 -14.46 -12.35 7.30
C SER A 15 -14.96 -10.92 7.52
N HIS A 16 -14.61 -10.35 8.67
CA HIS A 16 -15.02 -8.99 9.01
C HIS A 16 -14.31 -7.97 8.13
N CYS A 17 -12.99 -7.84 8.33
CA CYS A 17 -12.20 -6.90 7.55
C CYS A 17 -12.56 -6.96 6.07
N VAL A 18 -12.49 -8.16 5.49
CA VAL A 18 -12.82 -8.35 4.08
C VAL A 18 -14.12 -7.64 3.72
N ASN A 19 -14.99 -7.47 4.72
CA ASN A 19 -16.27 -6.80 4.50
C ASN A 19 -16.40 -5.58 5.38
N CYS A 20 -15.29 -4.88 5.59
CA CYS A 20 -15.28 -3.68 6.42
C CYS A 20 -14.63 -2.51 5.69
N VAL A 21 -15.39 -1.43 5.54
CA VAL A 21 -14.89 -0.24 4.85
C VAL A 21 -14.80 0.95 5.81
N SER A 22 -15.62 0.92 6.86
CA SER A 22 -15.64 2.00 7.84
C SER A 22 -14.24 2.23 8.41
N ARG A 23 -13.77 3.47 8.30
CA ARG A 23 -12.45 3.83 8.80
C ARG A 23 -12.40 3.72 10.32
N ARG A 24 -13.29 4.45 10.98
CA ARG A 24 -13.35 4.44 12.44
C ARG A 24 -14.07 3.18 12.95
N CYS A 25 -13.75 2.04 12.35
CA CYS A 25 -14.36 0.77 12.74
C CYS A 25 -14.05 0.45 14.20
N MET A 26 -15.10 0.37 15.02
CA MET A 26 -14.93 0.05 16.43
C MET A 26 -15.46 -1.34 16.74
N THR A 27 -15.17 -2.29 15.85
CA THR A 27 -15.62 -3.67 16.04
C THR A 27 -14.61 -4.46 16.86
N ARG A 28 -15.11 -5.26 17.80
CA ARG A 28 -14.26 -6.08 18.65
C ARG A 28 -13.40 -7.02 17.81
N PRO A 29 -12.07 -6.89 17.93
CA PRO A 29 -11.11 -7.72 17.19
C PRO A 29 -11.10 -9.16 17.69
N GLU A 30 -11.42 -10.09 16.78
CA GLU A 30 -11.44 -11.50 17.13
C GLU A 30 -10.21 -12.22 16.58
N PRO A 31 -9.94 -13.42 17.12
CA PRO A 31 -8.79 -14.23 16.69
C PRO A 31 -8.97 -14.80 15.29
N GLY A 32 -9.93 -14.25 14.56
CA GLY A 32 -10.19 -14.71 13.21
C GLY A 32 -11.17 -13.84 12.47
N ILE A 33 -12.34 -13.62 13.07
CA ILE A 33 -13.38 -12.79 12.46
C ILE A 33 -12.83 -11.42 12.08
N SER A 34 -12.46 -10.63 13.09
CA SER A 34 -11.93 -9.30 12.87
C SER A 34 -10.61 -9.11 13.63
N CYS A 35 -9.81 -8.16 13.18
CA CYS A 35 -8.53 -7.86 13.81
C CYS A 35 -8.46 -6.40 14.25
N ASP A 36 -7.41 -6.06 14.98
CA ASP A 36 -7.22 -4.70 15.47
C ASP A 36 -6.93 -3.75 14.31
N LEU A 37 -7.33 -2.49 14.47
CA LEU A 37 -7.12 -1.48 13.45
C LEU A 37 -5.84 -0.69 13.71
N ILE A 38 -5.11 -0.38 12.64
CA ILE A 38 -3.87 0.38 12.76
C ILE A 38 -3.79 1.47 11.69
N GLY A 39 -3.29 2.63 12.10
CA GLY A 39 -3.17 3.74 11.16
C GLY A 39 -1.99 3.58 10.23
N CYS A 40 -2.15 4.04 8.98
CA CYS A 40 -1.09 3.94 7.99
C CYS A 40 0.25 4.39 8.57
N PRO A 41 1.29 3.59 8.31
CA PRO A 41 2.64 3.88 8.81
C PRO A 41 3.27 5.09 8.12
N LEU A 42 2.56 5.62 7.13
CA LEU A 42 3.04 6.79 6.38
C LEU A 42 2.19 8.01 6.68
N VAL A 43 1.43 7.95 7.77
CA VAL A 43 0.58 9.06 8.17
C VAL A 43 -0.19 9.61 6.98
N CYS A 44 -0.57 8.74 6.06
CA CYS A 44 -1.31 9.13 4.87
C CYS A 44 -2.66 9.74 5.25
N GLY A 45 -3.18 9.34 6.41
CA GLY A 45 -4.45 9.85 6.88
C GLY A 45 -5.59 8.88 6.63
N ALA A 46 -5.37 7.61 6.97
CA ALA A 46 -6.39 6.59 6.77
C ALA A 46 -6.21 5.45 7.78
N VAL A 47 -7.32 4.94 8.29
CA VAL A 47 -7.29 3.84 9.26
C VAL A 47 -7.81 2.55 8.64
N PHE A 48 -6.94 1.54 8.57
CA PHE A 48 -7.32 0.26 7.99
C PHE A 48 -6.82 -0.89 8.87
N HIS A 49 -7.50 -2.03 8.78
CA HIS A 49 -7.12 -3.20 9.57
C HIS A 49 -5.69 -3.61 9.28
N SER A 50 -4.94 -3.88 10.35
CA SER A 50 -3.53 -4.28 10.21
C SER A 50 -3.36 -5.24 9.03
N CYS A 51 -4.29 -6.18 8.90
CA CYS A 51 -4.23 -7.16 7.82
C CYS A 51 -4.43 -6.48 6.46
N LYS A 52 -5.30 -5.48 6.43
CA LYS A 52 -5.59 -4.74 5.21
C LYS A 52 -4.41 -3.86 4.80
N ALA A 53 -3.73 -3.30 5.81
CA ALA A 53 -2.58 -2.44 5.56
C ALA A 53 -1.81 -2.89 4.34
N ASP A 54 -1.22 -4.08 4.41
CA ASP A 54 -0.45 -4.63 3.30
C ASP A 54 -1.10 -4.28 1.96
N GLU A 55 -2.40 -4.50 1.87
CA GLU A 55 -3.14 -4.21 0.65
C GLU A 55 -3.31 -2.70 0.46
N HIS A 56 -3.90 -2.05 1.45
CA HIS A 56 -4.11 -0.61 1.39
C HIS A 56 -2.89 0.10 0.81
N ARG A 57 -1.74 -0.13 1.42
CA ARG A 57 -0.50 0.49 0.96
C ARG A 57 -0.48 0.61 -0.56
N LEU A 58 -0.89 -0.46 -1.23
CA LEU A 58 -0.91 -0.48 -2.69
C LEU A 58 -1.62 0.75 -3.23
N LEU A 59 -2.82 1.01 -2.74
CA LEU A 59 -3.61 2.16 -3.18
C LEU A 59 -3.10 3.44 -2.54
N CYS A 60 -2.77 3.37 -1.25
CA CYS A 60 -2.26 4.53 -0.53
C CYS A 60 -1.41 5.42 -1.44
N PRO A 61 -1.71 6.72 -1.45
CA PRO A 61 -0.99 7.69 -2.28
C PRO A 61 0.43 7.93 -1.78
N PHE A 62 0.69 7.55 -0.53
CA PHE A 62 2.01 7.72 0.06
C PHE A 62 2.94 6.58 -0.33
N GLU A 63 2.44 5.35 -0.17
CA GLU A 63 3.23 4.17 -0.50
C GLU A 63 4.12 4.43 -1.71
N ARG A 64 5.34 3.90 -1.66
CA ARG A 64 6.30 4.08 -2.75
C ARG A 64 5.74 3.52 -4.07
N VAL A 65 5.73 4.36 -5.10
CA VAL A 65 5.22 3.94 -6.41
C VAL A 65 6.14 4.43 -7.52
N PRO A 66 6.31 3.58 -8.55
CA PRO A 66 7.17 3.89 -9.71
C PRO A 66 6.57 5.00 -10.57
N CYS A 67 7.45 5.80 -11.17
CA CYS A 67 7.02 6.90 -12.03
C CYS A 67 5.94 6.44 -13.00
N LEU A 68 4.85 7.20 -13.08
CA LEU A 68 3.75 6.87 -13.96
C LEU A 68 4.25 6.32 -15.28
N ASN A 69 5.32 6.92 -15.81
CA ASN A 69 5.90 6.49 -17.07
C ASN A 69 6.96 5.41 -16.84
N SER A 70 6.63 4.46 -15.97
CA SER A 70 7.55 3.37 -15.66
C SER A 70 7.84 2.53 -16.89
N ASP A 71 6.98 2.66 -17.90
CA ASP A 71 7.14 1.92 -19.14
C ASP A 71 8.32 2.45 -19.95
N PHE A 72 8.45 3.77 -20.00
CA PHE A 72 9.53 4.41 -20.73
C PHE A 72 10.89 3.97 -20.18
N GLY A 73 10.97 3.82 -18.87
CA GLY A 73 12.22 3.41 -18.24
C GLY A 73 12.70 4.42 -17.22
N CYS A 74 11.81 4.87 -16.35
CA CYS A 74 12.16 5.85 -15.32
C CYS A 74 12.44 5.15 -13.99
N PRO A 75 13.72 5.14 -13.59
CA PRO A 75 14.15 4.51 -12.34
C PRO A 75 13.66 5.29 -11.11
N PHE A 76 13.17 6.49 -11.33
CA PHE A 76 12.68 7.34 -10.25
C PHE A 76 11.49 6.67 -9.55
N THR A 77 11.50 6.73 -8.22
CA THR A 77 10.43 6.13 -7.43
C THR A 77 10.07 7.01 -6.24
N MET A 78 8.77 7.26 -6.06
CA MET A 78 8.30 8.09 -4.96
C MET A 78 6.81 7.89 -4.72
N ALA A 79 6.27 8.58 -3.73
CA ALA A 79 4.85 8.48 -3.41
C ALA A 79 3.98 8.86 -4.61
N ARG A 80 2.79 8.28 -4.69
CA ARG A 80 1.88 8.57 -5.78
C ARG A 80 1.50 10.05 -5.81
N ASN A 81 1.32 10.64 -4.63
CA ASN A 81 0.97 12.04 -4.52
C ASN A 81 2.20 12.93 -4.70
N LYS A 82 3.32 12.31 -5.02
CA LYS A 82 4.58 13.04 -5.23
C LYS A 82 5.01 12.98 -6.69
N VAL A 83 4.54 11.96 -7.39
CA VAL A 83 4.89 11.77 -8.80
C VAL A 83 4.45 12.98 -9.63
N ALA A 84 3.46 13.71 -9.13
CA ALA A 84 2.96 14.89 -9.83
C ALA A 84 4.05 15.95 -9.97
N GLU A 85 4.87 16.09 -8.93
CA GLU A 85 5.95 17.07 -8.94
C GLU A 85 7.10 16.59 -9.82
N HIS A 86 7.49 15.33 -9.66
CA HIS A 86 8.58 14.76 -10.43
C HIS A 86 8.23 14.75 -11.92
N LEU A 87 7.03 14.30 -12.25
CA LEU A 87 6.58 14.25 -13.64
C LEU A 87 6.96 15.52 -14.38
N GLU A 88 6.80 16.66 -13.71
CA GLU A 88 7.12 17.95 -14.31
C GLU A 88 8.60 18.00 -14.72
N MET A 89 9.47 17.49 -13.87
CA MET A 89 10.90 17.48 -14.14
C MET A 89 11.36 16.08 -14.58
N CYS A 90 10.40 15.26 -14.99
CA CYS A 90 10.71 13.90 -15.42
C CYS A 90 11.06 13.87 -16.91
N PRO A 91 12.09 13.10 -17.26
CA PRO A 91 12.55 12.97 -18.65
C PRO A 91 11.56 12.20 -19.51
N ALA A 92 11.10 11.05 -19.01
CA ALA A 92 10.15 10.22 -19.73
C ALA A 92 8.88 11.01 -20.08
N SER A 93 8.54 11.97 -19.22
CA SER A 93 7.35 12.78 -19.43
C SER A 93 7.46 13.57 -20.72
N VAL A 94 8.69 13.68 -21.25
CA VAL A 94 8.92 14.41 -22.49
C VAL A 94 7.92 15.54 -22.66
N SER A 95 7.76 16.35 -21.61
CA SER A 95 6.84 17.47 -21.64
C SER A 95 7.45 18.71 -21.00
N GLY A 96 7.39 19.84 -21.69
CA GLY A 96 7.95 21.07 -21.17
C GLY A 96 9.46 21.03 -21.09
N PRO A 97 10.06 22.19 -20.78
CA PRO A 97 11.52 22.31 -20.66
C PRO A 97 12.07 21.58 -19.44
N SER A 98 13.39 21.61 -19.29
CA SER A 98 14.04 20.96 -18.16
C SER A 98 14.77 21.97 -17.28
N SER A 99 14.21 22.23 -16.10
CA SER A 99 14.80 23.18 -15.18
C SER A 99 16.32 23.12 -15.22
N GLY A 100 16.96 24.25 -15.50
CA GLY A 100 18.41 24.30 -15.57
C GLY A 100 19.04 24.64 -14.24
N GLY A 1 6.67 -45.71 4.03
CA GLY A 1 6.46 -44.29 3.83
C GLY A 1 7.13 -43.78 2.56
N SER A 2 6.65 -44.26 1.42
CA SER A 2 7.20 -43.85 0.13
C SER A 2 7.49 -42.36 0.11
N SER A 3 6.49 -41.57 0.50
CA SER A 3 6.61 -40.11 0.51
C SER A 3 5.38 -39.47 1.13
N GLY A 4 5.49 -38.18 1.45
CA GLY A 4 4.38 -37.46 2.04
C GLY A 4 4.82 -36.39 3.01
N SER A 5 4.10 -36.26 4.12
CA SER A 5 4.43 -35.26 5.13
C SER A 5 4.30 -33.85 4.56
N SER A 6 3.25 -33.63 3.77
CA SER A 6 3.01 -32.33 3.16
C SER A 6 1.95 -31.55 3.93
N GLY A 7 2.21 -30.27 4.17
CA GLY A 7 1.26 -29.44 4.89
C GLY A 7 1.46 -27.97 4.61
N MET A 8 0.51 -27.37 3.90
CA MET A 8 0.59 -25.96 3.56
C MET A 8 -0.74 -25.26 3.83
N GLU A 9 -0.67 -24.03 4.34
CA GLU A 9 -1.86 -23.26 4.65
C GLU A 9 -1.63 -21.77 4.42
N GLU A 10 -2.55 -21.14 3.70
CA GLU A 10 -2.43 -19.72 3.40
C GLU A 10 -3.47 -18.92 4.19
N GLU A 11 -3.03 -18.29 5.28
CA GLU A 11 -3.92 -17.50 6.12
C GLU A 11 -4.76 -16.55 5.27
N LEU A 12 -6.08 -16.63 5.43
CA LEU A 12 -7.00 -15.77 4.68
C LEU A 12 -7.35 -14.54 5.48
N GLN A 13 -8.04 -13.59 4.83
CA GLN A 13 -8.45 -12.36 5.48
C GLN A 13 -9.40 -12.64 6.63
N HIS A 14 -9.92 -11.57 7.25
CA HIS A 14 -10.84 -11.72 8.37
C HIS A 14 -12.28 -11.61 7.90
N SER A 15 -13.13 -12.52 8.36
CA SER A 15 -14.53 -12.52 7.98
C SER A 15 -15.12 -11.12 8.04
N HIS A 16 -14.63 -10.32 8.98
CA HIS A 16 -15.10 -8.95 9.15
C HIS A 16 -14.32 -7.99 8.25
N CYS A 17 -13.04 -7.80 8.57
CA CYS A 17 -12.19 -6.91 7.78
C CYS A 17 -12.47 -7.07 6.29
N VAL A 18 -12.62 -8.32 5.85
CA VAL A 18 -12.88 -8.60 4.45
C VAL A 18 -13.90 -7.63 3.86
N ASN A 19 -14.94 -7.34 4.64
CA ASN A 19 -15.98 -6.43 4.21
C ASN A 19 -15.98 -5.15 5.06
N CYS A 20 -14.79 -4.67 5.38
CA CYS A 20 -14.65 -3.47 6.18
C CYS A 20 -13.85 -2.39 5.43
N VAL A 21 -14.47 -1.23 5.23
CA VAL A 21 -13.83 -0.13 4.53
C VAL A 21 -13.69 1.09 5.42
N SER A 22 -14.73 1.36 6.21
CA SER A 22 -14.73 2.50 7.12
C SER A 22 -13.44 2.54 7.93
N ARG A 23 -12.84 3.73 8.03
CA ARG A 23 -11.61 3.91 8.77
C ARG A 23 -11.88 3.92 10.28
N ARG A 24 -12.94 4.62 10.67
CA ARG A 24 -13.31 4.72 12.08
C ARG A 24 -14.10 3.50 12.52
N CYS A 25 -13.69 2.32 12.06
CA CYS A 25 -14.36 1.08 12.39
C CYS A 25 -14.19 0.76 13.88
N MET A 26 -15.31 0.76 14.61
CA MET A 26 -15.30 0.46 16.04
C MET A 26 -15.86 -0.92 16.31
N THR A 27 -15.41 -1.91 15.53
CA THR A 27 -15.87 -3.28 15.70
C THR A 27 -14.97 -4.05 16.66
N ARG A 28 -15.58 -4.81 17.55
CA ARG A 28 -14.84 -5.59 18.53
C ARG A 28 -13.89 -6.57 17.83
N PRO A 29 -12.59 -6.42 18.11
CA PRO A 29 -11.55 -7.29 17.52
C PRO A 29 -11.62 -8.72 18.05
N GLU A 30 -12.05 -9.64 17.20
CA GLU A 30 -12.16 -11.04 17.59
C GLU A 30 -10.90 -11.81 17.17
N PRO A 31 -10.74 -13.01 17.74
CA PRO A 31 -9.59 -13.88 17.45
C PRO A 31 -9.64 -14.45 16.03
N GLY A 32 -10.59 -13.96 15.24
CA GLY A 32 -10.72 -14.43 13.87
C GLY A 32 -11.65 -13.56 13.04
N ILE A 33 -12.86 -13.35 13.54
CA ILE A 33 -13.84 -12.54 12.84
C ILE A 33 -13.25 -11.19 12.43
N SER A 34 -12.84 -10.40 13.43
CA SER A 34 -12.26 -9.10 13.18
C SER A 34 -11.02 -8.88 14.04
N CYS A 35 -10.17 -7.95 13.61
CA CYS A 35 -8.94 -7.64 14.34
C CYS A 35 -8.87 -6.15 14.68
N ASP A 36 -7.88 -5.79 15.49
CA ASP A 36 -7.70 -4.40 15.89
C ASP A 36 -7.38 -3.53 14.68
N LEU A 37 -7.60 -2.23 14.82
CA LEU A 37 -7.33 -1.28 13.74
C LEU A 37 -6.02 -0.54 13.98
N ILE A 38 -5.33 -0.19 12.90
CA ILE A 38 -4.07 0.52 12.99
C ILE A 38 -3.96 1.59 11.90
N GLY A 39 -3.13 2.60 12.16
CA GLY A 39 -2.96 3.67 11.20
C GLY A 39 -1.84 3.38 10.21
N CYS A 40 -2.05 3.79 8.95
CA CYS A 40 -1.06 3.57 7.91
C CYS A 40 0.34 3.97 8.39
N PRO A 41 1.32 3.12 8.11
CA PRO A 41 2.72 3.35 8.49
C PRO A 41 3.35 4.50 7.71
N LEU A 42 2.59 5.07 6.80
CA LEU A 42 3.07 6.18 5.98
C LEU A 42 2.26 7.45 6.24
N VAL A 43 1.56 7.48 7.37
CA VAL A 43 0.74 8.63 7.73
C VAL A 43 -0.04 9.15 6.53
N CYS A 44 -0.49 8.24 5.68
CA CYS A 44 -1.24 8.60 4.49
C CYS A 44 -2.60 9.22 4.87
N GLY A 45 -3.04 8.96 6.10
CA GLY A 45 -4.30 9.49 6.57
C GLY A 45 -5.45 8.53 6.35
N ALA A 46 -5.28 7.29 6.81
CA ALA A 46 -6.31 6.27 6.67
C ALA A 46 -6.11 5.14 7.68
N VAL A 47 -7.11 4.93 8.53
CA VAL A 47 -7.04 3.88 9.54
C VAL A 47 -7.65 2.58 9.02
N PHE A 48 -6.83 1.54 8.92
CA PHE A 48 -7.28 0.25 8.44
C PHE A 48 -6.77 -0.87 9.33
N HIS A 49 -7.29 -2.08 9.13
CA HIS A 49 -6.88 -3.24 9.92
C HIS A 49 -5.45 -3.66 9.55
N SER A 50 -4.69 -4.04 10.57
CA SER A 50 -3.31 -4.47 10.36
C SER A 50 -3.22 -5.53 9.27
N CYS A 51 -4.22 -6.41 9.23
CA CYS A 51 -4.25 -7.47 8.23
C CYS A 51 -4.46 -6.90 6.83
N LYS A 52 -5.26 -5.84 6.76
CA LYS A 52 -5.54 -5.19 5.48
C LYS A 52 -4.34 -4.39 4.99
N ALA A 53 -3.60 -3.81 5.92
CA ALA A 53 -2.42 -3.02 5.60
C ALA A 53 -1.65 -3.64 4.43
N ASP A 54 -1.67 -4.98 4.36
CA ASP A 54 -0.98 -5.69 3.29
C ASP A 54 -1.55 -5.32 1.93
N GLU A 55 -2.87 -5.29 1.84
CA GLU A 55 -3.55 -4.95 0.59
C GLU A 55 -3.65 -3.44 0.42
N HIS A 56 -3.88 -2.74 1.53
CA HIS A 56 -3.99 -1.29 1.49
C HIS A 56 -2.74 -0.65 0.89
N ARG A 57 -1.59 -1.01 1.44
CA ARG A 57 -0.32 -0.47 0.96
C ARG A 57 -0.32 -0.35 -0.56
N LEU A 58 -0.97 -1.29 -1.22
CA LEU A 58 -1.04 -1.29 -2.68
C LEU A 58 -1.75 -0.05 -3.19
N LEU A 59 -2.93 0.23 -2.63
CA LEU A 59 -3.71 1.40 -3.03
C LEU A 59 -3.10 2.68 -2.45
N CYS A 60 -2.76 2.64 -1.17
CA CYS A 60 -2.17 3.79 -0.50
C CYS A 60 -1.32 4.62 -1.48
N PRO A 61 -1.61 5.92 -1.55
CA PRO A 61 -0.90 6.84 -2.44
C PRO A 61 0.54 7.08 -1.98
N PHE A 62 0.76 7.01 -0.68
CA PHE A 62 2.09 7.22 -0.11
C PHE A 62 3.05 6.11 -0.54
N GLU A 63 2.54 4.89 -0.56
CA GLU A 63 3.36 3.74 -0.94
C GLU A 63 4.31 4.10 -2.07
N ARG A 64 5.54 3.58 -2.00
CA ARG A 64 6.54 3.85 -3.02
C ARG A 64 6.14 3.23 -4.35
N VAL A 65 6.13 4.06 -5.40
CA VAL A 65 5.77 3.59 -6.73
C VAL A 65 6.64 4.24 -7.80
N PRO A 66 6.93 3.49 -8.87
CA PRO A 66 7.76 3.98 -9.98
C PRO A 66 7.05 5.05 -10.80
N CYS A 67 7.83 6.01 -11.30
CA CYS A 67 7.27 7.10 -12.10
C CYS A 67 6.13 6.59 -12.98
N LEU A 68 5.03 7.34 -13.00
CA LEU A 68 3.87 6.97 -13.81
C LEU A 68 4.30 6.53 -15.20
N ASN A 69 5.31 7.20 -15.75
CA ASN A 69 5.81 6.87 -17.08
C ASN A 69 7.01 5.93 -16.99
N SER A 70 6.90 4.92 -16.12
CA SER A 70 7.98 3.95 -15.94
C SER A 70 8.33 3.28 -17.27
N ASP A 71 7.31 2.88 -18.01
CA ASP A 71 7.51 2.23 -19.31
C ASP A 71 8.52 3.00 -20.15
N PHE A 72 8.37 4.31 -20.20
CA PHE A 72 9.27 5.16 -20.98
C PHE A 72 10.73 4.91 -20.59
N GLY A 73 10.97 4.79 -19.29
CA GLY A 73 12.31 4.55 -18.81
C GLY A 73 12.75 5.58 -17.78
N CYS A 74 11.92 5.79 -16.77
CA CYS A 74 12.22 6.75 -15.70
C CYS A 74 12.55 6.03 -14.40
N PRO A 75 13.82 6.10 -13.99
CA PRO A 75 14.29 5.47 -12.76
C PRO A 75 13.74 6.15 -11.51
N PHE A 76 13.15 7.33 -11.69
CA PHE A 76 12.58 8.08 -10.58
C PHE A 76 11.55 7.25 -9.83
N THR A 77 11.66 7.23 -8.51
CA THR A 77 10.73 6.48 -7.67
C THR A 77 10.26 7.31 -6.48
N MET A 78 8.94 7.39 -6.31
CA MET A 78 8.37 8.15 -5.21
C MET A 78 6.92 7.76 -4.97
N ALA A 79 6.27 8.44 -4.04
CA ALA A 79 4.86 8.15 -3.72
C ALA A 79 3.96 8.41 -4.92
N ARG A 80 2.92 7.60 -5.06
CA ARG A 80 1.98 7.73 -6.17
C ARG A 80 1.39 9.15 -6.20
N ASN A 81 1.46 9.84 -5.07
CA ASN A 81 0.92 11.19 -4.97
C ASN A 81 2.00 12.22 -5.26
N LYS A 82 3.24 11.88 -4.94
CA LYS A 82 4.37 12.78 -5.17
C LYS A 82 4.77 12.79 -6.64
N VAL A 83 4.43 11.71 -7.34
CA VAL A 83 4.75 11.60 -8.77
C VAL A 83 4.48 12.91 -9.49
N ALA A 84 3.46 13.63 -9.04
CA ALA A 84 3.10 14.90 -9.65
C ALA A 84 4.28 15.86 -9.67
N GLU A 85 4.71 16.30 -8.49
CA GLU A 85 5.83 17.22 -8.38
C GLU A 85 6.98 16.79 -9.29
N HIS A 86 7.24 15.50 -9.34
CA HIS A 86 8.30 14.95 -10.17
C HIS A 86 7.97 15.11 -11.66
N LEU A 87 6.71 14.83 -12.00
CA LEU A 87 6.26 14.93 -13.38
C LEU A 87 6.59 16.30 -13.97
N GLU A 88 6.56 17.32 -13.11
CA GLU A 88 6.86 18.69 -13.54
C GLU A 88 8.26 18.78 -14.13
N MET A 89 9.22 18.13 -13.47
CA MET A 89 10.61 18.15 -13.93
C MET A 89 11.03 16.76 -14.39
N CYS A 90 10.06 15.94 -14.80
CA CYS A 90 10.33 14.59 -15.27
C CYS A 90 10.68 14.58 -16.75
N PRO A 91 11.74 13.84 -17.10
CA PRO A 91 12.21 13.73 -18.49
C PRO A 91 11.24 12.94 -19.36
N ALA A 92 10.66 11.89 -18.79
CA ALA A 92 9.71 11.06 -19.53
C ALA A 92 8.50 11.87 -19.98
N SER A 93 8.06 12.78 -19.13
CA SER A 93 6.90 13.62 -19.44
C SER A 93 7.09 14.30 -20.80
N VAL A 94 8.32 14.35 -21.28
CA VAL A 94 8.63 14.98 -22.55
C VAL A 94 7.70 16.16 -22.82
N SER A 95 7.41 16.93 -21.78
CA SER A 95 6.54 18.09 -21.90
C SER A 95 7.30 19.38 -21.63
N GLY A 96 7.19 20.32 -22.56
CA GLY A 96 7.89 21.58 -22.40
C GLY A 96 6.97 22.68 -21.87
N PRO A 97 7.52 23.91 -21.75
CA PRO A 97 6.77 25.05 -21.25
C PRO A 97 5.70 25.53 -22.24
N SER A 98 4.49 25.02 -22.06
CA SER A 98 3.38 25.39 -22.95
C SER A 98 3.81 25.33 -24.41
N SER A 99 4.57 24.29 -24.76
CA SER A 99 5.05 24.12 -26.13
C SER A 99 3.92 23.66 -27.05
N GLY A 100 3.15 22.68 -26.57
CA GLY A 100 2.05 22.15 -27.35
C GLY A 100 2.08 20.64 -27.45
N GLY A 1 5.49 -32.93 31.77
CA GLY A 1 4.73 -32.18 30.80
C GLY A 1 4.50 -32.96 29.50
N SER A 2 4.38 -32.23 28.39
CA SER A 2 4.16 -32.86 27.11
C SER A 2 4.24 -31.83 25.98
N SER A 3 4.38 -32.32 24.74
CA SER A 3 4.49 -31.44 23.59
C SER A 3 4.42 -32.25 22.29
N GLY A 4 3.97 -31.60 21.22
CA GLY A 4 3.87 -32.27 19.94
C GLY A 4 2.83 -31.64 19.03
N SER A 5 3.18 -31.46 17.77
CA SER A 5 2.27 -30.85 16.80
C SER A 5 2.64 -31.26 15.38
N SER A 6 1.74 -30.99 14.44
CA SER A 6 1.97 -31.33 13.04
C SER A 6 2.38 -30.09 12.24
N GLY A 7 1.54 -29.04 12.32
CA GLY A 7 1.83 -27.81 11.60
C GLY A 7 1.16 -27.78 10.24
N MET A 8 -0.13 -28.10 10.21
CA MET A 8 -0.88 -28.09 8.95
C MET A 8 -2.12 -27.21 9.06
N GLU A 9 -1.90 -25.90 9.04
CA GLU A 9 -2.99 -24.94 9.13
C GLU A 9 -2.71 -23.70 8.29
N GLU A 10 -3.74 -23.21 7.61
CA GLU A 10 -3.60 -22.03 6.76
C GLU A 10 -4.42 -20.87 7.32
N GLU A 11 -3.91 -19.66 7.11
CA GLU A 11 -4.60 -18.46 7.59
C GLU A 11 -5.16 -17.64 6.43
N LEU A 12 -6.46 -17.38 6.47
CA LEU A 12 -7.12 -16.62 5.42
C LEU A 12 -7.52 -15.24 5.92
N GLN A 13 -7.92 -14.37 5.00
CA GLN A 13 -8.34 -13.02 5.35
C GLN A 13 -9.41 -13.04 6.42
N HIS A 14 -9.58 -11.91 7.11
CA HIS A 14 -10.58 -11.80 8.17
C HIS A 14 -11.95 -11.45 7.58
N SER A 15 -12.98 -12.14 8.05
CA SER A 15 -14.34 -11.93 7.58
C SER A 15 -14.77 -10.48 7.84
N HIS A 16 -14.92 -10.14 9.11
CA HIS A 16 -15.33 -8.79 9.50
C HIS A 16 -14.56 -7.74 8.69
N CYS A 17 -13.25 -7.88 8.64
CA CYS A 17 -12.40 -6.95 7.91
C CYS A 17 -12.86 -6.84 6.45
N VAL A 18 -12.74 -7.94 5.72
CA VAL A 18 -13.14 -7.96 4.31
C VAL A 18 -14.52 -7.34 4.12
N ASN A 19 -15.28 -7.27 5.20
CA ASN A 19 -16.62 -6.71 5.16
C ASN A 19 -16.66 -5.33 5.81
N CYS A 20 -15.62 -5.03 6.59
CA CYS A 20 -15.53 -3.75 7.29
C CYS A 20 -14.96 -2.67 6.36
N VAL A 21 -15.75 -1.62 6.15
CA VAL A 21 -15.31 -0.51 5.29
C VAL A 21 -15.06 0.74 6.10
N SER A 22 -15.91 1.00 7.08
CA SER A 22 -15.78 2.18 7.93
C SER A 22 -14.34 2.36 8.39
N ARG A 23 -14.01 3.57 8.82
CA ARG A 23 -12.67 3.87 9.29
C ARG A 23 -12.60 3.88 10.81
N ARG A 24 -13.60 4.50 11.44
CA ARG A 24 -13.65 4.57 12.90
C ARG A 24 -14.21 3.28 13.48
N CYS A 25 -13.77 2.15 12.94
CA CYS A 25 -14.23 0.85 13.41
C CYS A 25 -13.61 0.50 14.75
N MET A 26 -14.45 0.11 15.71
CA MET A 26 -13.98 -0.23 17.04
C MET A 26 -14.51 -1.61 17.47
N THR A 27 -14.48 -2.56 16.54
CA THR A 27 -14.97 -3.90 16.81
C THR A 27 -13.89 -4.75 17.48
N ARG A 28 -14.30 -5.59 18.41
CA ARG A 28 -13.38 -6.46 19.14
C ARG A 28 -12.59 -7.33 18.16
N PRO A 29 -11.26 -7.21 18.19
CA PRO A 29 -10.37 -7.99 17.33
C PRO A 29 -10.33 -9.46 17.70
N GLU A 30 -10.89 -10.30 16.83
CA GLU A 30 -10.93 -11.74 17.08
C GLU A 30 -9.81 -12.44 16.32
N PRO A 31 -9.50 -13.68 16.73
CA PRO A 31 -8.44 -14.49 16.10
C PRO A 31 -8.83 -14.95 14.70
N GLY A 32 -9.91 -14.38 14.18
CA GLY A 32 -10.37 -14.75 12.84
C GLY A 32 -11.37 -13.76 12.28
N ILE A 33 -12.45 -13.53 13.02
CA ILE A 33 -13.48 -12.60 12.58
C ILE A 33 -12.89 -11.24 12.24
N SER A 34 -12.51 -10.50 13.27
CA SER A 34 -11.94 -9.16 13.09
C SER A 34 -10.55 -9.09 13.72
N CYS A 35 -9.79 -8.07 13.33
CA CYS A 35 -8.44 -7.88 13.86
C CYS A 35 -8.23 -6.42 14.28
N ASP A 36 -7.15 -6.18 15.01
CA ASP A 36 -6.83 -4.84 15.48
C ASP A 36 -6.62 -3.89 14.30
N LEU A 37 -6.97 -2.62 14.50
CA LEU A 37 -6.83 -1.62 13.46
C LEU A 37 -5.54 -0.82 13.64
N ILE A 38 -4.97 -0.37 12.53
CA ILE A 38 -3.73 0.41 12.57
C ILE A 38 -3.75 1.52 11.52
N GLY A 39 -3.26 2.70 11.91
CA GLY A 39 -3.22 3.82 11.00
C GLY A 39 -2.08 3.73 10.01
N CYS A 40 -2.36 4.04 8.74
CA CYS A 40 -1.35 3.99 7.70
C CYS A 40 0.02 4.42 8.24
N PRO A 41 1.06 3.64 7.90
CA PRO A 41 2.43 3.93 8.34
C PRO A 41 3.02 5.16 7.67
N LEU A 42 2.27 5.72 6.72
CA LEU A 42 2.71 6.91 6.00
C LEU A 42 1.84 8.11 6.33
N VAL A 43 1.15 8.03 7.47
CA VAL A 43 0.27 9.11 7.92
C VAL A 43 -0.54 9.66 6.74
N CYS A 44 -0.96 8.78 5.85
CA CYS A 44 -1.74 9.18 4.69
C CYS A 44 -3.08 9.77 5.12
N GLY A 45 -3.58 9.34 6.28
CA GLY A 45 -4.84 9.82 6.78
C GLY A 45 -5.97 8.82 6.59
N ALA A 46 -5.68 7.55 6.82
CA ALA A 46 -6.68 6.50 6.67
C ALA A 46 -6.42 5.35 7.64
N VAL A 47 -7.46 4.92 8.34
CA VAL A 47 -7.34 3.83 9.30
C VAL A 47 -7.91 2.54 8.74
N PHE A 48 -7.06 1.53 8.58
CA PHE A 48 -7.48 0.24 8.05
C PHE A 48 -6.95 -0.90 8.92
N HIS A 49 -7.59 -2.06 8.82
CA HIS A 49 -7.19 -3.23 9.58
C HIS A 49 -5.77 -3.66 9.21
N SER A 50 -4.92 -3.82 10.22
CA SER A 50 -3.53 -4.22 10.00
C SER A 50 -3.43 -5.21 8.83
N CYS A 51 -4.39 -6.13 8.76
CA CYS A 51 -4.42 -7.13 7.70
C CYS A 51 -4.73 -6.49 6.36
N LYS A 52 -5.71 -5.60 6.34
CA LYS A 52 -6.12 -4.92 5.13
C LYS A 52 -5.00 -4.02 4.61
N ALA A 53 -4.21 -3.48 5.54
CA ALA A 53 -3.10 -2.61 5.17
C ALA A 53 -2.37 -3.12 3.93
N ASP A 54 -1.79 -4.31 4.04
CA ASP A 54 -1.07 -4.91 2.92
C ASP A 54 -1.77 -4.61 1.60
N GLU A 55 -3.09 -4.55 1.63
CA GLU A 55 -3.89 -4.27 0.44
C GLU A 55 -4.08 -2.77 0.25
N HIS A 56 -4.29 -2.07 1.35
CA HIS A 56 -4.48 -0.61 1.30
C HIS A 56 -3.28 0.08 0.68
N ARG A 57 -2.09 -0.24 1.19
CA ARG A 57 -0.86 0.36 0.68
C ARG A 57 -0.87 0.41 -0.85
N LEU A 58 -1.39 -0.66 -1.46
CA LEU A 58 -1.45 -0.74 -2.92
C LEU A 58 -2.19 0.46 -3.49
N LEU A 59 -3.29 0.84 -2.85
CA LEU A 59 -4.08 1.98 -3.31
C LEU A 59 -3.52 3.29 -2.75
N CYS A 60 -3.30 3.33 -1.44
CA CYS A 60 -2.76 4.52 -0.80
C CYS A 60 -1.81 5.26 -1.73
N PRO A 61 -2.02 6.58 -1.86
CA PRO A 61 -1.19 7.43 -2.72
C PRO A 61 0.22 7.61 -2.15
N PHE A 62 0.34 7.58 -0.83
CA PHE A 62 1.62 7.74 -0.17
C PHE A 62 2.57 6.60 -0.52
N GLU A 63 2.00 5.39 -0.64
CA GLU A 63 2.79 4.21 -0.97
C GLU A 63 3.78 4.51 -2.10
N ARG A 64 4.99 3.99 -1.97
CA ARG A 64 6.03 4.21 -2.98
C ARG A 64 5.64 3.57 -4.30
N VAL A 65 5.62 4.37 -5.36
CA VAL A 65 5.27 3.88 -6.69
C VAL A 65 6.24 4.42 -7.75
N PRO A 66 6.46 3.61 -8.80
CA PRO A 66 7.36 3.98 -9.90
C PRO A 66 6.80 5.10 -10.76
N CYS A 67 7.68 5.95 -11.26
CA CYS A 67 7.27 7.08 -12.10
C CYS A 67 6.28 6.62 -13.17
N LEU A 68 5.18 7.37 -13.29
CA LEU A 68 4.15 7.04 -14.28
C LEU A 68 4.77 6.48 -15.55
N ASN A 69 5.73 7.22 -16.11
CA ASN A 69 6.40 6.79 -17.33
C ASN A 69 7.53 5.83 -17.03
N SER A 70 7.30 4.94 -16.05
CA SER A 70 8.30 3.96 -15.65
C SER A 70 8.70 3.08 -16.84
N ASP A 71 7.71 2.67 -17.62
CA ASP A 71 7.96 1.83 -18.79
C ASP A 71 9.17 2.32 -19.57
N PHE A 72 9.25 3.63 -19.76
CA PHE A 72 10.37 4.24 -20.49
C PHE A 72 11.70 3.83 -19.87
N GLY A 73 11.73 3.74 -18.55
CA GLY A 73 12.94 3.37 -17.85
C GLY A 73 13.34 4.38 -16.79
N CYS A 74 12.34 4.91 -16.08
CA CYS A 74 12.61 5.89 -15.03
C CYS A 74 12.77 5.21 -13.68
N PRO A 75 14.01 5.21 -13.17
CA PRO A 75 14.33 4.60 -11.88
C PRO A 75 13.75 5.38 -10.70
N PHE A 76 13.30 6.60 -10.98
CA PHE A 76 12.71 7.44 -9.94
C PHE A 76 11.47 6.79 -9.35
N THR A 77 11.36 6.84 -8.02
CA THR A 77 10.22 6.25 -7.33
C THR A 77 9.75 7.15 -6.18
N MET A 78 8.45 7.39 -6.11
CA MET A 78 7.88 8.23 -5.07
C MET A 78 6.38 7.96 -4.92
N ALA A 79 5.74 8.71 -4.02
CA ALA A 79 4.32 8.56 -3.78
C ALA A 79 3.51 8.99 -5.00
N ARG A 80 2.38 8.31 -5.23
CA ARG A 80 1.53 8.62 -6.37
C ARG A 80 1.16 10.10 -6.38
N ASN A 81 0.77 10.62 -5.22
CA ASN A 81 0.39 12.02 -5.10
C ASN A 81 1.62 12.92 -5.11
N LYS A 82 2.77 12.33 -5.36
CA LYS A 82 4.03 13.08 -5.40
C LYS A 82 4.69 12.96 -6.77
N VAL A 83 4.36 11.89 -7.48
CA VAL A 83 4.93 11.67 -8.81
C VAL A 83 4.83 12.92 -9.68
N ALA A 84 3.66 13.54 -9.67
CA ALA A 84 3.43 14.76 -10.45
C ALA A 84 4.64 15.69 -10.37
N GLU A 85 4.89 16.22 -9.18
CA GLU A 85 6.02 17.13 -8.98
C GLU A 85 7.26 16.64 -9.73
N HIS A 86 7.52 15.35 -9.63
CA HIS A 86 8.68 14.76 -10.31
C HIS A 86 8.53 14.83 -11.83
N LEU A 87 7.37 14.39 -12.33
CA LEU A 87 7.10 14.41 -13.76
C LEU A 87 7.59 15.71 -14.38
N GLU A 88 7.49 16.81 -13.64
CA GLU A 88 7.92 18.11 -14.13
C GLU A 88 9.40 18.07 -14.51
N MET A 89 10.21 17.50 -13.63
CA MET A 89 11.65 17.40 -13.87
C MET A 89 12.03 15.99 -14.30
N CYS A 90 11.06 15.25 -14.81
CA CYS A 90 11.30 13.88 -15.26
C CYS A 90 11.74 13.85 -16.73
N PRO A 91 12.80 13.08 -17.01
CA PRO A 91 13.34 12.95 -18.36
C PRO A 91 12.40 12.18 -19.29
N ALA A 92 11.94 11.03 -18.84
CA ALA A 92 11.03 10.20 -19.62
C ALA A 92 9.83 11.00 -20.10
N SER A 93 9.45 12.00 -19.31
CA SER A 93 8.31 12.86 -19.66
C SER A 93 8.72 13.98 -20.61
N VAL A 94 9.58 13.63 -21.58
CA VAL A 94 10.04 14.60 -22.55
C VAL A 94 8.91 15.48 -23.05
N SER A 95 7.69 14.96 -22.97
CA SER A 95 6.52 15.70 -23.42
C SER A 95 5.53 15.91 -22.27
N GLY A 96 6.07 16.35 -21.12
CA GLY A 96 5.23 16.58 -19.96
C GLY A 96 4.53 17.93 -20.02
N PRO A 97 4.47 18.62 -18.87
CA PRO A 97 3.83 19.92 -18.76
C PRO A 97 4.61 21.02 -19.48
N SER A 98 5.71 20.62 -20.13
CA SER A 98 6.55 21.57 -20.85
C SER A 98 5.71 22.71 -21.44
N SER A 99 6.08 23.94 -21.09
CA SER A 99 5.37 25.10 -21.57
C SER A 99 5.69 25.37 -23.03
N GLY A 100 6.98 25.52 -23.34
CA GLY A 100 7.39 25.77 -24.71
C GLY A 100 7.31 24.54 -25.59
N GLY A 1 16.31 -33.32 -14.16
CA GLY A 1 16.76 -32.47 -13.06
C GLY A 1 15.64 -32.18 -12.07
N SER A 2 15.98 -32.23 -10.78
CA SER A 2 14.99 -31.98 -9.73
C SER A 2 15.67 -31.39 -8.49
N SER A 3 15.14 -30.28 -8.01
CA SER A 3 15.69 -29.60 -6.84
C SER A 3 14.76 -28.49 -6.36
N GLY A 4 14.93 -28.09 -5.10
CA GLY A 4 14.11 -27.04 -4.54
C GLY A 4 13.75 -27.30 -3.09
N SER A 5 13.93 -26.29 -2.25
CA SER A 5 13.63 -26.40 -0.83
C SER A 5 13.25 -25.05 -0.24
N SER A 6 11.99 -24.90 0.15
CA SER A 6 11.49 -23.66 0.73
C SER A 6 10.16 -23.88 1.44
N GLY A 7 10.08 -23.42 2.68
CA GLY A 7 8.86 -23.57 3.46
C GLY A 7 8.47 -22.30 4.18
N MET A 8 7.37 -21.68 3.74
CA MET A 8 6.89 -20.46 4.35
C MET A 8 5.40 -20.55 4.66
N GLU A 9 4.87 -19.49 5.27
CA GLU A 9 3.45 -19.46 5.62
C GLU A 9 2.71 -18.38 4.83
N GLU A 10 1.48 -18.68 4.44
CA GLU A 10 0.68 -17.75 3.66
C GLU A 10 -0.27 -16.97 4.58
N GLU A 11 -0.35 -15.66 4.35
CA GLU A 11 -1.22 -14.80 5.16
C GLU A 11 -2.68 -14.96 4.74
N LEU A 12 -3.53 -15.25 5.71
CA LEU A 12 -4.96 -15.42 5.44
C LEU A 12 -5.70 -14.09 5.57
N GLN A 13 -7.01 -14.12 5.31
CA GLN A 13 -7.83 -12.92 5.40
C GLN A 13 -8.75 -12.99 6.61
N HIS A 14 -9.50 -11.91 6.84
CA HIS A 14 -10.42 -11.84 7.96
C HIS A 14 -11.85 -11.64 7.47
N SER A 15 -12.69 -12.66 7.68
CA SER A 15 -14.08 -12.59 7.26
C SER A 15 -14.65 -11.19 7.47
N HIS A 16 -14.35 -10.60 8.62
CA HIS A 16 -14.84 -9.28 8.95
C HIS A 16 -14.15 -8.22 8.08
N CYS A 17 -12.84 -8.05 8.29
CA CYS A 17 -12.07 -7.07 7.52
C CYS A 17 -12.42 -7.15 6.04
N VAL A 18 -12.30 -8.35 5.47
CA VAL A 18 -12.60 -8.54 4.06
C VAL A 18 -13.93 -7.89 3.68
N ASN A 19 -14.81 -7.75 4.66
CA ASN A 19 -16.12 -7.15 4.42
C ASN A 19 -16.30 -5.90 5.29
N CYS A 20 -15.21 -5.16 5.49
CA CYS A 20 -15.26 -3.95 6.30
C CYS A 20 -14.71 -2.76 5.53
N VAL A 21 -15.39 -1.62 5.64
CA VAL A 21 -14.98 -0.40 4.95
C VAL A 21 -14.96 0.79 5.91
N SER A 22 -15.85 0.77 6.89
CA SER A 22 -15.93 1.85 7.86
C SER A 22 -14.55 2.20 8.40
N ARG A 23 -14.16 3.46 8.24
CA ARG A 23 -12.86 3.92 8.71
C ARG A 23 -12.77 3.82 10.23
N ARG A 24 -13.76 4.35 10.92
CA ARG A 24 -13.79 4.32 12.37
C ARG A 24 -14.47 3.06 12.88
N CYS A 25 -14.17 1.94 12.23
CA CYS A 25 -14.75 0.65 12.61
C CYS A 25 -14.35 0.27 14.04
N MET A 26 -15.28 0.43 14.96
CA MET A 26 -15.03 0.09 16.36
C MET A 26 -15.52 -1.31 16.69
N THR A 27 -15.20 -2.26 15.83
CA THR A 27 -15.61 -3.64 16.02
C THR A 27 -14.56 -4.43 16.79
N ARG A 28 -14.96 -5.00 17.92
CA ARG A 28 -14.05 -5.77 18.76
C ARG A 28 -13.18 -6.68 17.91
N PRO A 29 -11.86 -6.48 18.00
CA PRO A 29 -10.88 -7.27 17.24
C PRO A 29 -10.79 -8.72 17.74
N GLU A 30 -11.37 -9.63 16.97
CA GLU A 30 -11.36 -11.05 17.32
C GLU A 30 -10.26 -11.79 16.56
N PRO A 31 -9.60 -12.73 17.24
CA PRO A 31 -8.52 -13.54 16.66
C PRO A 31 -9.04 -14.53 15.62
N GLY A 32 -9.13 -14.09 14.37
CA GLY A 32 -9.60 -14.94 13.30
C GLY A 32 -10.72 -14.31 12.50
N ILE A 33 -11.58 -13.56 13.18
CA ILE A 33 -12.69 -12.89 12.53
C ILE A 33 -12.32 -11.48 12.09
N SER A 34 -11.87 -10.67 13.06
CA SER A 34 -11.48 -9.30 12.78
C SER A 34 -10.29 -8.89 13.63
N CYS A 35 -9.36 -8.16 13.03
CA CYS A 35 -8.17 -7.69 13.75
C CYS A 35 -8.30 -6.22 14.13
N ASP A 36 -7.41 -5.77 15.01
CA ASP A 36 -7.43 -4.39 15.46
C ASP A 36 -6.97 -3.45 14.36
N LEU A 37 -7.57 -2.25 14.33
CA LEU A 37 -7.22 -1.26 13.31
C LEU A 37 -5.92 -0.56 13.67
N ILE A 38 -5.12 -0.25 12.65
CA ILE A 38 -3.84 0.44 12.85
C ILE A 38 -3.64 1.54 11.82
N GLY A 39 -3.28 2.73 12.29
CA GLY A 39 -3.05 3.84 11.39
C GLY A 39 -1.93 3.58 10.39
N CYS A 40 -2.06 4.13 9.19
CA CYS A 40 -1.06 3.94 8.16
C CYS A 40 0.33 4.35 8.65
N PRO A 41 1.33 3.51 8.38
CA PRO A 41 2.71 3.75 8.79
C PRO A 41 3.34 4.91 8.03
N LEU A 42 2.62 5.43 7.04
CA LEU A 42 3.11 6.54 6.24
C LEU A 42 2.30 7.81 6.51
N VAL A 43 1.59 7.82 7.62
CA VAL A 43 0.78 8.97 8.01
C VAL A 43 0.03 9.54 6.80
N CYS A 44 -0.39 8.65 5.91
CA CYS A 44 -1.12 9.06 4.71
C CYS A 44 -2.46 9.68 5.08
N GLY A 45 -2.98 9.32 6.26
CA GLY A 45 -4.25 9.85 6.71
C GLY A 45 -5.40 8.90 6.44
N ALA A 46 -5.23 7.64 6.83
CA ALA A 46 -6.26 6.63 6.63
C ALA A 46 -6.19 5.55 7.70
N VAL A 47 -7.34 4.99 8.05
CA VAL A 47 -7.41 3.94 9.05
C VAL A 47 -7.91 2.63 8.45
N PHE A 48 -7.05 1.62 8.48
CA PHE A 48 -7.41 0.31 7.94
C PHE A 48 -6.99 -0.81 8.90
N HIS A 49 -7.50 -2.01 8.65
CA HIS A 49 -7.19 -3.17 9.49
C HIS A 49 -5.75 -3.62 9.27
N SER A 50 -5.03 -3.83 10.37
CA SER A 50 -3.65 -4.26 10.30
C SER A 50 -3.42 -5.17 9.10
N CYS A 51 -4.35 -6.10 8.88
CA CYS A 51 -4.25 -7.04 7.77
C CYS A 51 -4.49 -6.33 6.44
N LYS A 52 -5.53 -5.50 6.39
CA LYS A 52 -5.86 -4.76 5.18
C LYS A 52 -4.70 -3.87 4.75
N ALA A 53 -4.00 -3.29 5.72
CA ALA A 53 -2.87 -2.43 5.45
C ALA A 53 -2.12 -2.90 4.21
N ASP A 54 -1.87 -4.20 4.12
CA ASP A 54 -1.15 -4.77 2.98
C ASP A 54 -1.83 -4.36 1.66
N GLU A 55 -3.14 -4.54 1.59
CA GLU A 55 -3.89 -4.19 0.39
C GLU A 55 -4.06 -2.68 0.28
N HIS A 56 -4.14 -2.00 1.42
CA HIS A 56 -4.31 -0.56 1.45
C HIS A 56 -3.16 0.13 0.72
N ARG A 57 -1.93 -0.19 1.11
CA ARG A 57 -0.74 0.40 0.49
C ARG A 57 -0.95 0.59 -1.01
N LEU A 58 -1.40 -0.47 -1.67
CA LEU A 58 -1.65 -0.43 -3.11
C LEU A 58 -2.27 0.90 -3.52
N LEU A 59 -3.31 1.31 -2.80
CA LEU A 59 -3.99 2.56 -3.08
C LEU A 59 -3.31 3.72 -2.37
N CYS A 60 -2.87 3.49 -1.13
CA CYS A 60 -2.21 4.51 -0.34
C CYS A 60 -1.40 5.44 -1.24
N PRO A 61 -1.80 6.72 -1.25
CA PRO A 61 -1.13 7.75 -2.06
C PRO A 61 0.26 8.09 -1.53
N PHE A 62 0.66 7.42 -0.45
CA PHE A 62 1.97 7.65 0.15
C PHE A 62 2.93 6.53 -0.20
N GLU A 63 2.48 5.29 -0.03
CA GLU A 63 3.30 4.13 -0.34
C GLU A 63 4.21 4.40 -1.54
N ARG A 64 5.41 3.82 -1.51
CA ARG A 64 6.36 4.01 -2.59
C ARG A 64 5.85 3.38 -3.88
N VAL A 65 5.86 4.15 -4.95
CA VAL A 65 5.41 3.67 -6.26
C VAL A 65 6.28 4.22 -7.38
N PRO A 66 6.41 3.42 -8.46
CA PRO A 66 7.21 3.80 -9.63
C PRO A 66 6.58 4.95 -10.42
N CYS A 67 7.42 5.79 -11.01
CA CYS A 67 6.95 6.93 -11.78
C CYS A 67 5.89 6.49 -12.79
N LEU A 68 4.78 7.23 -12.84
CA LEU A 68 3.69 6.92 -13.76
C LEU A 68 4.22 6.47 -15.11
N ASN A 69 5.23 7.18 -15.61
CA ASN A 69 5.84 6.86 -16.90
C ASN A 69 6.88 5.75 -16.75
N SER A 70 6.57 4.77 -15.92
CA SER A 70 7.47 3.65 -15.68
C SER A 70 7.78 2.91 -16.97
N ASP A 71 6.73 2.64 -17.75
CA ASP A 71 6.89 1.93 -19.02
C ASP A 71 8.07 2.50 -19.81
N PHE A 72 8.13 3.82 -19.91
CA PHE A 72 9.20 4.47 -20.64
C PHE A 72 10.56 4.03 -20.13
N GLY A 73 10.65 3.80 -18.82
CA GLY A 73 11.89 3.38 -18.22
C GLY A 73 12.43 4.38 -17.21
N CYS A 74 11.54 4.86 -16.34
CA CYS A 74 11.92 5.84 -15.33
C CYS A 74 12.25 5.15 -14.01
N PRO A 75 13.55 5.14 -13.65
CA PRO A 75 14.03 4.52 -12.42
C PRO A 75 13.59 5.29 -11.17
N PHE A 76 13.03 6.48 -11.39
CA PHE A 76 12.57 7.31 -10.28
C PHE A 76 11.35 6.68 -9.60
N THR A 77 11.33 6.74 -8.27
CA THR A 77 10.23 6.17 -7.50
C THR A 77 9.88 7.07 -6.32
N MET A 78 8.58 7.30 -6.12
CA MET A 78 8.11 8.13 -5.02
C MET A 78 6.64 7.86 -4.72
N ALA A 79 6.07 8.63 -3.80
CA ALA A 79 4.67 8.47 -3.43
C ALA A 79 3.75 8.77 -4.60
N ARG A 80 2.65 8.04 -4.69
CA ARG A 80 1.69 8.23 -5.77
C ARG A 80 1.29 9.70 -5.90
N ASN A 81 1.37 10.42 -4.80
CA ASN A 81 1.03 11.84 -4.78
C ASN A 81 2.25 12.71 -5.02
N LYS A 82 3.43 12.10 -4.88
CA LYS A 82 4.68 12.82 -5.08
C LYS A 82 5.26 12.54 -6.47
N VAL A 83 4.45 11.91 -7.32
CA VAL A 83 4.86 11.60 -8.68
C VAL A 83 4.78 12.82 -9.58
N ALA A 84 3.85 13.71 -9.28
CA ALA A 84 3.67 14.93 -10.06
C ALA A 84 4.90 15.82 -9.99
N GLU A 85 5.21 16.32 -8.79
CA GLU A 85 6.36 17.18 -8.59
C GLU A 85 7.57 16.66 -9.37
N HIS A 86 7.67 15.35 -9.47
CA HIS A 86 8.78 14.72 -10.19
C HIS A 86 8.51 14.71 -11.70
N LEU A 87 7.25 14.50 -12.07
CA LEU A 87 6.87 14.47 -13.48
C LEU A 87 7.39 15.70 -14.21
N GLU A 88 7.24 16.86 -13.59
CA GLU A 88 7.70 18.11 -14.19
C GLU A 88 9.15 18.01 -14.63
N MET A 89 9.99 17.43 -13.78
CA MET A 89 11.40 17.27 -14.08
C MET A 89 11.66 15.92 -14.74
N CYS A 90 10.66 15.04 -14.69
CA CYS A 90 10.78 13.71 -15.28
C CYS A 90 11.03 13.80 -16.78
N PRO A 91 12.13 13.17 -17.23
CA PRO A 91 12.51 13.18 -18.65
C PRO A 91 11.56 12.33 -19.50
N ALA A 92 11.10 11.22 -18.94
CA ALA A 92 10.19 10.32 -19.65
C ALA A 92 8.94 11.07 -20.11
N SER A 93 8.59 12.13 -19.38
CA SER A 93 7.42 12.93 -19.71
C SER A 93 7.74 13.96 -20.80
N VAL A 94 8.59 13.56 -21.75
CA VAL A 94 8.98 14.45 -22.83
C VAL A 94 9.12 15.88 -22.35
N SER A 95 9.67 16.04 -21.16
CA SER A 95 9.86 17.36 -20.57
C SER A 95 11.35 17.69 -20.45
N GLY A 96 11.75 18.81 -21.05
CA GLY A 96 13.14 19.22 -21.00
C GLY A 96 13.50 19.89 -19.69
N PRO A 97 14.54 20.75 -19.71
CA PRO A 97 15.01 21.47 -18.52
C PRO A 97 14.01 22.52 -18.05
N SER A 98 13.22 22.17 -17.03
CA SER A 98 12.23 23.09 -16.49
C SER A 98 12.48 23.34 -15.00
N SER A 99 12.39 24.61 -14.61
CA SER A 99 12.61 24.99 -13.22
C SER A 99 11.28 25.30 -12.52
N GLY A 100 11.27 25.14 -11.20
CA GLY A 100 10.06 25.39 -10.44
C GLY A 100 9.99 24.57 -9.17
N GLY A 1 18.04 -40.78 20.43
CA GLY A 1 18.21 -39.57 19.65
C GLY A 1 17.21 -39.46 18.51
N SER A 2 16.79 -38.24 18.21
CA SER A 2 15.83 -38.01 17.13
C SER A 2 16.04 -36.63 16.50
N SER A 3 15.52 -36.45 15.30
CA SER A 3 15.65 -35.19 14.58
C SER A 3 14.39 -34.88 13.77
N GLY A 4 13.97 -33.63 13.81
CA GLY A 4 12.78 -33.23 13.08
C GLY A 4 12.30 -31.84 13.47
N SER A 5 11.90 -31.05 12.48
CA SER A 5 11.42 -29.70 12.73
C SER A 5 10.62 -29.18 11.53
N SER A 6 9.51 -28.51 11.81
CA SER A 6 8.66 -27.96 10.75
C SER A 6 7.61 -27.03 11.34
N GLY A 7 6.87 -26.34 10.46
CA GLY A 7 5.85 -25.43 10.91
C GLY A 7 5.26 -24.63 9.77
N MET A 8 3.93 -24.51 9.74
CA MET A 8 3.25 -23.76 8.70
C MET A 8 2.37 -22.67 9.31
N GLU A 9 2.66 -21.42 8.96
CA GLU A 9 1.89 -20.29 9.46
C GLU A 9 1.61 -19.28 8.35
N GLU A 10 0.32 -19.05 8.08
CA GLU A 10 -0.09 -18.11 7.05
C GLU A 10 -1.41 -17.44 7.41
N GLU A 11 -1.44 -16.12 7.31
CA GLU A 11 -2.65 -15.35 7.63
C GLU A 11 -3.43 -15.02 6.36
N LEU A 12 -4.74 -15.13 6.44
CA LEU A 12 -5.61 -14.84 5.30
C LEU A 12 -6.59 -13.72 5.62
N GLN A 13 -7.36 -13.30 4.62
CA GLN A 13 -8.33 -12.23 4.81
C GLN A 13 -9.24 -12.52 6.00
N HIS A 14 -10.02 -11.52 6.41
CA HIS A 14 -10.93 -11.67 7.53
C HIS A 14 -12.38 -11.53 7.08
N SER A 15 -13.23 -12.45 7.55
CA SER A 15 -14.64 -12.43 7.18
C SER A 15 -15.27 -11.08 7.51
N HIS A 16 -14.77 -10.43 8.57
CA HIS A 16 -15.28 -9.14 8.99
C HIS A 16 -14.62 -8.01 8.20
N CYS A 17 -13.33 -7.79 8.44
CA CYS A 17 -12.58 -6.75 7.77
C CYS A 17 -12.95 -6.69 6.28
N VAL A 18 -12.98 -7.86 5.64
CA VAL A 18 -13.31 -7.95 4.23
C VAL A 18 -14.49 -7.03 3.89
N ASN A 19 -15.49 -7.02 4.76
CA ASN A 19 -16.67 -6.19 4.55
C ASN A 19 -16.73 -5.07 5.58
N CYS A 20 -15.58 -4.47 5.87
CA CYS A 20 -15.50 -3.38 6.83
C CYS A 20 -14.80 -2.16 6.22
N VAL A 21 -15.47 -1.02 6.27
CA VAL A 21 -14.91 0.22 5.72
C VAL A 21 -15.02 1.35 6.72
N SER A 22 -15.02 1.01 8.01
CA SER A 22 -15.12 1.99 9.07
C SER A 22 -13.74 2.31 9.66
N ARG A 23 -13.38 3.59 9.66
CA ARG A 23 -12.09 4.00 10.18
C ARG A 23 -11.98 3.72 11.67
N ARG A 24 -12.96 4.19 12.43
CA ARG A 24 -12.99 3.99 13.88
C ARG A 24 -13.76 2.72 14.22
N CYS A 25 -13.69 1.73 13.34
CA CYS A 25 -14.38 0.46 13.56
C CYS A 25 -14.29 0.04 15.03
N MET A 26 -15.41 0.20 15.75
CA MET A 26 -15.46 -0.16 17.17
C MET A 26 -15.94 -1.60 17.33
N THR A 27 -15.40 -2.50 16.52
CA THR A 27 -15.78 -3.91 16.59
C THR A 27 -14.72 -4.72 17.32
N ARG A 28 -15.16 -5.53 18.28
CA ARG A 28 -14.26 -6.36 19.06
C ARG A 28 -13.39 -7.22 18.15
N PRO A 29 -12.07 -6.98 18.19
CA PRO A 29 -11.10 -7.72 17.37
C PRO A 29 -10.96 -9.18 17.82
N GLU A 30 -11.52 -10.10 17.04
CA GLU A 30 -11.45 -11.51 17.36
C GLU A 30 -10.21 -12.15 16.75
N PRO A 31 -9.83 -13.32 17.26
CA PRO A 31 -8.66 -14.06 16.78
C PRO A 31 -8.85 -14.62 15.38
N GLY A 32 -9.90 -14.16 14.70
CA GLY A 32 -10.18 -14.62 13.36
C GLY A 32 -11.12 -13.69 12.61
N ILE A 33 -12.27 -13.43 13.21
CA ILE A 33 -13.26 -12.55 12.59
C ILE A 33 -12.69 -11.16 12.35
N SER A 34 -12.62 -10.35 13.40
CA SER A 34 -12.10 -9.00 13.30
C SER A 34 -10.73 -8.89 13.98
N CYS A 35 -9.90 -7.97 13.50
CA CYS A 35 -8.57 -7.76 14.05
C CYS A 35 -8.37 -6.31 14.45
N ASP A 36 -7.28 -6.05 15.16
CA ASP A 36 -6.97 -4.69 15.60
C ASP A 36 -6.76 -3.76 14.41
N LEU A 37 -6.89 -2.46 14.65
CA LEU A 37 -6.71 -1.47 13.60
C LEU A 37 -5.38 -0.75 13.74
N ILE A 38 -4.84 -0.29 12.62
CA ILE A 38 -3.57 0.41 12.62
C ILE A 38 -3.52 1.46 11.51
N GLY A 39 -3.18 2.70 11.88
CA GLY A 39 -3.11 3.76 10.91
C GLY A 39 -1.97 3.58 9.93
N CYS A 40 -2.22 3.91 8.66
CA CYS A 40 -1.22 3.77 7.62
C CYS A 40 0.16 4.16 8.14
N PRO A 41 1.17 3.33 7.84
CA PRO A 41 2.56 3.57 8.27
C PRO A 41 3.19 4.75 7.54
N LEU A 42 2.40 5.41 6.70
CA LEU A 42 2.89 6.57 5.94
C LEU A 42 2.05 7.81 6.25
N VAL A 43 1.32 7.76 7.35
CA VAL A 43 0.48 8.88 7.76
C VAL A 43 -0.31 9.43 6.58
N CYS A 44 -0.72 8.54 5.68
CA CYS A 44 -1.49 8.93 4.51
C CYS A 44 -2.83 9.53 4.91
N GLY A 45 -3.33 9.15 6.08
CA GLY A 45 -4.59 9.67 6.56
C GLY A 45 -5.74 8.70 6.33
N ALA A 46 -5.55 7.46 6.76
CA ALA A 46 -6.58 6.43 6.60
C ALA A 46 -6.39 5.31 7.62
N VAL A 47 -7.49 4.90 8.25
CA VAL A 47 -7.45 3.84 9.25
C VAL A 47 -8.03 2.55 8.69
N PHE A 48 -7.20 1.52 8.60
CA PHE A 48 -7.64 0.23 8.09
C PHE A 48 -7.12 -0.91 8.97
N HIS A 49 -7.81 -2.05 8.91
CA HIS A 49 -7.42 -3.21 9.70
C HIS A 49 -6.01 -3.66 9.37
N SER A 50 -5.19 -3.86 10.40
CA SER A 50 -3.81 -4.28 10.22
C SER A 50 -3.69 -5.21 9.01
N CYS A 51 -4.64 -6.14 8.88
CA CYS A 51 -4.64 -7.08 7.77
C CYS A 51 -4.85 -6.37 6.44
N LYS A 52 -5.84 -5.48 6.41
CA LYS A 52 -6.16 -4.72 5.20
C LYS A 52 -4.93 -3.96 4.70
N ALA A 53 -4.17 -3.38 5.64
CA ALA A 53 -2.98 -2.63 5.30
C ALA A 53 -2.27 -3.24 4.08
N ASP A 54 -1.88 -4.50 4.22
CA ASP A 54 -1.19 -5.20 3.13
C ASP A 54 -1.75 -4.79 1.77
N GLU A 55 -3.07 -4.85 1.65
CA GLU A 55 -3.73 -4.48 0.40
C GLU A 55 -3.80 -2.96 0.24
N HIS A 56 -4.33 -2.29 1.26
CA HIS A 56 -4.45 -0.83 1.24
C HIS A 56 -3.21 -0.20 0.63
N ARG A 57 -2.04 -0.60 1.12
CA ARG A 57 -0.77 -0.07 0.62
C ARG A 57 -0.77 -0.01 -0.91
N LEU A 58 -1.33 -1.04 -1.53
CA LEU A 58 -1.38 -1.12 -2.98
C LEU A 58 -2.03 0.13 -3.56
N LEU A 59 -3.16 0.54 -2.98
CA LEU A 59 -3.88 1.72 -3.45
C LEU A 59 -3.25 2.99 -2.88
N CYS A 60 -3.10 3.03 -1.56
CA CYS A 60 -2.51 4.18 -0.89
C CYS A 60 -1.49 4.88 -1.79
N PRO A 61 -1.62 6.20 -1.94
CA PRO A 61 -0.72 7.00 -2.76
C PRO A 61 0.68 7.11 -2.17
N PHE A 62 0.74 7.43 -0.87
CA PHE A 62 2.02 7.57 -0.18
C PHE A 62 2.95 6.41 -0.53
N GLU A 63 2.39 5.20 -0.61
CA GLU A 63 3.17 4.02 -0.94
C GLU A 63 4.15 4.31 -2.07
N ARG A 64 5.38 3.84 -1.93
CA ARG A 64 6.41 4.04 -2.94
C ARG A 64 5.98 3.45 -4.28
N VAL A 65 6.07 4.26 -5.32
CA VAL A 65 5.69 3.83 -6.66
C VAL A 65 6.60 4.44 -7.72
N PRO A 66 6.90 3.65 -8.77
CA PRO A 66 7.76 4.10 -9.86
C PRO A 66 7.10 5.17 -10.73
N CYS A 67 7.91 6.08 -11.25
CA CYS A 67 7.40 7.15 -12.10
C CYS A 67 6.38 6.61 -13.10
N LEU A 68 5.30 7.37 -13.30
CA LEU A 68 4.25 6.98 -14.24
C LEU A 68 4.85 6.50 -15.56
N ASN A 69 5.93 7.16 -15.99
CA ASN A 69 6.58 6.80 -17.24
C ASN A 69 7.75 5.84 -16.98
N SER A 70 7.59 4.99 -15.98
CA SER A 70 8.63 4.03 -15.62
C SER A 70 8.92 3.08 -16.79
N ASP A 71 7.87 2.70 -17.50
CA ASP A 71 8.01 1.81 -18.64
C ASP A 71 9.05 2.32 -19.62
N PHE A 72 9.24 3.64 -19.63
CA PHE A 72 10.21 4.27 -20.53
C PHE A 72 11.63 4.05 -20.02
N GLY A 73 11.81 4.08 -18.70
CA GLY A 73 13.12 3.89 -18.12
C GLY A 73 13.46 4.94 -17.10
N CYS A 74 12.47 5.35 -16.31
CA CYS A 74 12.68 6.37 -15.29
C CYS A 74 12.96 5.73 -13.93
N PRO A 75 14.21 5.91 -13.45
CA PRO A 75 14.64 5.35 -12.16
C PRO A 75 13.96 6.04 -10.98
N PHE A 76 13.58 7.30 -11.17
CA PHE A 76 12.93 8.07 -10.11
C PHE A 76 11.80 7.26 -9.46
N THR A 77 11.76 7.28 -8.14
CA THR A 77 10.75 6.54 -7.40
C THR A 77 10.23 7.37 -6.22
N MET A 78 8.90 7.49 -6.13
CA MET A 78 8.28 8.24 -5.05
C MET A 78 6.80 7.90 -4.94
N ALA A 79 6.11 8.57 -4.01
CA ALA A 79 4.69 8.32 -3.80
C ALA A 79 3.89 8.62 -5.06
N ARG A 80 2.75 7.94 -5.21
CA ARG A 80 1.89 8.13 -6.36
C ARG A 80 1.35 9.56 -6.42
N ASN A 81 1.07 10.12 -5.25
CA ASN A 81 0.54 11.48 -5.16
C ASN A 81 1.68 12.50 -5.15
N LYS A 82 2.89 12.03 -5.41
CA LYS A 82 4.07 12.90 -5.42
C LYS A 82 4.75 12.86 -6.79
N VAL A 83 4.50 11.79 -7.54
CA VAL A 83 5.10 11.63 -8.86
C VAL A 83 4.93 12.90 -9.69
N ALA A 84 3.73 13.46 -9.67
CA ALA A 84 3.44 14.68 -10.42
C ALA A 84 4.58 15.69 -10.29
N GLU A 85 4.80 16.17 -9.08
CA GLU A 85 5.85 17.14 -8.81
C GLU A 85 7.11 16.79 -9.60
N HIS A 86 7.30 15.51 -9.86
CA HIS A 86 8.47 15.04 -10.60
C HIS A 86 8.18 15.01 -12.10
N LEU A 87 6.97 14.60 -12.46
CA LEU A 87 6.57 14.53 -13.86
C LEU A 87 6.92 15.82 -14.60
N GLU A 88 6.55 16.95 -14.01
CA GLU A 88 6.83 18.24 -14.61
C GLU A 88 8.31 18.38 -14.95
N MET A 89 9.16 17.77 -14.12
CA MET A 89 10.60 17.82 -14.34
C MET A 89 11.14 16.46 -14.76
N CYS A 90 10.23 15.55 -15.11
CA CYS A 90 10.62 14.21 -15.54
C CYS A 90 11.07 14.21 -17.00
N PRO A 91 12.17 13.51 -17.27
CA PRO A 91 12.74 13.41 -18.62
C PRO A 91 11.86 12.59 -19.56
N ALA A 92 11.50 11.39 -19.10
CA ALA A 92 10.67 10.49 -19.90
C ALA A 92 9.35 11.17 -20.28
N SER A 93 8.94 12.13 -19.48
CA SER A 93 7.69 12.85 -19.73
C SER A 93 7.77 13.63 -21.04
N VAL A 94 8.98 13.83 -21.53
CA VAL A 94 9.20 14.55 -22.78
C VAL A 94 8.18 15.67 -22.94
N SER A 95 7.80 16.29 -21.83
CA SER A 95 6.82 17.37 -21.86
C SER A 95 7.52 18.73 -21.92
N GLY A 96 6.75 19.77 -22.20
CA GLY A 96 7.30 21.12 -22.29
C GLY A 96 8.25 21.28 -23.46
N PRO A 97 8.61 22.53 -23.75
CA PRO A 97 9.50 22.86 -24.87
C PRO A 97 10.94 22.41 -24.60
N SER A 98 11.21 22.02 -23.37
CA SER A 98 12.55 21.56 -22.98
C SER A 98 12.71 20.07 -23.25
N SER A 99 12.99 19.73 -24.49
CA SER A 99 13.17 18.33 -24.89
C SER A 99 14.41 18.17 -25.75
N GLY A 100 15.16 17.09 -25.51
CA GLY A 100 16.36 16.83 -26.28
C GLY A 100 16.71 15.36 -26.33
N GLY A 1 22.81 -28.68 -5.93
CA GLY A 1 21.80 -28.09 -5.07
C GLY A 1 21.50 -28.96 -3.86
N SER A 2 22.17 -28.65 -2.74
CA SER A 2 21.98 -29.41 -1.51
C SER A 2 21.86 -28.48 -0.31
N SER A 3 21.58 -29.05 0.86
CA SER A 3 21.43 -28.27 2.08
C SER A 3 20.79 -26.91 1.78
N GLY A 4 19.77 -26.92 0.94
CA GLY A 4 19.08 -25.70 0.58
C GLY A 4 17.59 -25.77 0.84
N SER A 5 17.05 -24.78 1.55
CA SER A 5 15.63 -24.74 1.86
C SER A 5 15.09 -23.32 1.74
N SER A 6 13.80 -23.22 1.46
CA SER A 6 13.15 -21.92 1.31
C SER A 6 11.72 -21.95 1.85
N GLY A 7 11.16 -20.78 2.11
CA GLY A 7 9.81 -20.70 2.63
C GLY A 7 9.28 -19.28 2.66
N MET A 8 7.97 -19.13 2.79
CA MET A 8 7.34 -17.81 2.84
C MET A 8 6.04 -17.86 3.62
N GLU A 9 5.51 -16.69 3.94
CA GLU A 9 4.26 -16.60 4.69
C GLU A 9 3.36 -15.48 4.13
N GLU A 10 2.14 -15.42 4.64
CA GLU A 10 1.19 -14.40 4.19
C GLU A 10 -0.08 -14.44 5.03
N GLU A 11 -0.67 -13.26 5.26
CA GLU A 11 -1.89 -13.16 6.05
C GLU A 11 -3.13 -13.46 5.19
N LEU A 12 -4.19 -13.90 5.85
CA LEU A 12 -5.43 -14.22 5.14
C LEU A 12 -6.49 -13.15 5.39
N GLN A 13 -7.61 -13.26 4.70
CA GLN A 13 -8.70 -12.30 4.84
C GLN A 13 -9.45 -12.53 6.15
N HIS A 14 -10.21 -11.52 6.57
CA HIS A 14 -10.98 -11.61 7.81
C HIS A 14 -12.47 -11.47 7.54
N SER A 15 -13.25 -12.42 8.06
CA SER A 15 -14.70 -12.41 7.87
C SER A 15 -15.27 -11.01 8.12
N HIS A 16 -14.70 -10.32 9.09
CA HIS A 16 -15.15 -8.97 9.43
C HIS A 16 -14.52 -7.93 8.49
N CYS A 17 -13.22 -7.72 8.64
CA CYS A 17 -12.50 -6.76 7.82
C CYS A 17 -12.97 -6.84 6.36
N VAL A 18 -13.02 -8.06 5.84
CA VAL A 18 -13.44 -8.27 4.46
C VAL A 18 -14.63 -7.39 4.10
N ASN A 19 -15.58 -7.27 5.04
CA ASN A 19 -16.77 -6.45 4.83
C ASN A 19 -16.74 -5.21 5.70
N CYS A 20 -15.55 -4.61 5.82
CA CYS A 20 -15.38 -3.40 6.63
C CYS A 20 -14.65 -2.33 5.84
N VAL A 21 -15.22 -1.12 5.82
CA VAL A 21 -14.62 -0.01 5.10
C VAL A 21 -14.38 1.17 6.03
N SER A 22 -15.38 1.47 6.87
CA SER A 22 -15.29 2.57 7.81
C SER A 22 -13.93 2.60 8.50
N ARG A 23 -13.25 3.73 8.42
CA ARG A 23 -11.93 3.87 9.04
C ARG A 23 -12.04 3.97 10.54
N ARG A 24 -13.17 4.49 11.02
CA ARG A 24 -13.42 4.65 12.44
C ARG A 24 -14.08 3.40 13.02
N CYS A 25 -13.70 2.24 12.51
CA CYS A 25 -14.26 0.98 12.97
C CYS A 25 -13.75 0.62 14.36
N MET A 26 -14.65 0.19 15.23
CA MET A 26 -14.30 -0.18 16.60
C MET A 26 -14.94 -1.49 16.99
N THR A 27 -14.62 -2.55 16.23
CA THR A 27 -15.18 -3.88 16.50
C THR A 27 -14.15 -4.76 17.21
N ARG A 28 -14.58 -5.44 18.26
CA ARG A 28 -13.71 -6.31 19.03
C ARG A 28 -12.97 -7.27 18.10
N PRO A 29 -11.64 -7.20 18.12
CA PRO A 29 -10.78 -8.06 17.29
C PRO A 29 -10.80 -9.51 17.75
N GLU A 30 -11.17 -10.41 16.84
CA GLU A 30 -11.23 -11.83 17.15
C GLU A 30 -10.30 -12.63 16.24
N PRO A 31 -9.88 -13.81 16.73
CA PRO A 31 -8.98 -14.69 15.99
C PRO A 31 -9.65 -15.32 14.78
N GLY A 32 -9.76 -14.54 13.69
CA GLY A 32 -10.38 -15.05 12.48
C GLY A 32 -11.47 -14.12 11.97
N ILE A 33 -12.24 -13.55 12.89
CA ILE A 33 -13.32 -12.65 12.52
C ILE A 33 -12.80 -11.25 12.22
N SER A 34 -12.43 -10.51 13.27
CA SER A 34 -11.92 -9.17 13.11
C SER A 34 -10.53 -9.05 13.74
N CYS A 35 -9.83 -7.97 13.40
CA CYS A 35 -8.49 -7.73 13.93
C CYS A 35 -8.31 -6.26 14.32
N ASP A 36 -7.37 -6.00 15.22
CA ASP A 36 -7.09 -4.65 15.67
C ASP A 36 -6.83 -3.72 14.48
N LEU A 37 -7.20 -2.46 14.63
CA LEU A 37 -7.00 -1.47 13.57
C LEU A 37 -5.71 -0.70 13.78
N ILE A 38 -5.02 -0.39 12.68
CA ILE A 38 -3.77 0.35 12.74
C ILE A 38 -3.72 1.44 11.68
N GLY A 39 -3.20 2.60 12.06
CA GLY A 39 -3.11 3.72 11.13
C GLY A 39 -1.94 3.57 10.17
N CYS A 40 -2.18 3.94 8.91
CA CYS A 40 -1.14 3.84 7.89
C CYS A 40 0.22 4.25 8.45
N PRO A 41 1.25 3.44 8.15
CA PRO A 41 2.62 3.69 8.62
C PRO A 41 3.24 4.92 7.94
N LEU A 42 2.49 5.53 7.04
CA LEU A 42 2.97 6.70 6.32
C LEU A 42 2.14 7.94 6.66
N VAL A 43 1.42 7.86 7.77
CA VAL A 43 0.58 8.97 8.21
C VAL A 43 -0.21 9.56 7.05
N CYS A 44 -0.63 8.69 6.13
CA CYS A 44 -1.40 9.12 4.97
C CYS A 44 -2.75 9.69 5.39
N GLY A 45 -3.22 9.27 6.57
CA GLY A 45 -4.50 9.75 7.07
C GLY A 45 -5.63 8.78 6.78
N ALA A 46 -5.46 7.53 7.18
CA ALA A 46 -6.47 6.51 6.96
C ALA A 46 -6.30 5.34 7.93
N VAL A 47 -7.40 4.97 8.59
CA VAL A 47 -7.37 3.87 9.55
C VAL A 47 -7.98 2.61 8.95
N PHE A 48 -7.17 1.56 8.83
CA PHE A 48 -7.63 0.30 8.28
C PHE A 48 -7.16 -0.87 9.14
N HIS A 49 -7.70 -2.05 8.87
CA HIS A 49 -7.33 -3.25 9.61
C HIS A 49 -5.90 -3.69 9.28
N SER A 50 -5.09 -3.85 10.32
CA SER A 50 -3.70 -4.26 10.15
C SER A 50 -3.56 -5.21 8.97
N CYS A 51 -4.52 -6.14 8.85
CA CYS A 51 -4.50 -7.12 7.77
C CYS A 51 -4.72 -6.44 6.41
N LYS A 52 -5.70 -5.55 6.36
CA LYS A 52 -6.02 -4.84 5.12
C LYS A 52 -4.84 -3.97 4.69
N ALA A 53 -4.09 -3.46 5.67
CA ALA A 53 -2.93 -2.62 5.38
C ALA A 53 -2.19 -3.10 4.15
N ASP A 54 -1.80 -4.37 4.16
CA ASP A 54 -1.07 -4.95 3.04
C ASP A 54 -1.69 -4.52 1.70
N GLU A 55 -3.02 -4.55 1.64
CA GLU A 55 -3.72 -4.17 0.42
C GLU A 55 -3.82 -2.65 0.30
N HIS A 56 -4.23 -2.00 1.40
CA HIS A 56 -4.36 -0.55 1.42
C HIS A 56 -3.13 0.12 0.81
N ARG A 57 -1.96 -0.21 1.35
CA ARG A 57 -0.71 0.35 0.86
C ARG A 57 -0.73 0.47 -0.66
N LEU A 58 -1.23 -0.57 -1.33
CA LEU A 58 -1.29 -0.58 -2.78
C LEU A 58 -2.04 0.65 -3.30
N LEU A 59 -3.13 0.99 -2.63
CA LEU A 59 -3.94 2.15 -3.03
C LEU A 59 -3.34 3.44 -2.47
N CYS A 60 -2.99 3.44 -1.19
CA CYS A 60 -2.41 4.60 -0.55
C CYS A 60 -1.53 5.38 -1.51
N PRO A 61 -1.76 6.70 -1.58
CA PRO A 61 -1.00 7.59 -2.48
C PRO A 61 0.45 7.76 -2.02
N PHE A 62 0.67 7.58 -0.72
CA PHE A 62 2.01 7.72 -0.15
C PHE A 62 2.89 6.52 -0.53
N GLU A 63 2.26 5.35 -0.62
CA GLU A 63 2.99 4.13 -0.97
C GLU A 63 4.00 4.39 -2.07
N ARG A 64 5.25 4.00 -1.83
CA ARG A 64 6.31 4.20 -2.81
C ARG A 64 5.98 3.50 -4.12
N VAL A 65 5.95 4.28 -5.20
CA VAL A 65 5.65 3.74 -6.52
C VAL A 65 6.55 4.34 -7.58
N PRO A 66 6.85 3.57 -8.63
CA PRO A 66 7.70 4.00 -9.74
C PRO A 66 7.03 5.07 -10.60
N CYS A 67 7.83 5.97 -11.15
CA CYS A 67 7.32 7.03 -12.01
C CYS A 67 6.32 6.48 -13.02
N LEU A 68 5.17 7.13 -13.12
CA LEU A 68 4.13 6.70 -14.06
C LEU A 68 4.75 6.16 -15.34
N ASN A 69 5.68 6.93 -15.90
CA ASN A 69 6.35 6.52 -17.14
C ASN A 69 7.52 5.58 -16.85
N SER A 70 7.25 4.56 -16.04
CA SER A 70 8.28 3.58 -15.69
C SER A 70 8.69 2.75 -16.90
N ASP A 71 7.71 2.31 -17.66
CA ASP A 71 7.98 1.51 -18.86
C ASP A 71 9.12 2.11 -19.67
N PHE A 72 9.22 3.43 -19.65
CA PHE A 72 10.27 4.13 -20.40
C PHE A 72 11.64 3.83 -19.81
N GLY A 73 11.71 3.77 -18.48
CA GLY A 73 12.97 3.48 -17.81
C GLY A 73 13.36 4.58 -16.83
N CYS A 74 12.37 5.14 -16.16
CA CYS A 74 12.61 6.20 -15.19
C CYS A 74 12.97 5.62 -13.82
N PRO A 75 14.24 5.79 -13.42
CA PRO A 75 14.74 5.30 -12.14
C PRO A 75 14.16 6.06 -10.95
N PHE A 76 13.31 7.04 -11.25
CA PHE A 76 12.68 7.84 -10.20
C PHE A 76 11.57 7.06 -9.50
N THR A 77 11.59 7.08 -8.17
CA THR A 77 10.58 6.38 -7.39
C THR A 77 10.07 7.24 -6.23
N MET A 78 8.75 7.37 -6.15
CA MET A 78 8.15 8.17 -5.09
C MET A 78 6.66 7.83 -4.93
N ALA A 79 6.00 8.52 -4.01
CA ALA A 79 4.58 8.29 -3.77
C ALA A 79 3.76 8.49 -5.04
N ARG A 80 2.55 7.94 -5.06
CA ARG A 80 1.67 8.05 -6.22
C ARG A 80 1.17 9.49 -6.37
N ASN A 81 1.22 10.24 -5.28
CA ASN A 81 0.77 11.63 -5.30
C ASN A 81 1.94 12.58 -5.53
N LYS A 82 3.15 12.07 -5.33
CA LYS A 82 4.36 12.87 -5.52
C LYS A 82 4.87 12.76 -6.95
N VAL A 83 4.38 11.76 -7.67
CA VAL A 83 4.79 11.53 -9.05
C VAL A 83 4.54 12.78 -9.90
N ALA A 84 3.54 13.56 -9.50
CA ALA A 84 3.20 14.79 -10.22
C ALA A 84 4.35 15.80 -10.18
N GLU A 85 4.76 16.17 -8.97
CA GLU A 85 5.85 17.12 -8.78
C GLU A 85 7.08 16.70 -9.58
N HIS A 86 7.19 15.40 -9.84
CA HIS A 86 8.32 14.86 -10.60
C HIS A 86 7.99 14.78 -12.08
N LEU A 87 6.71 14.57 -12.40
CA LEU A 87 6.27 14.47 -13.78
C LEU A 87 6.59 15.75 -14.55
N GLU A 88 6.40 16.89 -13.89
CA GLU A 88 6.66 18.18 -14.50
C GLU A 88 8.15 18.34 -14.82
N MET A 89 8.98 17.61 -14.09
CA MET A 89 10.43 17.67 -14.30
C MET A 89 10.97 16.29 -14.68
N CYS A 90 10.08 15.39 -15.07
CA CYS A 90 10.47 14.04 -15.46
C CYS A 90 10.91 14.00 -16.92
N PRO A 91 11.98 13.25 -17.21
CA PRO A 91 12.52 13.10 -18.56
C PRO A 91 11.59 12.30 -19.47
N ALA A 92 11.17 11.14 -19.00
CA ALA A 92 10.28 10.29 -19.77
C ALA A 92 9.05 11.05 -20.24
N SER A 93 8.72 12.12 -19.53
CA SER A 93 7.56 12.95 -19.86
C SER A 93 7.94 14.02 -20.88
N VAL A 94 8.76 13.64 -21.85
CA VAL A 94 9.19 14.58 -22.89
C VAL A 94 8.07 15.55 -23.26
N SER A 95 6.86 15.03 -23.36
CA SER A 95 5.70 15.85 -23.71
C SER A 95 6.07 16.87 -24.78
N GLY A 96 6.81 16.43 -25.79
CA GLY A 96 7.22 17.31 -26.86
C GLY A 96 6.18 17.41 -27.96
N PRO A 97 6.07 18.60 -28.57
CA PRO A 97 5.10 18.85 -29.64
C PRO A 97 5.47 18.12 -30.93
N SER A 98 4.91 16.92 -31.10
CA SER A 98 5.19 16.11 -32.28
C SER A 98 4.40 16.63 -33.49
N SER A 99 3.08 16.67 -33.35
CA SER A 99 2.22 17.14 -34.43
C SER A 99 2.63 18.53 -34.89
N GLY A 100 2.92 19.41 -33.94
CA GLY A 100 3.33 20.76 -34.27
C GLY A 100 2.78 21.79 -33.30
N GLY A 1 22.50 -34.41 25.68
CA GLY A 1 21.76 -33.23 25.28
C GLY A 1 21.12 -33.37 23.91
N SER A 2 19.87 -32.92 23.80
CA SER A 2 19.14 -33.02 22.54
C SER A 2 17.92 -32.11 22.55
N SER A 3 17.82 -31.23 21.56
CA SER A 3 16.71 -30.30 21.47
C SER A 3 15.98 -30.46 20.14
N GLY A 4 14.75 -29.95 20.08
CA GLY A 4 13.96 -30.05 18.85
C GLY A 4 12.64 -29.31 18.96
N SER A 5 12.43 -28.37 18.05
CA SER A 5 11.20 -27.59 18.04
C SER A 5 10.85 -27.14 16.62
N SER A 6 9.56 -27.13 16.31
CA SER A 6 9.09 -26.74 14.98
C SER A 6 7.65 -26.24 15.05
N GLY A 7 7.34 -25.25 14.21
CA GLY A 7 5.99 -24.70 14.19
C GLY A 7 5.74 -23.87 12.94
N MET A 8 4.54 -24.03 12.37
CA MET A 8 4.18 -23.28 11.17
C MET A 8 2.70 -22.87 11.22
N GLU A 9 2.46 -21.56 11.19
CA GLU A 9 1.10 -21.04 11.23
C GLU A 9 0.96 -19.83 10.31
N GLU A 10 -0.23 -19.66 9.74
CA GLU A 10 -0.50 -18.55 8.84
C GLU A 10 -1.77 -17.82 9.25
N GLU A 11 -2.06 -16.70 8.57
CA GLU A 11 -3.24 -15.91 8.88
C GLU A 11 -4.11 -15.74 7.63
N LEU A 12 -5.40 -15.93 7.79
CA LEU A 12 -6.35 -15.80 6.68
C LEU A 12 -7.16 -14.52 6.80
N GLN A 13 -8.02 -14.27 5.83
CA GLN A 13 -8.86 -13.08 5.83
C GLN A 13 -9.70 -13.00 7.10
N HIS A 14 -10.37 -11.88 7.29
CA HIS A 14 -11.21 -11.67 8.47
C HIS A 14 -12.65 -11.37 8.05
N SER A 15 -13.54 -12.33 8.27
CA SER A 15 -14.95 -12.16 7.92
C SER A 15 -15.38 -10.70 8.09
N HIS A 16 -15.05 -10.12 9.24
CA HIS A 16 -15.40 -8.74 9.52
C HIS A 16 -14.66 -7.79 8.59
N CYS A 17 -13.34 -7.72 8.73
CA CYS A 17 -12.52 -6.85 7.91
C CYS A 17 -12.93 -6.94 6.44
N VAL A 18 -12.92 -8.15 5.91
CA VAL A 18 -13.30 -8.38 4.51
C VAL A 18 -14.59 -7.64 4.17
N ASN A 19 -15.42 -7.42 5.17
CA ASN A 19 -16.70 -6.72 4.99
C ASN A 19 -16.74 -5.44 5.80
N CYS A 20 -15.59 -4.77 5.91
CA CYS A 20 -15.51 -3.52 6.66
C CYS A 20 -14.73 -2.47 5.88
N VAL A 21 -15.39 -1.38 5.54
CA VAL A 21 -14.76 -0.30 4.79
C VAL A 21 -14.81 1.01 5.58
N SER A 22 -14.77 0.90 6.90
CA SER A 22 -14.80 2.07 7.77
C SER A 22 -13.42 2.38 8.34
N ARG A 23 -13.09 3.66 8.42
CA ARG A 23 -11.80 4.09 8.95
C ARG A 23 -11.83 4.20 10.46
N ARG A 24 -12.95 4.69 10.99
CA ARG A 24 -13.11 4.85 12.43
C ARG A 24 -13.80 3.63 13.04
N CYS A 25 -13.64 2.48 12.39
CA CYS A 25 -14.25 1.25 12.86
C CYS A 25 -13.79 0.92 14.28
N MET A 26 -14.75 0.71 15.17
CA MET A 26 -14.44 0.40 16.57
C MET A 26 -15.07 -0.93 16.97
N THR A 27 -14.81 -1.97 16.19
CA THR A 27 -15.36 -3.29 16.46
C THR A 27 -14.37 -4.14 17.27
N ARG A 28 -14.90 -4.99 18.14
CA ARG A 28 -14.07 -5.85 18.97
C ARG A 28 -13.32 -6.87 18.12
N PRO A 29 -11.98 -6.82 18.19
CA PRO A 29 -11.12 -7.73 17.43
C PRO A 29 -11.20 -9.17 17.94
N GLU A 30 -11.57 -10.09 17.06
CA GLU A 30 -11.69 -11.50 17.42
C GLU A 30 -10.75 -12.36 16.57
N PRO A 31 -10.35 -13.52 17.13
CA PRO A 31 -9.45 -14.45 16.44
C PRO A 31 -10.12 -15.13 15.25
N GLY A 32 -10.22 -14.41 14.14
CA GLY A 32 -10.82 -14.95 12.94
C GLY A 32 -11.89 -14.04 12.37
N ILE A 33 -12.64 -13.38 13.25
CA ILE A 33 -13.69 -12.47 12.83
C ILE A 33 -13.14 -11.09 12.47
N SER A 34 -12.71 -10.36 13.49
CA SER A 34 -12.15 -9.03 13.29
C SER A 34 -10.79 -8.90 13.95
N CYS A 35 -10.05 -7.86 13.58
CA CYS A 35 -8.71 -7.63 14.14
C CYS A 35 -8.52 -6.15 14.48
N ASP A 36 -7.55 -5.89 15.35
CA ASP A 36 -7.26 -4.52 15.77
C ASP A 36 -7.00 -3.62 14.56
N LEU A 37 -7.18 -2.33 14.74
CA LEU A 37 -6.96 -1.36 13.67
C LEU A 37 -5.65 -0.61 13.86
N ILE A 38 -4.97 -0.32 12.76
CA ILE A 38 -3.70 0.39 12.80
C ILE A 38 -3.64 1.47 11.72
N GLY A 39 -3.02 2.60 12.06
CA GLY A 39 -2.91 3.70 11.11
C GLY A 39 -1.77 3.49 10.13
N CYS A 40 -2.02 3.83 8.87
CA CYS A 40 -1.01 3.68 7.83
C CYS A 40 0.37 4.06 8.35
N PRO A 41 1.37 3.22 8.05
CA PRO A 41 2.75 3.45 8.47
C PRO A 41 3.40 4.62 7.74
N LEU A 42 2.71 5.14 6.73
CA LEU A 42 3.21 6.26 5.95
C LEU A 42 2.40 7.52 6.22
N VAL A 43 1.68 7.52 7.35
CA VAL A 43 0.86 8.67 7.73
C VAL A 43 0.09 9.22 6.52
N CYS A 44 -0.35 8.31 5.65
CA CYS A 44 -1.10 8.71 4.47
C CYS A 44 -2.43 9.35 4.86
N GLY A 45 -2.93 8.98 6.03
CA GLY A 45 -4.20 9.53 6.50
C GLY A 45 -5.35 8.58 6.25
N ALA A 46 -5.18 7.32 6.63
CA ALA A 46 -6.23 6.32 6.45
C ALA A 46 -6.10 5.20 7.48
N VAL A 47 -7.21 4.88 8.15
CA VAL A 47 -7.22 3.84 9.15
C VAL A 47 -7.80 2.55 8.60
N PHE A 48 -6.99 1.50 8.55
CA PHE A 48 -7.43 0.21 8.03
C PHE A 48 -6.97 -0.93 8.96
N HIS A 49 -7.67 -2.05 8.88
CA HIS A 49 -7.34 -3.21 9.71
C HIS A 49 -5.92 -3.69 9.44
N SER A 50 -5.16 -3.94 10.49
CA SER A 50 -3.79 -4.40 10.36
C SER A 50 -3.65 -5.35 9.18
N CYS A 51 -4.59 -6.28 9.06
CA CYS A 51 -4.57 -7.25 7.98
C CYS A 51 -4.84 -6.59 6.64
N LYS A 52 -5.77 -5.63 6.64
CA LYS A 52 -6.12 -4.91 5.41
C LYS A 52 -4.95 -4.04 4.94
N ALA A 53 -4.04 -3.75 5.86
CA ALA A 53 -2.87 -2.93 5.53
C ALA A 53 -2.10 -3.51 4.35
N ASP A 54 -1.97 -4.84 4.32
CA ASP A 54 -1.27 -5.52 3.24
C ASP A 54 -1.91 -5.23 1.90
N GLU A 55 -3.24 -5.07 1.91
CA GLU A 55 -3.98 -4.80 0.68
C GLU A 55 -4.10 -3.30 0.45
N HIS A 56 -4.08 -2.53 1.54
CA HIS A 56 -4.19 -1.08 1.45
C HIS A 56 -2.97 -0.48 0.76
N ARG A 57 -1.79 -0.88 1.20
CA ARG A 57 -0.55 -0.39 0.62
C ARG A 57 -0.63 -0.35 -0.91
N LEU A 58 -1.42 -1.27 -1.48
CA LEU A 58 -1.58 -1.35 -2.92
C LEU A 58 -2.18 -0.06 -3.47
N LEU A 59 -3.26 0.40 -2.86
CA LEU A 59 -3.91 1.63 -3.29
C LEU A 59 -3.23 2.86 -2.70
N CYS A 60 -2.90 2.79 -1.40
CA CYS A 60 -2.24 3.88 -0.72
C CYS A 60 -1.29 4.62 -1.67
N PRO A 61 -1.49 5.93 -1.80
CA PRO A 61 -0.67 6.78 -2.67
C PRO A 61 0.76 6.95 -2.13
N PHE A 62 0.86 7.26 -0.84
CA PHE A 62 2.15 7.46 -0.20
C PHE A 62 3.11 6.33 -0.56
N GLU A 63 2.58 5.11 -0.63
CA GLU A 63 3.38 3.94 -0.97
C GLU A 63 4.38 4.26 -2.08
N ARG A 64 5.60 3.76 -1.93
CA ARG A 64 6.65 4.00 -2.92
C ARG A 64 6.28 3.37 -4.26
N VAL A 65 6.29 4.19 -5.32
CA VAL A 65 5.97 3.71 -6.65
C VAL A 65 6.84 4.39 -7.70
N PRO A 66 7.18 3.63 -8.76
CA PRO A 66 8.01 4.14 -9.85
C PRO A 66 7.29 5.17 -10.70
N CYS A 67 8.04 6.14 -11.22
CA CYS A 67 7.46 7.19 -12.05
C CYS A 67 6.42 6.61 -13.00
N LEU A 68 5.25 7.25 -13.04
CA LEU A 68 4.17 6.80 -13.91
C LEU A 68 4.70 6.33 -15.25
N ASN A 69 5.64 7.08 -15.81
CA ASN A 69 6.25 6.73 -17.09
C ASN A 69 7.53 5.91 -16.89
N SER A 70 7.49 4.99 -15.94
CA SER A 70 8.64 4.15 -15.64
C SER A 70 9.04 3.33 -16.87
N ASP A 71 8.05 2.71 -17.50
CA ASP A 71 8.29 1.90 -18.68
C ASP A 71 9.30 2.57 -19.61
N PHE A 72 9.10 3.86 -19.86
CA PHE A 72 9.99 4.63 -20.72
C PHE A 72 11.45 4.48 -20.28
N GLY A 73 11.65 4.54 -18.97
CA GLY A 73 13.00 4.42 -18.43
C GLY A 73 13.32 5.50 -17.43
N CYS A 74 12.42 5.72 -16.47
CA CYS A 74 12.61 6.73 -15.45
C CYS A 74 12.90 6.09 -14.10
N PRO A 75 14.15 6.25 -13.62
CA PRO A 75 14.58 5.70 -12.34
C PRO A 75 13.92 6.40 -11.15
N PHE A 76 13.36 7.58 -11.41
CA PHE A 76 12.70 8.36 -10.37
C PHE A 76 11.66 7.52 -9.63
N THR A 77 11.69 7.56 -8.31
CA THR A 77 10.74 6.81 -7.49
C THR A 77 10.21 7.65 -6.34
N MET A 78 8.90 7.69 -6.20
CA MET A 78 8.26 8.47 -5.13
C MET A 78 6.82 8.03 -4.94
N ALA A 79 6.16 8.62 -3.94
CA ALA A 79 4.78 8.30 -3.65
C ALA A 79 3.88 8.54 -4.86
N ARG A 80 3.00 7.59 -5.14
CA ARG A 80 2.10 7.69 -6.29
C ARG A 80 1.57 9.12 -6.42
N ASN A 81 1.38 9.79 -5.30
CA ASN A 81 0.89 11.16 -5.30
C ASN A 81 2.00 12.15 -5.66
N LYS A 82 3.19 11.93 -5.08
CA LYS A 82 4.33 12.78 -5.34
C LYS A 82 4.69 12.78 -6.82
N VAL A 83 4.45 11.66 -7.49
CA VAL A 83 4.74 11.54 -8.91
C VAL A 83 4.33 12.78 -9.67
N ALA A 84 3.34 13.50 -9.13
CA ALA A 84 2.85 14.72 -9.76
C ALA A 84 3.96 15.76 -9.87
N GLU A 85 4.47 16.21 -8.72
CA GLU A 85 5.53 17.20 -8.69
C GLU A 85 6.69 16.79 -9.58
N HIS A 86 6.99 15.50 -9.59
CA HIS A 86 8.09 14.98 -10.40
C HIS A 86 7.76 15.09 -11.89
N LEU A 87 6.57 14.62 -12.26
CA LEU A 87 6.14 14.67 -13.65
C LEU A 87 6.42 16.05 -14.26
N GLU A 88 6.23 17.08 -13.46
CA GLU A 88 6.46 18.45 -13.91
C GLU A 88 7.87 18.61 -14.48
N MET A 89 8.84 18.02 -13.79
CA MET A 89 10.23 18.10 -14.23
C MET A 89 10.75 16.73 -14.64
N CYS A 90 9.83 15.83 -15.00
CA CYS A 90 10.19 14.49 -15.43
C CYS A 90 10.61 14.47 -16.88
N PRO A 91 11.75 13.79 -17.17
CA PRO A 91 12.28 13.68 -18.52
C PRO A 91 11.42 12.80 -19.42
N ALA A 92 10.99 11.66 -18.88
CA ALA A 92 10.15 10.74 -19.64
C ALA A 92 8.89 11.42 -20.14
N SER A 93 8.40 12.39 -19.37
CA SER A 93 7.19 13.11 -19.73
C SER A 93 7.35 13.81 -21.07
N VAL A 94 8.60 13.89 -21.54
CA VAL A 94 8.90 14.53 -22.82
C VAL A 94 7.87 15.61 -23.15
N SER A 95 7.63 16.50 -22.19
CA SER A 95 6.67 17.58 -22.38
C SER A 95 7.37 18.93 -22.45
N GLY A 96 7.45 19.47 -23.67
CA GLY A 96 8.10 20.76 -23.85
C GLY A 96 8.74 20.89 -25.23
N PRO A 97 9.17 22.11 -25.57
CA PRO A 97 9.81 22.39 -26.86
C PRO A 97 11.19 21.76 -26.98
N SER A 98 11.64 21.12 -25.90
CA SER A 98 12.94 20.47 -25.87
C SER A 98 13.06 19.43 -26.98
N SER A 99 14.28 19.16 -27.42
CA SER A 99 14.52 18.19 -28.48
C SER A 99 13.67 16.94 -28.26
N GLY A 100 13.78 16.35 -27.08
CA GLY A 100 13.02 15.15 -26.78
C GLY A 100 11.53 15.41 -26.73
N GLY A 1 6.54 -44.85 19.56
CA GLY A 1 6.49 -43.46 19.99
C GLY A 1 7.06 -42.52 18.93
N SER A 2 6.17 -41.86 18.19
CA SER A 2 6.58 -40.93 17.15
C SER A 2 5.62 -39.75 17.07
N SER A 3 5.99 -38.74 16.29
CA SER A 3 5.18 -37.54 16.13
C SER A 3 5.18 -37.08 14.68
N GLY A 4 4.33 -36.09 14.38
CA GLY A 4 4.24 -35.57 13.03
C GLY A 4 3.84 -34.11 13.00
N SER A 5 4.60 -33.30 12.25
CA SER A 5 4.31 -31.87 12.15
C SER A 5 4.40 -31.42 10.70
N SER A 6 3.55 -30.46 10.34
CA SER A 6 3.52 -29.93 8.99
C SER A 6 3.64 -28.41 8.99
N GLY A 7 4.07 -27.85 7.87
CA GLY A 7 4.22 -26.40 7.75
C GLY A 7 4.07 -25.91 6.33
N MET A 8 3.57 -24.69 6.18
CA MET A 8 3.37 -24.10 4.86
C MET A 8 3.00 -22.63 4.97
N GLU A 9 3.21 -21.89 3.90
CA GLU A 9 2.89 -20.46 3.87
C GLU A 9 1.46 -20.23 3.39
N GLU A 10 0.51 -20.34 4.31
CA GLU A 10 -0.90 -20.15 3.97
C GLU A 10 -1.67 -19.58 5.16
N GLU A 11 -2.04 -18.31 5.06
CA GLU A 11 -2.78 -17.64 6.12
C GLU A 11 -4.16 -17.20 5.64
N LEU A 12 -5.18 -17.48 6.44
CA LEU A 12 -6.55 -17.12 6.09
C LEU A 12 -6.74 -15.61 6.16
N GLN A 13 -7.96 -15.16 5.90
CA GLN A 13 -8.29 -13.73 5.94
C GLN A 13 -9.32 -13.43 7.00
N HIS A 14 -9.62 -12.15 7.19
CA HIS A 14 -10.60 -11.72 8.18
C HIS A 14 -11.90 -11.30 7.51
N SER A 15 -12.98 -12.05 7.77
CA SER A 15 -14.27 -11.75 7.19
C SER A 15 -14.70 -10.33 7.51
N HIS A 16 -14.75 -10.00 8.80
CA HIS A 16 -15.14 -8.67 9.24
C HIS A 16 -14.39 -7.60 8.47
N CYS A 17 -13.07 -7.59 8.62
CA CYS A 17 -12.22 -6.62 7.94
C CYS A 17 -12.37 -6.72 6.43
N VAL A 18 -12.58 -7.94 5.95
CA VAL A 18 -12.75 -8.19 4.52
C VAL A 18 -13.93 -7.41 3.97
N ASN A 19 -14.92 -7.14 4.82
CA ASN A 19 -16.10 -6.41 4.42
C ASN A 19 -16.40 -5.27 5.39
N CYS A 20 -15.35 -4.66 5.90
CA CYS A 20 -15.48 -3.55 6.85
C CYS A 20 -15.00 -2.24 6.22
N VAL A 21 -15.93 -1.52 5.59
CA VAL A 21 -15.61 -0.24 4.96
C VAL A 21 -15.73 0.91 5.96
N SER A 22 -15.48 0.62 7.23
CA SER A 22 -15.57 1.63 8.27
C SER A 22 -14.17 2.08 8.71
N ARG A 23 -13.95 3.38 8.73
CA ARG A 23 -12.67 3.93 9.13
C ARG A 23 -12.49 3.88 10.65
N ARG A 24 -13.37 4.60 11.35
CA ARG A 24 -13.32 4.63 12.81
C ARG A 24 -13.99 3.40 13.41
N CYS A 25 -13.76 2.25 12.79
CA CYS A 25 -14.34 1.00 13.26
C CYS A 25 -13.84 0.66 14.66
N MET A 26 -14.77 0.32 15.56
CA MET A 26 -14.43 -0.03 16.93
C MET A 26 -15.01 -1.39 17.30
N THR A 27 -14.98 -2.32 16.37
CA THR A 27 -15.51 -3.66 16.60
C THR A 27 -14.49 -4.55 17.29
N ARG A 28 -14.95 -5.36 18.24
CA ARG A 28 -14.07 -6.25 18.99
C ARG A 28 -13.28 -7.14 18.03
N PRO A 29 -11.95 -7.02 18.09
CA PRO A 29 -11.04 -7.80 17.24
C PRO A 29 -11.02 -9.27 17.61
N GLU A 30 -11.67 -10.10 16.80
CA GLU A 30 -11.73 -11.54 17.06
C GLU A 30 -10.45 -12.22 16.58
N PRO A 31 -10.25 -13.47 17.03
CA PRO A 31 -9.07 -14.27 16.67
C PRO A 31 -9.08 -14.69 15.20
N GLY A 32 -10.01 -14.12 14.43
CA GLY A 32 -10.11 -14.45 13.02
C GLY A 32 -11.05 -13.53 12.28
N ILE A 33 -12.30 -13.47 12.75
CA ILE A 33 -13.31 -12.63 12.12
C ILE A 33 -12.78 -11.22 11.88
N SER A 34 -12.43 -10.53 12.96
CA SER A 34 -11.91 -9.17 12.86
C SER A 34 -10.55 -9.06 13.56
N CYS A 35 -9.92 -7.90 13.42
CA CYS A 35 -8.61 -7.67 14.02
C CYS A 35 -8.46 -6.20 14.45
N ASP A 36 -7.42 -5.91 15.22
CA ASP A 36 -7.16 -4.56 15.68
C ASP A 36 -6.88 -3.63 14.51
N LEU A 37 -7.38 -2.40 14.60
CA LEU A 37 -7.18 -1.41 13.55
C LEU A 37 -5.90 -0.62 13.77
N ILE A 38 -5.19 -0.35 12.68
CA ILE A 38 -3.94 0.41 12.75
C ILE A 38 -3.89 1.50 11.68
N GLY A 39 -3.28 2.63 12.04
CA GLY A 39 -3.17 3.73 11.09
C GLY A 39 -2.03 3.55 10.12
N CYS A 40 -2.24 3.95 8.87
CA CYS A 40 -1.22 3.83 7.83
C CYS A 40 0.14 4.25 8.38
N PRO A 41 1.17 3.44 8.08
CA PRO A 41 2.54 3.71 8.52
C PRO A 41 3.16 4.90 7.81
N LEU A 42 2.47 5.40 6.79
CA LEU A 42 2.93 6.54 6.02
C LEU A 42 2.08 7.77 6.28
N VAL A 43 1.35 7.76 7.39
CA VAL A 43 0.49 8.87 7.76
C VAL A 43 -0.25 9.42 6.55
N CYS A 44 -0.65 8.52 5.66
CA CYS A 44 -1.38 8.91 4.46
C CYS A 44 -2.73 9.53 4.80
N GLY A 45 -3.27 9.15 5.95
CA GLY A 45 -4.54 9.67 6.39
C GLY A 45 -5.68 8.70 6.18
N ALA A 46 -5.48 7.45 6.62
CA ALA A 46 -6.51 6.42 6.48
C ALA A 46 -6.32 5.33 7.51
N VAL A 47 -7.43 4.89 8.11
CA VAL A 47 -7.38 3.83 9.12
C VAL A 47 -7.94 2.53 8.58
N PHE A 48 -7.09 1.50 8.52
CA PHE A 48 -7.50 0.19 8.02
C PHE A 48 -7.05 -0.92 8.96
N HIS A 49 -7.71 -2.06 8.88
CA HIS A 49 -7.37 -3.21 9.72
C HIS A 49 -5.95 -3.69 9.44
N SER A 50 -5.19 -3.93 10.50
CA SER A 50 -3.81 -4.40 10.37
C SER A 50 -3.68 -5.37 9.21
N CYS A 51 -4.68 -6.25 9.07
CA CYS A 51 -4.67 -7.25 8.01
C CYS A 51 -4.80 -6.58 6.63
N LYS A 52 -5.66 -5.58 6.55
CA LYS A 52 -5.88 -4.85 5.30
C LYS A 52 -4.62 -4.08 4.90
N ALA A 53 -3.96 -3.47 5.87
CA ALA A 53 -2.75 -2.71 5.62
C ALA A 53 -1.95 -3.32 4.46
N ASP A 54 -1.56 -4.57 4.61
CA ASP A 54 -0.79 -5.26 3.58
C ASP A 54 -1.32 -4.92 2.19
N GLU A 55 -2.64 -4.94 2.04
CA GLU A 55 -3.27 -4.62 0.76
C GLU A 55 -3.38 -3.12 0.56
N HIS A 56 -3.95 -2.44 1.56
CA HIS A 56 -4.12 -0.99 1.49
C HIS A 56 -2.90 -0.33 0.87
N ARG A 57 -1.73 -0.62 1.41
CA ARG A 57 -0.48 -0.05 0.92
C ARG A 57 -0.50 0.04 -0.61
N LEU A 58 -1.00 -1.02 -1.25
CA LEU A 58 -1.08 -1.06 -2.71
C LEU A 58 -1.78 0.18 -3.25
N LEU A 59 -2.96 0.45 -2.74
CA LEU A 59 -3.74 1.61 -3.17
C LEU A 59 -3.16 2.90 -2.60
N CYS A 60 -2.87 2.88 -1.30
CA CYS A 60 -2.31 4.05 -0.63
C CYS A 60 -1.41 4.85 -1.58
N PRO A 61 -1.64 6.17 -1.63
CA PRO A 61 -0.87 7.08 -2.49
C PRO A 61 0.57 7.23 -2.02
N PHE A 62 0.76 7.40 -0.71
CA PHE A 62 2.09 7.57 -0.14
C PHE A 62 3.00 6.42 -0.55
N GLU A 63 2.46 5.21 -0.54
CA GLU A 63 3.23 4.03 -0.90
C GLU A 63 4.16 4.33 -2.08
N ARG A 64 5.38 3.80 -2.00
CA ARG A 64 6.37 4.01 -3.06
C ARG A 64 5.88 3.44 -4.39
N VAL A 65 5.91 4.27 -5.43
CA VAL A 65 5.47 3.85 -6.75
C VAL A 65 6.38 4.41 -7.84
N PRO A 66 6.57 3.63 -8.91
CA PRO A 66 7.43 4.02 -10.03
C PRO A 66 6.82 5.16 -10.85
N CYS A 67 7.67 6.03 -11.38
CA CYS A 67 7.22 7.16 -12.18
C CYS A 67 6.15 6.72 -13.16
N LEU A 68 5.11 7.55 -13.31
CA LEU A 68 4.02 7.26 -14.23
C LEU A 68 4.54 6.70 -15.55
N ASN A 69 5.57 7.35 -16.09
CA ASN A 69 6.17 6.92 -17.35
C ASN A 69 7.32 5.94 -17.10
N SER A 70 7.11 5.02 -16.16
CA SER A 70 8.13 4.04 -15.82
C SER A 70 8.47 3.17 -17.03
N ASP A 71 7.43 2.73 -17.74
CA ASP A 71 7.62 1.89 -18.92
C ASP A 71 8.84 2.35 -19.73
N PHE A 72 8.86 3.63 -20.07
CA PHE A 72 9.97 4.19 -20.85
C PHE A 72 11.31 3.81 -20.22
N GLY A 73 11.38 3.90 -18.89
CA GLY A 73 12.62 3.56 -18.21
C GLY A 73 13.05 4.65 -17.25
N CYS A 74 12.14 5.06 -16.36
CA CYS A 74 12.45 6.10 -15.38
C CYS A 74 12.75 5.49 -14.02
N PRO A 75 14.03 5.57 -13.62
CA PRO A 75 14.48 5.02 -12.33
C PRO A 75 13.96 5.84 -11.14
N PHE A 76 13.15 6.85 -11.44
CA PHE A 76 12.58 7.70 -10.40
C PHE A 76 11.41 7.02 -9.71
N THR A 77 11.46 6.97 -8.38
CA THR A 77 10.40 6.33 -7.60
C THR A 77 9.99 7.21 -6.43
N MET A 78 8.68 7.39 -6.27
CA MET A 78 8.14 8.21 -5.19
C MET A 78 6.67 7.93 -4.96
N ALA A 79 6.08 8.58 -3.97
CA ALA A 79 4.67 8.41 -3.66
C ALA A 79 3.79 8.87 -4.83
N ARG A 80 2.65 8.20 -4.99
CA ARG A 80 1.73 8.53 -6.07
C ARG A 80 1.28 9.99 -5.98
N ASN A 81 1.04 10.45 -4.75
CA ASN A 81 0.61 11.82 -4.53
C ASN A 81 1.78 12.78 -4.62
N LYS A 82 2.92 12.28 -5.09
CA LYS A 82 4.12 13.10 -5.23
C LYS A 82 4.64 13.06 -6.67
N VAL A 83 4.40 11.93 -7.34
CA VAL A 83 4.84 11.77 -8.72
C VAL A 83 4.61 13.04 -9.53
N ALA A 84 3.43 13.64 -9.37
CA ALA A 84 3.09 14.86 -10.08
C ALA A 84 4.28 15.83 -10.12
N GLU A 85 4.78 16.18 -8.94
CA GLU A 85 5.91 17.10 -8.86
C GLU A 85 7.08 16.61 -9.69
N HIS A 86 7.32 15.31 -9.66
CA HIS A 86 8.41 14.70 -10.42
C HIS A 86 8.18 14.86 -11.92
N LEU A 87 6.97 14.52 -12.36
CA LEU A 87 6.61 14.62 -13.77
C LEU A 87 7.07 15.96 -14.36
N GLU A 88 7.00 17.00 -13.54
CA GLU A 88 7.41 18.33 -13.97
C GLU A 88 8.87 18.34 -14.42
N MET A 89 9.74 17.74 -13.61
CA MET A 89 11.16 17.67 -13.93
C MET A 89 11.56 16.25 -14.31
N CYS A 90 10.60 15.48 -14.80
CA CYS A 90 10.85 14.09 -15.20
C CYS A 90 11.38 14.04 -16.63
N PRO A 91 12.39 13.19 -16.86
CA PRO A 91 13.00 13.01 -18.18
C PRO A 91 12.07 12.31 -19.16
N ALA A 92 11.48 11.21 -18.72
CA ALA A 92 10.56 10.44 -19.56
C ALA A 92 9.39 11.30 -20.01
N SER A 93 9.04 12.29 -19.19
CA SER A 93 7.92 13.18 -19.51
C SER A 93 8.17 13.93 -20.82
N VAL A 94 9.43 13.92 -21.26
CA VAL A 94 9.80 14.59 -22.51
C VAL A 94 8.95 15.82 -22.74
N SER A 95 8.74 16.62 -21.68
CA SER A 95 7.93 17.82 -21.78
C SER A 95 8.65 19.01 -21.16
N GLY A 96 9.13 18.82 -19.93
CA GLY A 96 9.84 19.89 -19.24
C GLY A 96 10.86 20.57 -20.12
N PRO A 97 10.79 21.92 -20.19
CA PRO A 97 11.71 22.71 -21.01
C PRO A 97 13.12 22.73 -20.44
N SER A 98 13.29 22.15 -19.25
CA SER A 98 14.59 22.09 -18.60
C SER A 98 15.12 20.67 -18.57
N SER A 99 16.45 20.53 -18.59
CA SER A 99 17.09 19.22 -18.57
C SER A 99 17.74 18.96 -17.21
N GLY A 100 18.61 19.87 -16.80
CA GLY A 100 19.29 19.71 -15.52
C GLY A 100 20.57 18.89 -15.64
N GLY A 1 20.54 -41.50 17.90
CA GLY A 1 20.23 -40.10 17.67
C GLY A 1 18.76 -39.84 17.50
N SER A 2 18.36 -38.57 17.52
CA SER A 2 16.97 -38.20 17.37
C SER A 2 16.82 -36.68 17.25
N SER A 3 16.00 -36.24 16.30
CA SER A 3 15.78 -34.81 16.09
C SER A 3 14.61 -34.59 15.13
N GLY A 4 13.98 -33.43 15.24
CA GLY A 4 12.86 -33.10 14.37
C GLY A 4 12.29 -31.73 14.65
N SER A 5 11.90 -31.03 13.59
CA SER A 5 11.33 -29.69 13.73
C SER A 5 10.56 -29.29 12.48
N SER A 6 9.49 -28.51 12.66
CA SER A 6 8.67 -28.07 11.54
C SER A 6 7.66 -27.02 12.01
N GLY A 7 7.44 -26.02 11.16
CA GLY A 7 6.49 -24.96 11.50
C GLY A 7 6.20 -24.06 10.32
N MET A 8 5.09 -23.33 10.40
CA MET A 8 4.68 -22.42 9.34
C MET A 8 3.64 -21.41 9.84
N GLU A 9 3.78 -20.17 9.40
CA GLU A 9 2.85 -19.12 9.81
C GLU A 9 2.39 -18.31 8.60
N GLU A 10 1.08 -18.14 8.47
CA GLU A 10 0.51 -17.40 7.36
C GLU A 10 -0.80 -16.72 7.77
N GLU A 11 -0.94 -15.44 7.46
CA GLU A 11 -2.13 -14.69 7.79
C GLU A 11 -3.22 -14.91 6.74
N LEU A 12 -4.41 -15.28 7.21
CA LEU A 12 -5.55 -15.53 6.31
C LEU A 12 -6.47 -14.32 6.27
N GLN A 13 -7.54 -14.43 5.49
CA GLN A 13 -8.51 -13.35 5.36
C GLN A 13 -9.40 -13.26 6.60
N HIS A 14 -9.98 -12.08 6.81
CA HIS A 14 -10.86 -11.86 7.95
C HIS A 14 -12.29 -11.60 7.51
N SER A 15 -13.18 -12.53 7.83
CA SER A 15 -14.58 -12.41 7.45
C SER A 15 -15.09 -10.98 7.70
N HIS A 16 -14.59 -10.38 8.77
CA HIS A 16 -15.00 -9.01 9.13
C HIS A 16 -14.29 -7.99 8.23
N CYS A 17 -12.99 -7.83 8.44
CA CYS A 17 -12.21 -6.87 7.65
C CYS A 17 -12.60 -6.95 6.18
N VAL A 18 -12.53 -8.15 5.61
CA VAL A 18 -12.88 -8.34 4.20
C VAL A 18 -14.15 -7.58 3.84
N ASN A 19 -15.06 -7.47 4.79
CA ASN A 19 -16.31 -6.76 4.56
C ASN A 19 -16.42 -5.52 5.46
N CYS A 20 -15.29 -4.84 5.64
CA CYS A 20 -15.24 -3.65 6.47
C CYS A 20 -14.55 -2.50 5.74
N VAL A 21 -15.23 -1.36 5.67
CA VAL A 21 -14.67 -0.19 5.00
C VAL A 21 -14.56 0.99 5.97
N SER A 22 -15.55 1.14 6.83
CA SER A 22 -15.57 2.24 7.80
C SER A 22 -14.20 2.38 8.47
N ARG A 23 -13.61 3.56 8.35
CA ARG A 23 -12.30 3.84 8.93
C ARG A 23 -12.41 3.95 10.46
N ARG A 24 -13.59 4.31 10.93
CA ARG A 24 -13.82 4.46 12.37
C ARG A 24 -14.40 3.18 12.96
N CYS A 25 -14.02 2.04 12.40
CA CYS A 25 -14.50 0.75 12.87
C CYS A 25 -14.01 0.46 14.28
N MET A 26 -14.95 0.24 15.20
CA MET A 26 -14.60 -0.04 16.59
C MET A 26 -15.08 -1.44 16.98
N THR A 27 -14.91 -2.39 16.08
CA THR A 27 -15.32 -3.77 16.34
C THR A 27 -14.27 -4.51 17.15
N ARG A 28 -14.73 -5.46 17.96
CA ARG A 28 -13.83 -6.24 18.80
C ARG A 28 -12.94 -7.13 17.95
N PRO A 29 -11.61 -6.93 18.08
CA PRO A 29 -10.61 -7.71 17.33
C PRO A 29 -10.55 -9.16 17.80
N GLU A 30 -11.08 -10.07 16.97
CA GLU A 30 -11.07 -11.49 17.29
C GLU A 30 -9.89 -12.19 16.63
N PRO A 31 -9.53 -13.37 17.18
CA PRO A 31 -8.41 -14.16 16.67
C PRO A 31 -8.72 -14.78 15.30
N GLY A 32 -9.82 -14.34 14.70
CA GLY A 32 -10.21 -14.86 13.40
C GLY A 32 -11.14 -13.93 12.66
N ILE A 33 -12.27 -13.61 13.28
CA ILE A 33 -13.25 -12.73 12.68
C ILE A 33 -12.62 -11.40 12.26
N SER A 34 -12.38 -10.53 13.23
CA SER A 34 -11.78 -9.23 12.96
C SER A 34 -10.47 -9.07 13.72
N CYS A 35 -9.63 -8.15 13.25
CA CYS A 35 -8.34 -7.90 13.88
C CYS A 35 -8.22 -6.44 14.31
N ASP A 36 -7.18 -6.13 15.08
CA ASP A 36 -6.95 -4.78 15.55
C ASP A 36 -6.74 -3.82 14.39
N LEU A 37 -7.17 -2.57 14.57
CA LEU A 37 -7.03 -1.55 13.54
C LEU A 37 -5.76 -0.74 13.74
N ILE A 38 -5.12 -0.37 12.63
CA ILE A 38 -3.89 0.41 12.68
C ILE A 38 -3.87 1.49 11.60
N GLY A 39 -3.20 2.60 11.89
CA GLY A 39 -3.12 3.69 10.93
C GLY A 39 -1.93 3.54 9.99
N CYS A 40 -2.13 3.93 8.74
CA CYS A 40 -1.07 3.85 7.74
C CYS A 40 0.27 4.27 8.33
N PRO A 41 1.31 3.47 8.06
CA PRO A 41 2.67 3.75 8.55
C PRO A 41 3.30 4.96 7.88
N LEU A 42 2.55 5.59 6.98
CA LEU A 42 3.03 6.77 6.27
C LEU A 42 2.17 7.99 6.59
N VAL A 43 1.43 7.91 7.71
CA VAL A 43 0.57 9.01 8.12
C VAL A 43 -0.21 9.58 6.94
N CYS A 44 -0.63 8.69 6.04
CA CYS A 44 -1.40 9.10 4.87
C CYS A 44 -2.75 9.68 5.28
N GLY A 45 -3.23 9.29 6.45
CA GLY A 45 -4.51 9.79 6.94
C GLY A 45 -5.64 8.81 6.69
N ALA A 46 -5.43 7.56 7.06
CA ALA A 46 -6.45 6.53 6.88
C ALA A 46 -6.24 5.37 7.86
N VAL A 47 -7.33 4.91 8.47
CA VAL A 47 -7.26 3.80 9.41
C VAL A 47 -7.84 2.53 8.83
N PHE A 48 -7.01 1.51 8.69
CA PHE A 48 -7.44 0.24 8.13
C PHE A 48 -6.94 -0.93 8.98
N HIS A 49 -7.56 -2.10 8.81
CA HIS A 49 -7.17 -3.29 9.56
C HIS A 49 -5.74 -3.71 9.21
N SER A 50 -4.93 -3.91 10.25
CA SER A 50 -3.54 -4.31 10.06
C SER A 50 -3.39 -5.21 8.83
N CYS A 51 -4.31 -6.17 8.70
CA CYS A 51 -4.28 -7.10 7.58
C CYS A 51 -4.56 -6.37 6.26
N LYS A 52 -5.58 -5.52 6.27
CA LYS A 52 -5.94 -4.76 5.08
C LYS A 52 -4.76 -3.93 4.58
N ALA A 53 -4.01 -3.35 5.51
CA ALA A 53 -2.85 -2.55 5.17
C ALA A 53 -2.17 -3.06 3.91
N ASP A 54 -1.71 -4.31 3.96
CA ASP A 54 -1.03 -4.93 2.82
C ASP A 54 -1.66 -4.47 1.51
N GLU A 55 -2.99 -4.55 1.44
CA GLU A 55 -3.71 -4.16 0.24
C GLU A 55 -3.82 -2.64 0.15
N HIS A 56 -4.27 -2.01 1.24
CA HIS A 56 -4.42 -0.57 1.29
C HIS A 56 -3.21 0.13 0.64
N ARG A 57 -2.03 -0.17 1.16
CA ARG A 57 -0.80 0.43 0.63
C ARG A 57 -0.87 0.57 -0.88
N LEU A 58 -1.35 -0.47 -1.55
CA LEU A 58 -1.47 -0.46 -3.00
C LEU A 58 -2.18 0.79 -3.49
N LEU A 59 -3.34 1.07 -2.91
CA LEU A 59 -4.11 2.26 -3.27
C LEU A 59 -3.52 3.52 -2.65
N CYS A 60 -3.24 3.45 -1.35
CA CYS A 60 -2.67 4.58 -0.63
C CYS A 60 -1.75 5.40 -1.54
N PRO A 61 -1.94 6.73 -1.53
CA PRO A 61 -1.14 7.64 -2.35
C PRO A 61 0.29 7.75 -1.85
N PHE A 62 0.48 7.67 -0.54
CA PHE A 62 1.80 7.76 0.06
C PHE A 62 2.67 6.58 -0.37
N GLU A 63 2.07 5.40 -0.42
CA GLU A 63 2.80 4.19 -0.81
C GLU A 63 3.78 4.50 -1.94
N ARG A 64 5.00 3.96 -1.81
CA ARG A 64 6.03 4.19 -2.81
C ARG A 64 5.64 3.53 -4.14
N VAL A 65 5.57 4.35 -5.18
CA VAL A 65 5.20 3.87 -6.51
C VAL A 65 6.15 4.40 -7.57
N PRO A 66 6.41 3.59 -8.61
CA PRO A 66 7.30 3.96 -9.70
C PRO A 66 6.71 5.05 -10.59
N CYS A 67 7.59 5.92 -11.10
CA CYS A 67 7.15 7.01 -11.97
C CYS A 67 6.09 6.53 -12.97
N LEU A 68 5.05 7.33 -13.13
CA LEU A 68 3.97 6.99 -14.07
C LEU A 68 4.53 6.42 -15.37
N ASN A 69 5.57 7.07 -15.89
CA ASN A 69 6.19 6.64 -17.13
C ASN A 69 7.30 5.62 -16.85
N SER A 70 7.09 4.79 -15.84
CA SER A 70 8.07 3.78 -15.46
C SER A 70 8.35 2.84 -16.63
N ASP A 71 7.29 2.39 -17.30
CA ASP A 71 7.42 1.48 -18.43
C ASP A 71 8.56 1.93 -19.35
N PHE A 72 8.67 3.24 -19.54
CA PHE A 72 9.71 3.80 -20.40
C PHE A 72 11.10 3.46 -19.86
N GLY A 73 11.24 3.48 -18.54
CA GLY A 73 12.52 3.17 -17.93
C GLY A 73 12.95 4.22 -16.92
N CYS A 74 11.99 4.77 -16.20
CA CYS A 74 12.27 5.79 -15.20
C CYS A 74 12.47 5.17 -13.82
N PRO A 75 13.71 5.22 -13.33
CA PRO A 75 14.06 4.66 -12.01
C PRO A 75 13.47 5.47 -10.86
N PHE A 76 13.07 6.70 -11.16
CA PHE A 76 12.49 7.58 -10.15
C PHE A 76 11.31 6.90 -9.45
N THR A 77 11.34 6.91 -8.12
CA THR A 77 10.29 6.30 -7.33
C THR A 77 9.86 7.21 -6.19
N MET A 78 8.56 7.44 -6.07
CA MET A 78 8.02 8.29 -5.01
C MET A 78 6.53 8.04 -4.83
N ALA A 79 5.93 8.73 -3.85
CA ALA A 79 4.51 8.58 -3.57
C ALA A 79 3.66 9.06 -4.74
N ARG A 80 2.51 8.41 -4.94
CA ARG A 80 1.62 8.78 -6.03
C ARG A 80 1.27 10.26 -5.99
N ASN A 81 1.07 10.78 -4.78
CA ASN A 81 0.74 12.19 -4.61
C ASN A 81 1.99 13.06 -4.71
N LYS A 82 3.09 12.46 -5.13
CA LYS A 82 4.35 13.17 -5.29
C LYS A 82 4.88 13.05 -6.71
N VAL A 83 4.60 11.92 -7.35
CA VAL A 83 5.05 11.68 -8.71
C VAL A 83 5.01 12.97 -9.54
N ALA A 84 3.86 13.64 -9.51
CA ALA A 84 3.69 14.89 -10.25
C ALA A 84 4.93 15.77 -10.12
N GLU A 85 5.18 16.25 -8.91
CA GLU A 85 6.33 17.12 -8.64
C GLU A 85 7.54 16.66 -9.45
N HIS A 86 7.62 15.36 -9.71
CA HIS A 86 8.73 14.79 -10.46
C HIS A 86 8.41 14.78 -11.96
N LEU A 87 7.15 14.53 -12.30
CA LEU A 87 6.73 14.49 -13.69
C LEU A 87 7.22 15.73 -14.44
N GLU A 88 6.97 16.90 -13.86
CA GLU A 88 7.39 18.16 -14.48
C GLU A 88 8.87 18.13 -14.82
N MET A 89 9.66 17.48 -13.96
CA MET A 89 11.09 17.39 -14.17
C MET A 89 11.49 15.98 -14.59
N CYS A 90 10.51 15.18 -14.97
CA CYS A 90 10.75 13.81 -15.39
C CYS A 90 11.25 13.76 -16.83
N PRO A 91 12.29 12.95 -17.07
CA PRO A 91 12.89 12.80 -18.40
C PRO A 91 11.97 12.07 -19.37
N ALA A 92 11.46 10.92 -18.94
CA ALA A 92 10.57 10.12 -19.77
C ALA A 92 9.34 10.93 -20.18
N SER A 93 8.99 11.92 -19.37
CA SER A 93 7.83 12.76 -19.65
C SER A 93 8.10 13.69 -20.83
N VAL A 94 9.37 13.77 -21.22
CA VAL A 94 9.76 14.62 -22.34
C VAL A 94 8.87 15.85 -22.43
N SER A 95 8.67 16.50 -21.29
CA SER A 95 7.84 17.70 -21.24
C SER A 95 8.70 18.96 -21.12
N GLY A 96 8.71 19.77 -22.17
CA GLY A 96 9.49 20.99 -22.16
C GLY A 96 10.83 20.82 -22.85
N PRO A 97 11.29 21.88 -23.52
CA PRO A 97 12.58 21.88 -24.23
C PRO A 97 13.77 21.83 -23.28
N SER A 98 14.92 21.42 -23.80
CA SER A 98 16.13 21.33 -22.99
C SER A 98 17.22 22.25 -23.54
N SER A 99 18.04 22.80 -22.64
CA SER A 99 19.11 23.69 -23.02
C SER A 99 20.30 22.91 -23.59
N GLY A 100 20.31 22.73 -24.91
CA GLY A 100 21.38 22.01 -25.55
C GLY A 100 20.92 20.70 -26.15
N GLY A 1 23.06 -36.96 21.99
CA GLY A 1 21.66 -36.93 21.57
C GLY A 1 21.32 -35.69 20.79
N SER A 2 20.33 -35.79 19.90
CA SER A 2 19.91 -34.67 19.09
C SER A 2 18.45 -34.82 18.66
N SER A 3 17.89 -33.75 18.10
CA SER A 3 16.50 -33.76 17.66
C SER A 3 16.27 -32.71 16.56
N GLY A 4 15.08 -32.72 16.00
CA GLY A 4 14.75 -31.77 14.95
C GLY A 4 13.54 -30.92 15.29
N SER A 5 13.00 -30.22 14.29
CA SER A 5 11.84 -29.37 14.49
C SER A 5 11.24 -28.95 13.16
N SER A 6 10.00 -28.46 13.21
CA SER A 6 9.31 -28.02 12.00
C SER A 6 8.04 -27.25 12.35
N GLY A 7 7.81 -26.14 11.65
CA GLY A 7 6.63 -25.33 11.91
C GLY A 7 6.14 -24.63 10.66
N MET A 8 4.82 -24.45 10.57
CA MET A 8 4.22 -23.79 9.42
C MET A 8 3.35 -22.61 9.86
N GLU A 9 3.59 -21.45 9.26
CA GLU A 9 2.82 -20.25 9.60
C GLU A 9 2.21 -19.62 8.35
N GLU A 10 1.03 -19.06 8.49
CA GLU A 10 0.34 -18.43 7.37
C GLU A 10 -0.94 -17.73 7.84
N GLU A 11 -1.29 -16.63 7.16
CA GLU A 11 -2.49 -15.88 7.51
C GLU A 11 -3.30 -15.54 6.26
N LEU A 12 -4.62 -15.64 6.37
CA LEU A 12 -5.51 -15.34 5.26
C LEU A 12 -6.35 -14.10 5.55
N GLN A 13 -7.20 -13.73 4.59
CA GLN A 13 -8.07 -12.57 4.75
C GLN A 13 -8.99 -12.74 5.95
N HIS A 14 -9.74 -11.69 6.27
CA HIS A 14 -10.66 -11.72 7.41
C HIS A 14 -12.10 -11.52 6.94
N SER A 15 -12.96 -12.46 7.28
CA SER A 15 -14.37 -12.39 6.89
C SER A 15 -14.95 -11.03 7.22
N HIS A 16 -14.47 -10.43 8.31
CA HIS A 16 -14.94 -9.12 8.73
C HIS A 16 -14.28 -8.00 7.92
N CYS A 17 -12.97 -7.83 8.14
CA CYS A 17 -12.22 -6.80 7.43
C CYS A 17 -12.61 -6.77 5.95
N VAL A 18 -12.55 -7.92 5.30
CA VAL A 18 -12.90 -8.02 3.89
C VAL A 18 -14.15 -7.22 3.57
N ASN A 19 -15.14 -7.30 4.46
CA ASN A 19 -16.40 -6.58 4.28
C ASN A 19 -16.49 -5.40 5.24
N CYS A 20 -15.36 -4.73 5.46
CA CYS A 20 -15.33 -3.58 6.35
C CYS A 20 -14.66 -2.38 5.67
N VAL A 21 -15.27 -1.21 5.80
CA VAL A 21 -14.75 0.00 5.20
C VAL A 21 -14.65 1.13 6.23
N SER A 22 -15.66 1.21 7.10
CA SER A 22 -15.69 2.24 8.13
C SER A 22 -14.32 2.39 8.80
N ARG A 23 -13.87 3.62 8.92
CA ARG A 23 -12.58 3.91 9.55
C ARG A 23 -12.67 3.79 11.07
N ARG A 24 -13.76 4.29 11.63
CA ARG A 24 -13.98 4.24 13.07
C ARG A 24 -14.62 2.93 13.48
N CYS A 25 -14.13 1.82 12.91
CA CYS A 25 -14.66 0.51 13.22
C CYS A 25 -14.10 -0.01 14.55
N MET A 26 -14.95 -0.03 15.57
CA MET A 26 -14.54 -0.49 16.89
C MET A 26 -15.08 -1.90 17.15
N THR A 27 -14.97 -2.76 16.16
CA THR A 27 -15.44 -4.14 16.28
C THR A 27 -14.40 -5.02 16.97
N ARG A 28 -14.77 -5.59 18.10
CA ARG A 28 -13.88 -6.46 18.86
C ARG A 28 -13.02 -7.31 17.91
N PRO A 29 -11.70 -7.11 17.97
CA PRO A 29 -10.75 -7.85 17.14
C PRO A 29 -10.65 -9.32 17.54
N GLU A 30 -11.26 -10.19 16.73
CA GLU A 30 -11.23 -11.62 17.00
C GLU A 30 -10.24 -12.32 16.09
N PRO A 31 -9.52 -13.32 16.66
CA PRO A 31 -8.52 -14.09 15.92
C PRO A 31 -9.16 -15.00 14.87
N GLY A 32 -9.35 -14.48 13.67
CA GLY A 32 -9.95 -15.26 12.61
C GLY A 32 -11.07 -14.52 11.89
N ILE A 33 -11.83 -13.74 12.65
CA ILE A 33 -12.93 -12.97 12.08
C ILE A 33 -12.49 -11.57 11.70
N SER A 34 -12.00 -10.83 12.70
CA SER A 34 -11.54 -9.46 12.47
C SER A 34 -10.31 -9.15 13.31
N CYS A 35 -9.44 -8.30 12.80
CA CYS A 35 -8.23 -7.91 13.50
C CYS A 35 -8.30 -6.46 13.96
N ASP A 36 -7.40 -6.10 14.88
CA ASP A 36 -7.37 -4.73 15.40
C ASP A 36 -7.04 -3.74 14.29
N LEU A 37 -7.46 -2.49 14.49
CA LEU A 37 -7.20 -1.44 13.50
C LEU A 37 -5.90 -0.71 13.80
N ILE A 38 -5.19 -0.32 12.74
CA ILE A 38 -3.92 0.38 12.89
C ILE A 38 -3.80 1.51 11.87
N GLY A 39 -3.32 2.67 12.33
CA GLY A 39 -3.16 3.80 11.44
C GLY A 39 -2.03 3.61 10.45
N CYS A 40 -2.23 4.09 9.23
CA CYS A 40 -1.22 3.96 8.18
C CYS A 40 0.15 4.34 8.71
N PRO A 41 1.16 3.52 8.39
CA PRO A 41 2.55 3.74 8.82
C PRO A 41 3.19 4.94 8.12
N LEU A 42 2.46 5.53 7.18
CA LEU A 42 2.94 6.68 6.44
C LEU A 42 2.17 7.94 6.80
N VAL A 43 1.44 7.87 7.91
CA VAL A 43 0.65 9.01 8.38
C VAL A 43 -0.11 9.65 7.23
N CYS A 44 -0.53 8.83 6.27
CA CYS A 44 -1.26 9.33 5.10
C CYS A 44 -2.59 9.95 5.54
N GLY A 45 -3.13 9.48 6.65
CA GLY A 45 -4.39 10.00 7.14
C GLY A 45 -5.55 9.05 6.89
N ALA A 46 -5.36 7.79 7.26
CA ALA A 46 -6.41 6.78 7.06
C ALA A 46 -6.23 5.62 8.04
N VAL A 47 -7.35 5.12 8.54
CA VAL A 47 -7.33 4.00 9.49
C VAL A 47 -7.90 2.73 8.86
N PHE A 48 -7.06 1.71 8.73
CA PHE A 48 -7.49 0.45 8.15
C PHE A 48 -7.00 -0.73 8.99
N HIS A 49 -7.61 -1.89 8.79
CA HIS A 49 -7.24 -3.09 9.54
C HIS A 49 -5.81 -3.50 9.21
N SER A 50 -5.05 -3.81 10.25
CA SER A 50 -3.65 -4.22 10.08
C SER A 50 -3.49 -5.09 8.84
N CYS A 51 -4.42 -6.03 8.66
CA CYS A 51 -4.37 -6.93 7.51
C CYS A 51 -4.65 -6.17 6.21
N LYS A 52 -5.69 -5.34 6.23
CA LYS A 52 -6.06 -4.56 5.05
C LYS A 52 -4.88 -3.71 4.57
N ALA A 53 -4.07 -3.24 5.52
CA ALA A 53 -2.91 -2.42 5.19
C ALA A 53 -2.20 -2.95 3.95
N ASP A 54 -1.65 -4.16 4.05
CA ASP A 54 -0.94 -4.78 2.94
C ASP A 54 -1.58 -4.39 1.61
N GLU A 55 -2.90 -4.24 1.61
CA GLU A 55 -3.63 -3.88 0.40
C GLU A 55 -3.72 -2.36 0.26
N HIS A 56 -4.12 -1.69 1.35
CA HIS A 56 -4.25 -0.24 1.35
C HIS A 56 -2.97 0.42 0.86
N ARG A 57 -1.84 0.05 1.46
CA ARG A 57 -0.55 0.62 1.09
C ARG A 57 -0.47 0.81 -0.42
N LEU A 58 -0.96 -0.17 -1.17
CA LEU A 58 -0.94 -0.11 -2.63
C LEU A 58 -1.64 1.15 -3.13
N LEU A 59 -2.77 1.48 -2.52
CA LEU A 59 -3.53 2.66 -2.91
C LEU A 59 -2.97 3.91 -2.24
N CYS A 60 -2.64 3.79 -0.96
CA CYS A 60 -2.09 4.92 -0.21
C CYS A 60 -1.28 5.84 -1.11
N PRO A 61 -1.59 7.14 -1.07
CA PRO A 61 -0.90 8.14 -1.89
C PRO A 61 0.53 8.37 -1.43
N PHE A 62 0.84 7.93 -0.22
CA PHE A 62 2.18 8.08 0.34
C PHE A 62 3.08 6.91 -0.07
N GLU A 63 2.53 5.71 -0.01
CA GLU A 63 3.28 4.51 -0.38
C GLU A 63 4.17 4.77 -1.57
N ARG A 64 5.42 4.30 -1.49
CA ARG A 64 6.38 4.49 -2.57
C ARG A 64 5.90 3.79 -3.84
N VAL A 65 5.81 4.55 -4.93
CA VAL A 65 5.37 4.01 -6.21
C VAL A 65 6.28 4.46 -7.34
N PRO A 66 6.48 3.58 -8.34
CA PRO A 66 7.33 3.88 -9.49
C PRO A 66 6.70 4.92 -10.41
N CYS A 67 7.55 5.75 -11.01
CA CYS A 67 7.09 6.80 -11.91
C CYS A 67 6.01 6.26 -12.84
N LEU A 68 4.95 7.04 -13.03
CA LEU A 68 3.85 6.66 -13.90
C LEU A 68 4.37 6.01 -15.18
N ASN A 69 5.33 6.66 -15.82
CA ASN A 69 5.92 6.15 -17.05
C ASN A 69 7.00 5.12 -16.75
N SER A 70 6.72 4.22 -15.81
CA SER A 70 7.67 3.18 -15.43
C SER A 70 8.05 2.33 -16.63
N ASP A 71 7.06 1.96 -17.43
CA ASP A 71 7.31 1.14 -18.62
C ASP A 71 8.57 1.60 -19.34
N PHE A 72 8.62 2.88 -19.67
CA PHE A 72 9.76 3.45 -20.38
C PHE A 72 11.07 3.01 -19.71
N GLY A 73 11.09 3.07 -18.39
CA GLY A 73 12.28 2.68 -17.66
C GLY A 73 12.79 3.78 -16.74
N CYS A 74 11.86 4.48 -16.09
CA CYS A 74 12.22 5.57 -15.19
C CYS A 74 12.58 5.03 -13.81
N PRO A 75 13.87 5.14 -13.45
CA PRO A 75 14.36 4.67 -12.15
C PRO A 75 13.87 5.53 -10.99
N PHE A 76 13.17 6.61 -11.33
CA PHE A 76 12.64 7.52 -10.32
C PHE A 76 11.47 6.88 -9.57
N THR A 77 11.54 6.94 -8.24
CA THR A 77 10.49 6.36 -7.40
C THR A 77 10.11 7.32 -6.27
N MET A 78 8.81 7.53 -6.10
CA MET A 78 8.32 8.42 -5.06
C MET A 78 6.83 8.19 -4.81
N ALA A 79 6.28 8.91 -3.83
CA ALA A 79 4.86 8.78 -3.50
C ALA A 79 3.99 9.06 -4.71
N ARG A 80 2.74 8.59 -4.65
CA ARG A 80 1.79 8.79 -5.74
C ARG A 80 1.35 10.25 -5.81
N ASN A 81 1.15 10.85 -4.64
CA ASN A 81 0.71 12.24 -4.57
C ASN A 81 1.87 13.20 -4.85
N LYS A 82 3.02 12.63 -5.18
CA LYS A 82 4.21 13.42 -5.48
C LYS A 82 4.69 13.18 -6.91
N VAL A 83 4.31 12.02 -7.46
CA VAL A 83 4.70 11.67 -8.82
C VAL A 83 4.51 12.84 -9.77
N ALA A 84 3.35 13.51 -9.65
CA ALA A 84 3.04 14.65 -10.50
C ALA A 84 4.25 15.58 -10.63
N GLU A 85 4.65 16.17 -9.50
CA GLU A 85 5.79 17.08 -9.49
C GLU A 85 6.95 16.53 -10.31
N HIS A 86 7.24 15.24 -10.10
CA HIS A 86 8.33 14.59 -10.82
C HIS A 86 8.08 14.60 -12.32
N LEU A 87 6.87 14.22 -12.72
CA LEU A 87 6.49 14.19 -14.12
C LEU A 87 6.92 15.47 -14.83
N GLU A 88 6.82 16.59 -14.13
CA GLU A 88 7.20 17.88 -14.70
C GLU A 88 8.64 17.87 -15.16
N MET A 89 9.52 17.26 -14.37
CA MET A 89 10.93 17.16 -14.71
C MET A 89 11.34 15.72 -14.97
N CYS A 90 10.36 14.89 -15.33
CA CYS A 90 10.62 13.48 -15.61
C CYS A 90 11.14 13.30 -17.03
N PRO A 91 12.13 12.40 -17.18
CA PRO A 91 12.73 12.11 -18.49
C PRO A 91 11.78 11.37 -19.42
N ALA A 92 11.07 10.38 -18.86
CA ALA A 92 10.12 9.60 -19.64
C ALA A 92 8.98 10.46 -20.16
N SER A 93 8.70 11.54 -19.44
CA SER A 93 7.62 12.45 -19.82
C SER A 93 7.99 13.22 -21.09
N VAL A 94 9.27 13.18 -21.44
CA VAL A 94 9.76 13.87 -22.63
C VAL A 94 8.93 15.13 -22.91
N SER A 95 8.72 15.94 -21.88
CA SER A 95 7.95 17.17 -22.01
C SER A 95 8.44 18.23 -21.05
N GLY A 96 8.90 19.35 -21.59
CA GLY A 96 9.40 20.43 -20.76
C GLY A 96 10.59 21.13 -21.39
N PRO A 97 10.53 22.47 -21.44
CA PRO A 97 11.61 23.29 -22.01
C PRO A 97 12.86 23.29 -21.15
N SER A 98 12.68 23.06 -19.85
CA SER A 98 13.79 23.04 -18.91
C SER A 98 13.58 21.99 -17.83
N SER A 99 14.62 21.72 -17.05
CA SER A 99 14.54 20.73 -15.98
C SER A 99 14.31 21.41 -14.63
N GLY A 100 15.06 22.48 -14.37
CA GLY A 100 14.92 23.20 -13.12
C GLY A 100 15.56 22.46 -11.96
N GLY A 1 24.98 -26.56 28.72
CA GLY A 1 24.22 -25.52 28.06
C GLY A 1 22.89 -26.01 27.53
N SER A 2 22.03 -25.09 27.12
CA SER A 2 20.72 -25.45 26.60
C SER A 2 20.11 -24.29 25.81
N SER A 3 19.69 -24.57 24.58
CA SER A 3 19.10 -23.55 23.73
C SER A 3 18.27 -24.19 22.62
N GLY A 4 17.38 -23.40 22.02
CA GLY A 4 16.55 -23.91 20.94
C GLY A 4 15.29 -23.09 20.77
N SER A 5 15.12 -22.49 19.60
CA SER A 5 13.95 -21.68 19.31
C SER A 5 13.33 -22.06 17.97
N SER A 6 12.00 -22.11 17.92
CA SER A 6 11.30 -22.47 16.70
C SER A 6 9.80 -22.18 16.84
N GLY A 7 9.27 -21.43 15.88
CA GLY A 7 7.86 -21.09 15.90
C GLY A 7 7.29 -20.85 14.52
N MET A 8 5.99 -20.60 14.44
CA MET A 8 5.33 -20.35 13.17
C MET A 8 3.97 -19.70 13.38
N GLU A 9 3.60 -18.80 12.48
CA GLU A 9 2.31 -18.11 12.57
C GLU A 9 1.67 -17.98 11.20
N GLU A 10 0.35 -18.13 11.15
CA GLU A 10 -0.40 -18.03 9.90
C GLU A 10 -1.69 -17.24 10.09
N GLU A 11 -1.76 -16.08 9.45
CA GLU A 11 -2.94 -15.23 9.55
C GLU A 11 -3.71 -15.21 8.24
N LEU A 12 -5.00 -15.49 8.31
CA LEU A 12 -5.85 -15.50 7.12
C LEU A 12 -6.83 -14.33 7.14
N GLN A 13 -7.52 -14.13 6.02
CA GLN A 13 -8.49 -13.04 5.91
C GLN A 13 -9.49 -13.07 7.06
N HIS A 14 -10.21 -11.97 7.24
CA HIS A 14 -11.21 -11.87 8.31
C HIS A 14 -12.59 -11.60 7.74
N SER A 15 -13.55 -12.45 8.11
CA SER A 15 -14.92 -12.31 7.63
C SER A 15 -15.39 -10.87 7.77
N HIS A 16 -14.96 -10.20 8.84
CA HIS A 16 -15.34 -8.82 9.09
C HIS A 16 -14.50 -7.86 8.24
N CYS A 17 -13.22 -7.76 8.58
CA CYS A 17 -12.31 -6.88 7.84
C CYS A 17 -12.53 -7.00 6.34
N VAL A 18 -12.52 -8.22 5.83
CA VAL A 18 -12.72 -8.46 4.41
C VAL A 18 -13.88 -7.64 3.87
N ASN A 19 -14.90 -7.45 4.69
CA ASN A 19 -16.07 -6.68 4.30
C ASN A 19 -16.21 -5.42 5.15
N CYS A 20 -15.08 -4.80 5.47
CA CYS A 20 -15.07 -3.59 6.29
C CYS A 20 -14.31 -2.47 5.59
N VAL A 21 -15.05 -1.59 4.92
CA VAL A 21 -14.44 -0.47 4.20
C VAL A 21 -14.54 0.81 5.02
N SER A 22 -14.49 0.67 6.34
CA SER A 22 -14.58 1.83 7.24
C SER A 22 -13.21 2.15 7.82
N ARG A 23 -12.99 3.43 8.11
CA ARG A 23 -11.72 3.87 8.68
C ARG A 23 -11.76 3.83 10.20
N ARG A 24 -12.67 4.60 10.79
CA ARG A 24 -12.81 4.65 12.23
C ARG A 24 -13.64 3.47 12.73
N CYS A 25 -13.42 2.30 12.16
CA CYS A 25 -14.14 1.10 12.55
C CYS A 25 -13.91 0.77 14.01
N MET A 26 -14.98 0.68 14.79
CA MET A 26 -14.89 0.37 16.20
C MET A 26 -15.55 -0.97 16.51
N THR A 27 -15.23 -1.99 15.72
CA THR A 27 -15.80 -3.31 15.91
C THR A 27 -14.91 -4.16 16.80
N ARG A 28 -15.52 -4.83 17.78
CA ARG A 28 -14.79 -5.67 18.70
C ARG A 28 -13.90 -6.66 17.95
N PRO A 29 -12.59 -6.56 18.19
CA PRO A 29 -11.60 -7.44 17.54
C PRO A 29 -11.68 -8.88 18.04
N GLU A 30 -12.23 -9.76 17.20
CA GLU A 30 -12.36 -11.17 17.56
C GLU A 30 -11.17 -11.97 17.07
N PRO A 31 -11.01 -13.19 17.62
CA PRO A 31 -9.90 -14.08 17.26
C PRO A 31 -10.04 -14.63 15.84
N GLY A 32 -11.04 -14.14 15.12
CA GLY A 32 -11.27 -14.59 13.76
C GLY A 32 -12.14 -13.64 12.97
N ILE A 33 -13.32 -13.34 13.50
CA ILE A 33 -14.25 -12.44 12.83
C ILE A 33 -13.57 -11.14 12.43
N SER A 34 -13.22 -10.33 13.42
CA SER A 34 -12.56 -9.05 13.17
C SER A 34 -11.27 -8.94 14.00
N CYS A 35 -10.39 -8.05 13.56
CA CYS A 35 -9.11 -7.84 14.26
C CYS A 35 -8.93 -6.37 14.62
N ASP A 36 -7.95 -6.08 15.47
CA ASP A 36 -7.67 -4.72 15.90
C ASP A 36 -7.28 -3.85 14.71
N LEU A 37 -7.58 -2.56 14.80
CA LEU A 37 -7.25 -1.62 13.73
C LEU A 37 -5.92 -0.94 14.00
N ILE A 38 -5.24 -0.54 12.93
CA ILE A 38 -3.94 0.13 13.05
C ILE A 38 -3.81 1.25 12.03
N GLY A 39 -3.25 2.38 12.47
CA GLY A 39 -3.09 3.51 11.58
C GLY A 39 -2.04 3.26 10.51
N CYS A 40 -2.09 4.02 9.43
CA CYS A 40 -1.15 3.87 8.33
C CYS A 40 0.27 4.25 8.78
N PRO A 41 1.26 3.44 8.37
CA PRO A 41 2.66 3.68 8.71
C PRO A 41 3.23 4.90 8.00
N LEU A 42 2.70 5.19 6.82
CA LEU A 42 3.17 6.33 6.03
C LEU A 42 2.34 7.58 6.35
N VAL A 43 1.60 7.52 7.46
CA VAL A 43 0.77 8.65 7.88
C VAL A 43 0.06 9.28 6.69
N CYS A 44 -0.37 8.44 5.76
CA CYS A 44 -1.08 8.92 4.57
C CYS A 44 -2.43 9.50 4.94
N GLY A 45 -2.99 9.06 6.07
CA GLY A 45 -4.27 9.55 6.51
C GLY A 45 -5.38 8.56 6.27
N ALA A 46 -5.22 7.36 6.82
CA ALA A 46 -6.23 6.31 6.67
C ALA A 46 -6.05 5.22 7.71
N VAL A 47 -7.16 4.63 8.15
CA VAL A 47 -7.13 3.58 9.15
C VAL A 47 -7.70 2.27 8.60
N PHE A 48 -6.86 1.25 8.56
CA PHE A 48 -7.26 -0.06 8.06
C PHE A 48 -6.85 -1.17 9.01
N HIS A 49 -7.46 -2.34 8.85
CA HIS A 49 -7.17 -3.48 9.71
C HIS A 49 -5.75 -4.00 9.45
N SER A 50 -5.00 -4.20 10.53
CA SER A 50 -3.63 -4.69 10.42
C SER A 50 -3.50 -5.72 9.30
N CYS A 51 -4.52 -6.56 9.15
CA CYS A 51 -4.53 -7.59 8.12
C CYS A 51 -4.63 -6.96 6.73
N LYS A 52 -5.49 -5.97 6.60
CA LYS A 52 -5.69 -5.28 5.33
C LYS A 52 -4.46 -4.46 4.96
N ALA A 53 -3.74 -3.99 5.97
CA ALA A 53 -2.55 -3.20 5.76
C ALA A 53 -1.78 -3.66 4.52
N ASP A 54 -1.27 -4.89 4.58
CA ASP A 54 -0.52 -5.46 3.46
C ASP A 54 -1.09 -4.98 2.13
N GLU A 55 -2.40 -5.11 1.96
CA GLU A 55 -3.06 -4.70 0.73
C GLU A 55 -3.07 -3.18 0.61
N HIS A 56 -3.23 -2.49 1.73
CA HIS A 56 -3.26 -1.04 1.75
C HIS A 56 -2.02 -0.47 1.08
N ARG A 57 -0.88 -1.11 1.30
CA ARG A 57 0.38 -0.68 0.72
C ARG A 57 0.28 -0.58 -0.79
N LEU A 58 -0.79 -1.16 -1.35
CA LEU A 58 -1.01 -1.13 -2.79
C LEU A 58 -1.83 0.08 -3.20
N LEU A 59 -2.57 0.65 -2.24
CA LEU A 59 -3.40 1.81 -2.49
C LEU A 59 -2.74 3.08 -1.97
N CYS A 60 -2.25 3.02 -0.74
CA CYS A 60 -1.58 4.16 -0.13
C CYS A 60 -0.85 5.00 -1.17
N PRO A 61 -1.26 6.26 -1.30
CA PRO A 61 -0.66 7.20 -2.26
C PRO A 61 0.76 7.60 -1.87
N PHE A 62 1.17 7.19 -0.68
CA PHE A 62 2.51 7.51 -0.19
C PHE A 62 3.52 6.44 -0.62
N GLU A 63 3.10 5.18 -0.53
CA GLU A 63 3.97 4.07 -0.91
C GLU A 63 4.88 4.46 -2.06
N ARG A 64 6.13 4.04 -1.99
CA ARG A 64 7.11 4.34 -3.02
C ARG A 64 6.73 3.68 -4.35
N VAL A 65 6.24 4.48 -5.29
CA VAL A 65 5.84 3.97 -6.59
C VAL A 65 6.67 4.59 -7.71
N PRO A 66 6.98 3.79 -8.73
CA PRO A 66 7.78 4.23 -9.88
C PRO A 66 7.02 5.23 -10.75
N CYS A 67 7.76 6.17 -11.33
CA CYS A 67 7.16 7.19 -12.19
C CYS A 67 6.01 6.62 -12.99
N LEU A 68 4.92 7.37 -13.11
CA LEU A 68 3.75 6.94 -13.85
C LEU A 68 4.14 6.43 -15.23
N ASN A 69 5.14 7.08 -15.83
CA ASN A 69 5.61 6.69 -17.15
C ASN A 69 6.77 5.71 -17.06
N SER A 70 6.68 4.77 -16.11
CA SER A 70 7.73 3.78 -15.92
C SER A 70 8.10 3.10 -17.23
N ASP A 71 7.08 2.76 -18.01
CA ASP A 71 7.28 2.10 -19.30
C ASP A 71 8.47 2.72 -20.03
N PHE A 72 8.46 4.04 -20.18
CA PHE A 72 9.53 4.75 -20.87
C PHE A 72 10.89 4.34 -20.30
N GLY A 73 10.97 4.25 -18.98
CA GLY A 73 12.22 3.87 -18.33
C GLY A 73 12.71 4.94 -17.38
N CYS A 74 11.81 5.46 -16.55
CA CYS A 74 12.17 6.49 -15.58
C CYS A 74 12.64 5.87 -14.27
N PRO A 75 13.95 5.99 -13.99
CA PRO A 75 14.55 5.45 -12.76
C PRO A 75 14.11 6.21 -11.52
N PHE A 76 13.23 7.18 -11.70
CA PHE A 76 12.73 7.98 -10.59
C PHE A 76 11.62 7.25 -9.85
N THR A 77 11.61 7.38 -8.53
CA THR A 77 10.60 6.72 -7.70
C THR A 77 10.18 7.61 -6.54
N MET A 78 8.87 7.77 -6.36
CA MET A 78 8.34 8.60 -5.28
C MET A 78 6.90 8.22 -4.96
N ALA A 79 6.34 8.84 -3.94
CA ALA A 79 4.97 8.57 -3.53
C ALA A 79 3.99 8.83 -4.66
N ARG A 80 3.11 7.87 -4.92
CA ARG A 80 2.12 8.00 -5.98
C ARG A 80 1.50 9.39 -5.98
N ASN A 81 1.53 10.05 -4.83
CA ASN A 81 0.97 11.38 -4.70
C ASN A 81 1.99 12.44 -5.06
N LYS A 82 3.25 12.21 -4.68
CA LYS A 82 4.33 13.14 -4.97
C LYS A 82 4.93 12.87 -6.34
N VAL A 83 4.13 12.28 -7.23
CA VAL A 83 4.58 11.97 -8.58
C VAL A 83 4.46 13.18 -9.50
N ALA A 84 3.39 13.97 -9.30
CA ALA A 84 3.16 15.16 -10.11
C ALA A 84 4.37 16.09 -10.07
N GLU A 85 4.77 16.48 -8.85
CA GLU A 85 5.91 17.38 -8.67
C GLU A 85 7.09 16.93 -9.53
N HIS A 86 7.15 15.63 -9.82
CA HIS A 86 8.23 15.08 -10.63
C HIS A 86 7.84 15.04 -12.10
N LEU A 87 6.58 14.72 -12.37
CA LEU A 87 6.09 14.64 -13.74
C LEU A 87 6.40 15.93 -14.50
N GLU A 88 6.13 17.06 -13.86
CA GLU A 88 6.39 18.36 -14.49
C GLU A 88 7.86 18.47 -14.91
N MET A 89 8.75 17.96 -14.08
CA MET A 89 10.18 18.01 -14.37
C MET A 89 10.70 16.63 -14.78
N CYS A 90 9.78 15.75 -15.16
CA CYS A 90 10.14 14.40 -15.57
C CYS A 90 10.50 14.36 -17.06
N PRO A 91 11.56 13.61 -17.39
CA PRO A 91 12.01 13.47 -18.78
C PRO A 91 11.05 12.66 -19.64
N ALA A 92 10.49 11.62 -19.05
CA ALA A 92 9.53 10.76 -19.76
C ALA A 92 8.34 11.58 -20.26
N SER A 93 7.95 12.59 -19.50
CA SER A 93 6.82 13.44 -19.87
C SER A 93 7.08 14.12 -21.20
N VAL A 94 8.34 14.19 -21.60
CA VAL A 94 8.72 14.82 -22.85
C VAL A 94 7.85 16.04 -23.13
N SER A 95 7.64 16.87 -22.12
CA SER A 95 6.81 18.06 -22.26
C SER A 95 7.67 19.32 -22.15
N GLY A 96 7.32 20.33 -22.93
CA GLY A 96 8.06 21.58 -22.91
C GLY A 96 7.80 22.38 -21.65
N PRO A 97 8.87 22.77 -20.95
CA PRO A 97 8.78 23.55 -19.72
C PRO A 97 8.33 24.98 -19.98
N SER A 98 8.20 25.75 -18.90
CA SER A 98 7.76 27.14 -19.01
C SER A 98 8.94 28.09 -18.84
N SER A 99 9.10 29.00 -19.80
CA SER A 99 10.19 29.97 -19.77
C SER A 99 11.54 29.26 -19.69
N GLY A 100 11.69 28.19 -20.45
CA GLY A 100 12.93 27.44 -20.45
C GLY A 100 12.95 26.36 -19.39
N GLY A 1 29.31 -29.27 6.29
CA GLY A 1 28.07 -28.91 6.96
C GLY A 1 26.89 -28.88 6.01
N SER A 2 25.69 -28.92 6.56
CA SER A 2 24.47 -28.89 5.74
C SER A 2 23.32 -28.24 6.51
N SER A 3 22.83 -27.12 5.99
CA SER A 3 21.73 -26.40 6.62
C SER A 3 20.53 -26.32 5.68
N GLY A 4 19.34 -26.48 6.25
CA GLY A 4 18.13 -26.42 5.46
C GLY A 4 16.88 -26.72 6.27
N SER A 5 15.88 -25.85 6.17
CA SER A 5 14.64 -26.02 6.91
C SER A 5 13.43 -25.81 6.00
N SER A 6 12.23 -26.00 6.55
CA SER A 6 11.01 -25.83 5.78
C SER A 6 9.97 -25.06 6.60
N GLY A 7 9.02 -24.45 5.89
CA GLY A 7 7.98 -23.69 6.57
C GLY A 7 7.47 -22.53 5.72
N MET A 8 6.16 -22.49 5.50
CA MET A 8 5.55 -21.44 4.70
C MET A 8 4.33 -20.86 5.42
N GLU A 9 4.29 -19.53 5.52
CA GLU A 9 3.18 -18.86 6.19
C GLU A 9 2.87 -17.53 5.50
N GLU A 10 1.58 -17.25 5.33
CA GLU A 10 1.14 -16.02 4.68
C GLU A 10 -0.10 -15.46 5.35
N GLU A 11 -0.21 -14.14 5.38
CA GLU A 11 -1.37 -13.48 6.00
C GLU A 11 -2.67 -14.05 5.44
N LEU A 12 -3.72 -13.98 6.25
CA LEU A 12 -5.03 -14.49 5.86
C LEU A 12 -6.06 -13.35 5.77
N GLN A 13 -7.27 -13.69 5.32
CA GLN A 13 -8.32 -12.70 5.20
C GLN A 13 -9.28 -12.78 6.38
N HIS A 14 -9.93 -11.66 6.69
CA HIS A 14 -10.88 -11.61 7.79
C HIS A 14 -12.29 -11.32 7.30
N SER A 15 -13.22 -12.20 7.62
CA SER A 15 -14.61 -12.03 7.19
C SER A 15 -15.10 -10.62 7.48
N HIS A 16 -14.63 -10.04 8.59
CA HIS A 16 -15.01 -8.70 8.98
C HIS A 16 -14.25 -7.66 8.17
N CYS A 17 -12.95 -7.55 8.41
CA CYS A 17 -12.10 -6.60 7.71
C CYS A 17 -12.40 -6.60 6.22
N VAL A 18 -12.35 -7.79 5.61
CA VAL A 18 -12.61 -7.93 4.18
C VAL A 18 -13.85 -7.13 3.78
N ASN A 19 -14.84 -7.09 4.66
CA ASN A 19 -16.07 -6.37 4.40
C ASN A 19 -16.23 -5.17 5.33
N CYS A 20 -15.10 -4.51 5.61
CA CYS A 20 -15.11 -3.35 6.49
C CYS A 20 -14.46 -2.14 5.82
N VAL A 21 -15.28 -1.27 5.25
CA VAL A 21 -14.80 -0.08 4.57
C VAL A 21 -14.88 1.15 5.48
N SER A 22 -14.79 0.91 6.79
CA SER A 22 -14.86 1.99 7.76
C SER A 22 -13.48 2.32 8.31
N ARG A 23 -13.31 3.55 8.77
CA ARG A 23 -12.03 3.99 9.31
C ARG A 23 -12.05 3.97 10.84
N ARG A 24 -13.04 4.62 11.43
CA ARG A 24 -13.17 4.67 12.88
C ARG A 24 -13.89 3.44 13.41
N CYS A 25 -13.69 2.32 12.73
CA CYS A 25 -14.32 1.05 13.13
C CYS A 25 -13.82 0.62 14.50
N MET A 26 -14.75 0.19 15.36
CA MET A 26 -14.41 -0.26 16.69
C MET A 26 -15.01 -1.63 16.97
N THR A 27 -14.66 -2.60 16.13
CA THR A 27 -15.16 -3.97 16.29
C THR A 27 -14.15 -4.84 17.03
N ARG A 28 -14.63 -5.58 18.02
CA ARG A 28 -13.77 -6.46 18.81
C ARG A 28 -12.92 -7.33 17.90
N PRO A 29 -11.59 -7.19 18.04
CA PRO A 29 -10.62 -7.95 17.25
C PRO A 29 -10.61 -9.43 17.61
N GLU A 30 -11.15 -10.27 16.73
CA GLU A 30 -11.20 -11.71 16.96
C GLU A 30 -10.06 -12.41 16.23
N PRO A 31 -9.77 -13.66 16.64
CA PRO A 31 -8.71 -14.47 16.03
C PRO A 31 -9.07 -14.91 14.62
N GLY A 32 -10.17 -14.40 14.09
CA GLY A 32 -10.59 -14.75 12.76
C GLY A 32 -11.53 -13.73 12.15
N ILE A 33 -12.67 -13.52 12.82
CA ILE A 33 -13.66 -12.55 12.34
C ILE A 33 -13.01 -11.24 11.95
N SER A 34 -12.49 -10.52 12.94
CA SER A 34 -11.83 -9.24 12.69
C SER A 34 -10.57 -9.11 13.52
N CYS A 35 -9.72 -8.15 13.16
CA CYS A 35 -8.47 -7.91 13.87
C CYS A 35 -8.36 -6.46 14.32
N ASP A 36 -7.31 -6.16 15.07
CA ASP A 36 -7.09 -4.81 15.57
C ASP A 36 -6.87 -3.82 14.42
N LEU A 37 -7.09 -2.55 14.70
CA LEU A 37 -6.92 -1.51 13.68
C LEU A 37 -5.62 -0.73 13.91
N ILE A 38 -4.97 -0.34 12.82
CA ILE A 38 -3.72 0.41 12.90
C ILE A 38 -3.64 1.46 11.79
N GLY A 39 -3.16 2.64 12.15
CA GLY A 39 -3.04 3.71 11.17
C GLY A 39 -1.91 3.47 10.19
N CYS A 40 -2.08 3.96 8.97
CA CYS A 40 -1.07 3.79 7.93
C CYS A 40 0.29 4.28 8.41
N PRO A 41 1.33 3.47 8.16
CA PRO A 41 2.71 3.81 8.57
C PRO A 41 3.28 4.97 7.76
N LEU A 42 2.53 5.41 6.77
CA LEU A 42 2.98 6.52 5.91
C LEU A 42 2.19 7.79 6.23
N VAL A 43 1.49 7.78 7.36
CA VAL A 43 0.70 8.93 7.78
C VAL A 43 -0.11 9.49 6.62
N CYS A 44 -0.59 8.62 5.76
CA CYS A 44 -1.39 9.03 4.60
C CYS A 44 -2.73 9.60 5.05
N GLY A 45 -3.16 9.23 6.24
CA GLY A 45 -4.43 9.73 6.76
C GLY A 45 -5.57 8.76 6.53
N ALA A 46 -5.41 7.53 7.00
CA ALA A 46 -6.44 6.50 6.84
C ALA A 46 -6.23 5.36 7.83
N VAL A 47 -7.31 4.93 8.46
CA VAL A 47 -7.26 3.84 9.44
C VAL A 47 -7.83 2.56 8.85
N PHE A 48 -6.99 1.53 8.74
CA PHE A 48 -7.41 0.25 8.20
C PHE A 48 -6.90 -0.90 9.07
N HIS A 49 -7.66 -1.99 9.11
CA HIS A 49 -7.29 -3.16 9.90
C HIS A 49 -5.85 -3.59 9.58
N SER A 50 -5.08 -3.85 10.64
CA SER A 50 -3.70 -4.26 10.49
C SER A 50 -3.52 -5.13 9.25
N CYS A 51 -4.41 -6.09 9.07
CA CYS A 51 -4.36 -6.99 7.94
C CYS A 51 -4.57 -6.23 6.63
N LYS A 52 -5.59 -5.37 6.61
CA LYS A 52 -5.89 -4.57 5.43
C LYS A 52 -4.74 -3.63 5.09
N ALA A 53 -3.79 -3.52 6.01
CA ALA A 53 -2.64 -2.66 5.80
C ALA A 53 -1.75 -3.16 4.67
N ASP A 54 -1.96 -4.42 4.29
CA ASP A 54 -1.18 -5.03 3.22
C ASP A 54 -1.81 -4.75 1.86
N GLU A 55 -3.14 -4.62 1.85
CA GLU A 55 -3.86 -4.35 0.62
C GLU A 55 -4.08 -2.85 0.43
N HIS A 56 -4.21 -2.13 1.54
CA HIS A 56 -4.42 -0.70 1.50
C HIS A 56 -3.24 0.01 0.84
N ARG A 57 -2.03 -0.42 1.18
CA ARG A 57 -0.82 0.17 0.63
C ARG A 57 -0.92 0.28 -0.89
N LEU A 58 -1.69 -0.63 -1.50
CA LEU A 58 -1.87 -0.64 -2.95
C LEU A 58 -2.49 0.66 -3.43
N LEU A 59 -3.55 1.10 -2.76
CA LEU A 59 -4.23 2.34 -3.11
C LEU A 59 -3.56 3.54 -2.46
N CYS A 60 -3.16 3.38 -1.21
CA CYS A 60 -2.49 4.46 -0.48
C CYS A 60 -1.66 5.32 -1.41
N PRO A 61 -1.98 6.62 -1.48
CA PRO A 61 -1.26 7.57 -2.34
C PRO A 61 0.15 7.85 -1.84
N PHE A 62 0.41 7.47 -0.59
CA PHE A 62 1.72 7.68 0.01
C PHE A 62 2.66 6.52 -0.29
N GLU A 63 2.08 5.36 -0.59
CA GLU A 63 2.86 4.18 -0.89
C GLU A 63 3.86 4.45 -2.02
N ARG A 64 5.11 4.06 -1.81
CA ARG A 64 6.15 4.26 -2.80
C ARG A 64 5.80 3.58 -4.11
N VAL A 65 5.69 4.37 -5.18
CA VAL A 65 5.37 3.84 -6.49
C VAL A 65 6.29 4.41 -7.56
N PRO A 66 6.57 3.60 -8.59
CA PRO A 66 7.45 4.00 -9.70
C PRO A 66 6.80 5.06 -10.59
N CYS A 67 7.63 5.93 -11.16
CA CYS A 67 7.14 6.99 -12.03
C CYS A 67 6.19 6.43 -13.09
N LEU A 68 5.04 7.08 -13.23
CA LEU A 68 4.04 6.65 -14.21
C LEU A 68 4.71 6.09 -15.46
N ASN A 69 5.65 6.85 -16.02
CA ASN A 69 6.36 6.43 -17.21
C ASN A 69 7.55 5.55 -16.85
N SER A 70 7.34 4.62 -15.93
CA SER A 70 8.39 3.71 -15.49
C SER A 70 8.81 2.78 -16.63
N ASP A 71 7.83 2.27 -17.36
CA ASP A 71 8.10 1.38 -18.48
C ASP A 71 9.24 1.90 -19.34
N PHE A 72 9.21 3.21 -19.60
CA PHE A 72 10.24 3.84 -20.42
C PHE A 72 11.63 3.60 -19.83
N GLY A 73 11.71 3.57 -18.50
CA GLY A 73 12.97 3.35 -17.84
C GLY A 73 13.29 4.45 -16.84
N CYS A 74 12.28 4.92 -16.14
CA CYS A 74 12.45 5.97 -15.15
C CYS A 74 12.65 5.38 -13.75
N PRO A 75 13.89 5.50 -13.23
CA PRO A 75 14.24 4.98 -11.91
C PRO A 75 13.58 5.78 -10.79
N PHE A 76 13.06 6.96 -11.12
CA PHE A 76 12.40 7.81 -10.14
C PHE A 76 11.25 7.07 -9.46
N THR A 77 11.28 7.04 -8.13
CA THR A 77 10.24 6.37 -7.35
C THR A 77 9.78 7.23 -6.19
N MET A 78 8.47 7.43 -6.09
CA MET A 78 7.91 8.24 -5.02
C MET A 78 6.43 7.92 -4.82
N ALA A 79 5.79 8.62 -3.88
CA ALA A 79 4.37 8.41 -3.61
C ALA A 79 3.52 8.86 -4.79
N ARG A 80 2.36 8.22 -4.95
CA ARG A 80 1.45 8.55 -6.05
C ARG A 80 1.04 10.01 -6.00
N ASN A 81 0.86 10.53 -4.78
CA ASN A 81 0.47 11.92 -4.61
C ASN A 81 1.68 12.85 -4.72
N LYS A 82 2.80 12.28 -5.14
CA LYS A 82 4.03 13.05 -5.30
C LYS A 82 4.57 12.93 -6.73
N VAL A 83 4.24 11.84 -7.39
CA VAL A 83 4.68 11.60 -8.75
C VAL A 83 4.54 12.87 -9.60
N ALA A 84 3.39 13.52 -9.49
CA ALA A 84 3.14 14.74 -10.24
C ALA A 84 4.36 15.65 -10.26
N GLU A 85 4.73 16.18 -9.09
CA GLU A 85 5.87 17.06 -8.97
C GLU A 85 7.03 16.56 -9.85
N HIS A 86 7.35 15.28 -9.72
CA HIS A 86 8.43 14.68 -10.51
C HIS A 86 8.14 14.77 -12.00
N LEU A 87 6.94 14.37 -12.38
CA LEU A 87 6.54 14.40 -13.78
C LEU A 87 6.88 15.74 -14.42
N GLU A 88 6.74 16.81 -13.64
CA GLU A 88 7.04 18.15 -14.12
C GLU A 88 8.47 18.23 -14.65
N MET A 89 9.37 17.51 -14.00
CA MET A 89 10.78 17.50 -14.41
C MET A 89 11.20 16.11 -14.85
N CYS A 90 10.23 15.27 -15.19
CA CYS A 90 10.50 13.91 -15.64
C CYS A 90 10.87 13.89 -17.11
N PRO A 91 11.99 13.22 -17.44
CA PRO A 91 12.47 13.11 -18.82
C PRO A 91 11.58 12.22 -19.67
N ALA A 92 11.27 11.03 -19.16
CA ALA A 92 10.43 10.09 -19.88
C ALA A 92 9.07 10.71 -20.21
N SER A 93 8.72 11.76 -19.48
CA SER A 93 7.44 12.43 -19.70
C SER A 93 7.60 13.60 -20.68
N VAL A 94 8.38 13.36 -21.74
CA VAL A 94 8.62 14.38 -22.75
C VAL A 94 7.39 15.28 -22.93
N SER A 95 6.21 14.65 -22.94
CA SER A 95 4.96 15.39 -23.11
C SER A 95 3.77 14.50 -22.80
N GLY A 96 2.81 15.05 -22.05
CA GLY A 96 1.63 14.28 -21.69
C GLY A 96 0.69 15.06 -20.79
N PRO A 97 0.08 14.36 -19.82
CA PRO A 97 -0.86 14.96 -18.86
C PRO A 97 -0.15 15.88 -17.88
N SER A 98 1.16 16.02 -18.03
CA SER A 98 1.95 16.88 -17.15
C SER A 98 1.32 18.25 -17.01
N SER A 99 0.52 18.43 -15.97
CA SER A 99 -0.15 19.70 -15.73
C SER A 99 -0.84 19.71 -14.37
N GLY A 100 -0.80 20.85 -13.69
CA GLY A 100 -1.41 20.96 -12.38
C GLY A 100 -1.41 22.39 -11.87
N GLY A 1 27.21 -30.12 11.34
CA GLY A 1 26.06 -29.28 11.05
C GLY A 1 26.45 -27.89 10.60
N SER A 2 25.87 -27.45 9.49
CA SER A 2 26.15 -26.13 8.95
C SER A 2 24.92 -25.24 9.01
N SER A 3 23.86 -25.66 8.34
CA SER A 3 22.61 -24.89 8.30
C SER A 3 21.51 -25.68 7.60
N GLY A 4 20.26 -25.34 7.91
CA GLY A 4 19.13 -26.02 7.30
C GLY A 4 17.81 -25.60 7.91
N SER A 5 17.15 -24.64 7.27
CA SER A 5 15.87 -24.15 7.76
C SER A 5 15.05 -23.56 6.61
N SER A 6 13.73 -23.59 6.76
CA SER A 6 12.83 -23.06 5.74
C SER A 6 11.39 -23.03 6.24
N GLY A 7 10.73 -21.90 6.04
CA GLY A 7 9.35 -21.77 6.48
C GLY A 7 8.60 -20.68 5.73
N MET A 8 7.54 -21.06 5.03
CA MET A 8 6.74 -20.11 4.26
C MET A 8 5.25 -20.34 4.50
N GLU A 9 4.57 -19.32 5.00
CA GLU A 9 3.14 -19.42 5.26
C GLU A 9 2.45 -18.07 5.04
N GLU A 10 1.19 -18.11 4.62
CA GLU A 10 0.43 -16.90 4.37
C GLU A 10 -0.80 -16.83 5.28
N GLU A 11 -1.01 -15.68 5.90
CA GLU A 11 -2.14 -15.48 6.79
C GLU A 11 -3.45 -15.41 6.01
N LEU A 12 -4.57 -15.60 6.70
CA LEU A 12 -5.88 -15.55 6.08
C LEU A 12 -6.55 -14.21 6.32
N GLN A 13 -7.66 -13.97 5.62
CA GLN A 13 -8.40 -12.72 5.76
C GLN A 13 -9.37 -12.80 6.94
N HIS A 14 -10.11 -11.71 7.15
CA HIS A 14 -11.07 -11.66 8.25
C HIS A 14 -12.47 -11.35 7.71
N SER A 15 -13.43 -12.22 8.04
CA SER A 15 -14.81 -12.05 7.59
C SER A 15 -15.25 -10.60 7.77
N HIS A 16 -14.82 -9.98 8.86
CA HIS A 16 -15.18 -8.60 9.15
C HIS A 16 -14.36 -7.63 8.29
N CYS A 17 -13.06 -7.56 8.58
CA CYS A 17 -12.17 -6.67 7.83
C CYS A 17 -12.48 -6.72 6.34
N VAL A 18 -12.43 -7.92 5.77
CA VAL A 18 -12.72 -8.10 4.35
C VAL A 18 -13.92 -7.27 3.91
N ASN A 19 -14.90 -7.15 4.79
CA ASN A 19 -16.10 -6.37 4.50
C ASN A 19 -16.21 -5.17 5.43
N CYS A 20 -15.08 -4.53 5.68
CA CYS A 20 -15.05 -3.35 6.56
C CYS A 20 -14.42 -2.16 5.84
N VAL A 21 -15.20 -1.09 5.69
CA VAL A 21 -14.72 0.11 5.02
C VAL A 21 -14.55 1.25 6.02
N SER A 22 -15.49 1.36 6.94
CA SER A 22 -15.45 2.41 7.95
C SER A 22 -14.05 2.56 8.53
N ARG A 23 -13.51 3.79 8.47
CA ARG A 23 -12.18 4.06 8.98
C ARG A 23 -12.16 4.04 10.51
N ARG A 24 -13.10 4.77 11.11
CA ARG A 24 -13.19 4.84 12.57
C ARG A 24 -13.93 3.62 13.12
N CYS A 25 -13.61 2.45 12.57
CA CYS A 25 -14.24 1.21 13.02
C CYS A 25 -13.74 0.80 14.40
N MET A 26 -14.67 0.58 15.31
CA MET A 26 -14.32 0.19 16.68
C MET A 26 -15.03 -1.11 17.06
N THR A 27 -14.77 -2.17 16.31
CA THR A 27 -15.38 -3.47 16.58
C THR A 27 -14.41 -4.40 17.31
N ARG A 28 -14.94 -5.15 18.27
CA ARG A 28 -14.12 -6.07 19.04
C ARG A 28 -13.32 -6.98 18.12
N PRO A 29 -11.98 -6.85 18.19
CA PRO A 29 -11.07 -7.66 17.37
C PRO A 29 -11.05 -9.13 17.79
N GLU A 30 -11.66 -9.98 16.98
CA GLU A 30 -11.72 -11.41 17.28
C GLU A 30 -10.59 -12.15 16.57
N PRO A 31 -10.31 -13.38 17.04
CA PRO A 31 -9.25 -14.22 16.47
C PRO A 31 -9.59 -14.72 15.06
N GLY A 32 -10.69 -14.20 14.51
CA GLY A 32 -11.10 -14.61 13.19
C GLY A 32 -12.01 -13.58 12.53
N ILE A 33 -13.14 -13.30 13.17
CA ILE A 33 -14.10 -12.33 12.65
C ILE A 33 -13.41 -11.05 12.23
N SER A 34 -12.94 -10.28 13.21
CA SER A 34 -12.26 -9.02 12.95
C SER A 34 -10.99 -8.91 13.79
N CYS A 35 -10.14 -7.95 13.42
CA CYS A 35 -8.88 -7.74 14.14
C CYS A 35 -8.71 -6.26 14.50
N ASP A 36 -7.67 -5.96 15.26
CA ASP A 36 -7.39 -4.59 15.66
C ASP A 36 -7.13 -3.71 14.46
N LEU A 37 -7.20 -2.40 14.67
CA LEU A 37 -6.98 -1.43 13.58
C LEU A 37 -5.70 -0.63 13.82
N ILE A 38 -4.99 -0.34 12.74
CA ILE A 38 -3.76 0.42 12.82
C ILE A 38 -3.69 1.50 11.74
N GLY A 39 -3.05 2.62 12.07
CA GLY A 39 -2.92 3.70 11.10
C GLY A 39 -1.79 3.48 10.12
N CYS A 40 -2.00 3.89 8.88
CA CYS A 40 -0.98 3.73 7.84
C CYS A 40 0.38 4.23 8.32
N PRO A 41 1.42 3.42 8.07
CA PRO A 41 2.79 3.76 8.49
C PRO A 41 3.37 4.93 7.67
N LEU A 42 2.59 5.40 6.70
CA LEU A 42 3.02 6.51 5.86
C LEU A 42 2.14 7.74 6.08
N VAL A 43 1.42 7.75 7.20
CA VAL A 43 0.54 8.86 7.54
C VAL A 43 -0.25 9.32 6.32
N CYS A 44 -0.64 8.37 5.48
CA CYS A 44 -1.40 8.68 4.27
C CYS A 44 -2.78 9.22 4.63
N GLY A 45 -3.23 8.94 5.86
CA GLY A 45 -4.52 9.41 6.30
C GLY A 45 -5.63 8.40 6.04
N ALA A 46 -5.37 7.15 6.38
CA ALA A 46 -6.35 6.08 6.19
C ALA A 46 -6.20 4.99 7.25
N VAL A 47 -7.26 4.76 8.01
CA VAL A 47 -7.26 3.75 9.04
C VAL A 47 -7.80 2.42 8.53
N PHE A 48 -6.95 1.40 8.53
CA PHE A 48 -7.35 0.08 8.06
C PHE A 48 -6.86 -1.01 9.02
N HIS A 49 -7.52 -2.17 8.97
CA HIS A 49 -7.15 -3.28 9.83
C HIS A 49 -5.74 -3.76 9.54
N SER A 50 -4.93 -3.87 10.59
CA SER A 50 -3.55 -4.32 10.44
C SER A 50 -3.41 -5.33 9.31
N CYS A 51 -4.34 -6.29 9.27
CA CYS A 51 -4.33 -7.31 8.24
C CYS A 51 -4.59 -6.71 6.86
N LYS A 52 -5.60 -5.86 6.78
CA LYS A 52 -5.95 -5.21 5.52
C LYS A 52 -4.79 -4.35 5.01
N ALA A 53 -3.99 -3.85 5.93
CA ALA A 53 -2.84 -3.02 5.58
C ALA A 53 -2.06 -3.63 4.42
N ASP A 54 -1.63 -4.86 4.59
CA ASP A 54 -0.87 -5.56 3.56
C ASP A 54 -1.50 -5.36 2.19
N GLU A 55 -2.82 -5.18 2.19
CA GLU A 55 -3.55 -4.98 0.94
C GLU A 55 -3.72 -3.50 0.63
N HIS A 56 -3.89 -2.71 1.68
CA HIS A 56 -4.06 -1.26 1.52
C HIS A 56 -2.76 -0.61 1.05
N ARG A 57 -1.66 -1.32 1.21
CA ARG A 57 -0.36 -0.82 0.81
C ARG A 57 -0.18 -0.92 -0.71
N LEU A 58 -1.12 -1.59 -1.37
CA LEU A 58 -1.06 -1.75 -2.81
C LEU A 58 -1.69 -0.56 -3.52
N LEU A 59 -2.68 0.06 -2.88
CA LEU A 59 -3.36 1.21 -3.44
C LEU A 59 -2.86 2.51 -2.81
N CYS A 60 -2.55 2.45 -1.52
CA CYS A 60 -2.06 3.61 -0.80
C CYS A 60 -1.21 4.49 -1.70
N PRO A 61 -1.50 5.81 -1.68
CA PRO A 61 -0.78 6.79 -2.49
C PRO A 61 0.66 7.00 -2.01
N PHE A 62 0.81 7.26 -0.71
CA PHE A 62 2.12 7.47 -0.13
C PHE A 62 3.10 6.38 -0.57
N GLU A 63 2.62 5.15 -0.62
CA GLU A 63 3.45 4.02 -1.03
C GLU A 63 4.39 4.41 -2.16
N ARG A 64 5.63 3.95 -2.08
CA ARG A 64 6.63 4.25 -3.09
C ARG A 64 6.29 3.57 -4.41
N VAL A 65 5.94 4.37 -5.42
CA VAL A 65 5.58 3.85 -6.73
C VAL A 65 6.49 4.42 -7.81
N PRO A 66 6.77 3.60 -8.85
CA PRO A 66 7.63 4.00 -9.96
C PRO A 66 6.97 5.06 -10.84
N CYS A 67 7.78 5.95 -11.38
CA CYS A 67 7.29 7.02 -12.25
C CYS A 67 6.18 6.49 -13.18
N LEU A 68 5.12 7.28 -13.31
CA LEU A 68 3.99 6.90 -14.16
C LEU A 68 4.48 6.44 -15.53
N ASN A 69 5.56 7.06 -16.01
CA ASN A 69 6.13 6.73 -17.31
C ASN A 69 7.25 5.70 -17.17
N SER A 70 7.11 4.82 -16.18
CA SER A 70 8.11 3.79 -15.93
C SER A 70 8.54 3.12 -17.24
N ASP A 71 7.55 2.76 -18.05
CA ASP A 71 7.81 2.11 -19.33
C ASP A 71 9.05 2.71 -20.00
N PHE A 72 9.08 4.03 -20.11
CA PHE A 72 10.20 4.72 -20.72
C PHE A 72 11.52 4.30 -20.09
N GLY A 73 11.52 4.19 -18.76
CA GLY A 73 12.73 3.80 -18.05
C GLY A 73 13.17 4.83 -17.05
N CYS A 74 12.20 5.39 -16.32
CA CYS A 74 12.49 6.40 -15.31
C CYS A 74 12.80 5.76 -13.96
N PRO A 75 14.07 5.82 -13.55
CA PRO A 75 14.53 5.25 -12.28
C PRO A 75 13.99 6.01 -11.07
N PHE A 76 13.36 7.16 -11.33
CA PHE A 76 12.80 7.98 -10.26
C PHE A 76 11.63 7.28 -9.60
N THR A 77 11.64 7.24 -8.28
CA THR A 77 10.57 6.60 -7.52
C THR A 77 10.09 7.48 -6.38
N MET A 78 8.77 7.62 -6.25
CA MET A 78 8.18 8.43 -5.20
C MET A 78 6.71 8.08 -5.01
N ALA A 79 6.10 8.67 -3.98
CA ALA A 79 4.69 8.43 -3.68
C ALA A 79 3.80 8.87 -4.83
N ARG A 80 2.71 8.15 -5.03
CA ARG A 80 1.77 8.46 -6.10
C ARG A 80 1.27 9.91 -5.98
N ASN A 81 0.95 10.31 -4.76
CA ASN A 81 0.45 11.66 -4.51
C ASN A 81 1.61 12.67 -4.52
N LYS A 82 2.79 12.20 -4.91
CA LYS A 82 3.97 13.05 -4.96
C LYS A 82 4.55 13.09 -6.38
N VAL A 83 4.29 12.03 -7.13
CA VAL A 83 4.78 11.93 -8.51
C VAL A 83 4.40 13.17 -9.32
N ALA A 84 3.14 13.57 -9.20
CA ALA A 84 2.64 14.74 -9.91
C ALA A 84 3.72 15.81 -10.03
N GLU A 85 4.39 16.10 -8.92
CA GLU A 85 5.44 17.11 -8.90
C GLU A 85 6.63 16.68 -9.75
N HIS A 86 7.08 15.44 -9.54
CA HIS A 86 8.22 14.90 -10.29
C HIS A 86 7.95 14.96 -11.79
N LEU A 87 6.70 14.73 -12.17
CA LEU A 87 6.30 14.74 -13.58
C LEU A 87 6.65 16.08 -14.22
N GLU A 88 6.55 17.16 -13.44
CA GLU A 88 6.85 18.50 -13.92
C GLU A 88 8.32 18.62 -14.31
N MET A 89 9.18 17.96 -13.52
CA MET A 89 10.61 17.99 -13.79
C MET A 89 11.12 16.64 -14.26
N CYS A 90 10.20 15.82 -14.76
CA CYS A 90 10.55 14.48 -15.25
C CYS A 90 10.81 14.52 -16.75
N PRO A 91 11.90 13.85 -17.17
CA PRO A 91 12.29 13.78 -18.58
C PRO A 91 11.33 12.92 -19.41
N ALA A 92 11.01 11.74 -18.90
CA ALA A 92 10.10 10.83 -19.58
C ALA A 92 8.77 11.50 -19.88
N SER A 93 8.43 12.51 -19.07
CA SER A 93 7.17 13.23 -19.24
C SER A 93 7.32 14.33 -20.30
N VAL A 94 8.07 14.02 -21.35
CA VAL A 94 8.29 14.98 -22.43
C VAL A 94 7.01 15.71 -22.80
N SER A 95 5.90 14.97 -22.81
CA SER A 95 4.60 15.55 -23.14
C SER A 95 4.20 16.61 -22.13
N GLY A 96 4.00 17.84 -22.61
CA GLY A 96 3.62 18.93 -21.73
C GLY A 96 4.01 20.27 -22.29
N PRO A 97 3.90 21.32 -21.44
CA PRO A 97 4.25 22.69 -21.84
C PRO A 97 5.75 22.88 -22.03
N SER A 98 6.13 24.02 -22.59
CA SER A 98 7.53 24.32 -22.83
C SER A 98 8.35 24.16 -21.55
N SER A 99 8.88 22.97 -21.34
CA SER A 99 9.68 22.69 -20.15
C SER A 99 10.79 23.72 -19.98
N GLY A 100 11.48 24.03 -21.07
CA GLY A 100 12.55 25.00 -21.03
C GLY A 100 13.31 24.96 -19.71
#